data_6GGN
# 
_entry.id   6GGN 
# 
_audit_conform.dict_name       mmcif_pdbx.dic 
_audit_conform.dict_version    5.383 
_audit_conform.dict_location   http://mmcif.pdb.org/dictionaries/ascii/mmcif_pdbx.dic 
# 
loop_
_database_2.database_id 
_database_2.database_code 
_database_2.pdbx_database_accession 
_database_2.pdbx_DOI 
PDB   6GGN         pdb_00006ggn 10.2210/pdb6ggn/pdb 
WWPDB D_1200009910 ?            ?                   
# 
loop_
_pdbx_audit_revision_history.ordinal 
_pdbx_audit_revision_history.data_content_type 
_pdbx_audit_revision_history.major_revision 
_pdbx_audit_revision_history.minor_revision 
_pdbx_audit_revision_history.revision_date 
1 'Structure model' 1 0 2018-09-26 
2 'Structure model' 1 1 2018-10-24 
3 'Structure model' 1 2 2024-01-17 
# 
_pdbx_audit_revision_details.ordinal             1 
_pdbx_audit_revision_details.revision_ordinal    1 
_pdbx_audit_revision_details.data_content_type   'Structure model' 
_pdbx_audit_revision_details.provider            repository 
_pdbx_audit_revision_details.type                'Initial release' 
_pdbx_audit_revision_details.description         ? 
_pdbx_audit_revision_details.details             ? 
# 
loop_
_pdbx_audit_revision_group.ordinal 
_pdbx_audit_revision_group.revision_ordinal 
_pdbx_audit_revision_group.data_content_type 
_pdbx_audit_revision_group.group 
1 2 'Structure model' 'Data collection'        
2 2 'Structure model' 'Database references'    
3 3 'Structure model' 'Data collection'        
4 3 'Structure model' 'Database references'    
5 3 'Structure model' 'Refinement description' 
# 
loop_
_pdbx_audit_revision_category.ordinal 
_pdbx_audit_revision_category.revision_ordinal 
_pdbx_audit_revision_category.data_content_type 
_pdbx_audit_revision_category.category 
1 2 'Structure model' citation                      
2 3 'Structure model' chem_comp_atom                
3 3 'Structure model' chem_comp_bond                
4 3 'Structure model' database_2                    
5 3 'Structure model' pdbx_initial_refinement_model 
# 
loop_
_pdbx_audit_revision_item.ordinal 
_pdbx_audit_revision_item.revision_ordinal 
_pdbx_audit_revision_item.data_content_type 
_pdbx_audit_revision_item.item 
1 2 'Structure model' '_citation.journal_volume'            
2 2 'Structure model' '_citation.page_first'                
3 2 'Structure model' '_citation.page_last'                 
4 3 'Structure model' '_database_2.pdbx_DOI'                
5 3 'Structure model' '_database_2.pdbx_database_accession' 
# 
_pdbx_database_status.status_code                     REL 
_pdbx_database_status.status_code_sf                  REL 
_pdbx_database_status.status_code_mr                  ? 
_pdbx_database_status.entry_id                        6GGN 
_pdbx_database_status.recvd_initial_deposition_date   2018-05-03 
_pdbx_database_status.SG_entry                        N 
_pdbx_database_status.deposit_site                    PDBE 
_pdbx_database_status.process_site                    PDBE 
_pdbx_database_status.status_code_cs                  ? 
_pdbx_database_status.methods_development_category    ? 
_pdbx_database_status.pdb_format_compatible           Y 
_pdbx_database_status.status_code_nmr_data            ? 
# 
_audit_author.name               'Kallen, J.' 
_audit_author.pdbx_ordinal       1 
_audit_author.identifier_ORCID   0000-0002-9389-9056 
# 
_citation.abstract                  ? 
_citation.abstract_id_CAS           ? 
_citation.book_id_ISBN              ? 
_citation.book_publisher            ? 
_citation.book_publisher_city       ? 
_citation.book_title                ? 
_citation.coordinate_linkage        ? 
_citation.country                   UK 
_citation.database_id_Medline       ? 
_citation.details                   ? 
_citation.id                        primary 
_citation.journal_abbrev            'Bioorg. Med. Chem. Lett.' 
_citation.journal_id_ASTM           BMCLE8 
_citation.journal_id_CSD            1127 
_citation.journal_id_ISSN           1464-3405 
_citation.journal_full              ? 
_citation.journal_issue             ? 
_citation.journal_volume            28 
_citation.language                  ? 
_citation.page_first                3404 
_citation.page_last                 3408 
_citation.title                     'In vitro and in vivo characterization of a novel, highly potent p53-MDM2 inhibitor.' 
_citation.year                      2018 
_citation.database_id_CSD           ? 
_citation.pdbx_database_id_DOI      10.1016/j.bmcl.2018.08.027 
_citation.pdbx_database_id_PubMed   30217415 
_citation.unpublished_flag          ? 
# 
loop_
_citation_author.citation_id 
_citation_author.name 
_citation_author.ordinal 
_citation_author.identifier_ORCID 
primary 'Vaupel, A.'     1  ? 
primary 'Holzer, P.'     2  ? 
primary 'Ferretti, S.'   3  ? 
primary 'Guagnano, V.'   4  ? 
primary 'Kallen, J.'     5  ? 
primary 'Mah, R.'        6  ? 
primary 'Masuya, K.'     7  ? 
primary 'Ruetz, S.'      8  ? 
primary 'Rynn, C.'       9  ? 
primary 'Schlapbach, A.' 10 ? 
primary 'Stachyra, T.'   11 ? 
primary 'Stutz, S.'      12 ? 
primary 'Todorov, M.'    13 ? 
primary 'Jeay, S.'       14 ? 
primary 'Furet, P.'      15 ? 
# 
loop_
_entity.id 
_entity.type 
_entity.src_method 
_entity.pdbx_description 
_entity.formula_weight 
_entity.pdbx_number_of_molecules 
_entity.pdbx_ec 
_entity.pdbx_mutation 
_entity.pdbx_fragment 
_entity.details 
1 polymer     man 'E3 ubiquitin-protein ligase Mdm2' 11156.052 1  2.3.2.27 ? 'N-terminal domain, p53 binding domain' ? 
2 non-polymer syn 
;(4~{S})-4-(4-chloranyl-2-methyl-phenyl)-5-(5-chloranyl-2-methyl-phenyl)-2-(2,4-dimethoxypyrimidin-5-yl)-3-propan-2-yl-4~{H}-pyrrolo[3,4-d]imidazol-6-one
;
552.452   1  ?        ? ?                                       ? 
3 non-polymer syn 'CHLORIDE ION' 35.453    1  ?        ? ?                                       ? 
4 water       nat water 18.015    52 ?        ? ?                                       ? 
# 
_entity_name_com.entity_id   1 
_entity_name_com.name        
'Double minute 2 protein,Hdm2,Oncoprotein Mdm2,RING-type E3 ubiquitin transferase Mdm2,p53-binding protein Mdm2' 
# 
_entity_poly.entity_id                      1 
_entity_poly.type                           'polypeptide(L)' 
_entity_poly.nstd_linkage                   no 
_entity_poly.nstd_monomer                   no 
_entity_poly.pdbx_seq_one_letter_code       
;GSQIPASEQETLVRPKPLLLKLLKSVGAQKDTYTMKEVLFYLGQYIMTKRLYDEKQQHIVYCSNDLLGDLFGVPSFSVKE
HRKIYTMIYRNLVVVN
;
_entity_poly.pdbx_seq_one_letter_code_can   
;GSQIPASEQETLVRPKPLLLKLLKSVGAQKDTYTMKEVLFYLGQYIMTKRLYDEKQQHIVYCSNDLLGDLFGVPSFSVKE
HRKIYTMIYRNLVVVN
;
_entity_poly.pdbx_strand_id                 A 
_entity_poly.pdbx_target_identifier         ? 
# 
loop_
_pdbx_entity_nonpoly.entity_id 
_pdbx_entity_nonpoly.name 
_pdbx_entity_nonpoly.comp_id 
2 
;(4~{S})-4-(4-chloranyl-2-methyl-phenyl)-5-(5-chloranyl-2-methyl-phenyl)-2-(2,4-dimethoxypyrimidin-5-yl)-3-propan-2-yl-4~{H}-pyrrolo[3,4-d]imidazol-6-one
;
EYH 
3 'CHLORIDE ION' CL  
4 water HOH 
# 
loop_
_entity_poly_seq.entity_id 
_entity_poly_seq.num 
_entity_poly_seq.mon_id 
_entity_poly_seq.hetero 
1 1  GLY n 
1 2  SER n 
1 3  GLN n 
1 4  ILE n 
1 5  PRO n 
1 6  ALA n 
1 7  SER n 
1 8  GLU n 
1 9  GLN n 
1 10 GLU n 
1 11 THR n 
1 12 LEU n 
1 13 VAL n 
1 14 ARG n 
1 15 PRO n 
1 16 LYS n 
1 17 PRO n 
1 18 LEU n 
1 19 LEU n 
1 20 LEU n 
1 21 LYS n 
1 22 LEU n 
1 23 LEU n 
1 24 LYS n 
1 25 SER n 
1 26 VAL n 
1 27 GLY n 
1 28 ALA n 
1 29 GLN n 
1 30 LYS n 
1 31 ASP n 
1 32 THR n 
1 33 TYR n 
1 34 THR n 
1 35 MET n 
1 36 LYS n 
1 37 GLU n 
1 38 VAL n 
1 39 LEU n 
1 40 PHE n 
1 41 TYR n 
1 42 LEU n 
1 43 GLY n 
1 44 GLN n 
1 45 TYR n 
1 46 ILE n 
1 47 MET n 
1 48 THR n 
1 49 LYS n 
1 50 ARG n 
1 51 LEU n 
1 52 TYR n 
1 53 ASP n 
1 54 GLU n 
1 55 LYS n 
1 56 GLN n 
1 57 GLN n 
1 58 HIS n 
1 59 ILE n 
1 60 VAL n 
1 61 TYR n 
1 62 CYS n 
1 63 SER n 
1 64 ASN n 
1 65 ASP n 
1 66 LEU n 
1 67 LEU n 
1 68 GLY n 
1 69 ASP n 
1 70 LEU n 
1 71 PHE n 
1 72 GLY n 
1 73 VAL n 
1 74 PRO n 
1 75 SER n 
1 76 PHE n 
1 77 SER n 
1 78 VAL n 
1 79 LYS n 
1 80 GLU n 
1 81 HIS n 
1 82 ARG n 
1 83 LYS n 
1 84 ILE n 
1 85 TYR n 
1 86 THR n 
1 87 MET n 
1 88 ILE n 
1 89 TYR n 
1 90 ARG n 
1 91 ASN n 
1 92 LEU n 
1 93 VAL n 
1 94 VAL n 
1 95 VAL n 
1 96 ASN n 
# 
_entity_src_gen.entity_id                          1 
_entity_src_gen.pdbx_src_id                        1 
_entity_src_gen.pdbx_alt_source_flag               sample 
_entity_src_gen.pdbx_seq_type                      'Biological sequence' 
_entity_src_gen.pdbx_beg_seq_num                   1 
_entity_src_gen.pdbx_end_seq_num                   96 
_entity_src_gen.gene_src_common_name               Human 
_entity_src_gen.gene_src_genus                     ? 
_entity_src_gen.pdbx_gene_src_gene                 MDM2 
_entity_src_gen.gene_src_species                   ? 
_entity_src_gen.gene_src_strain                    ? 
_entity_src_gen.gene_src_tissue                    ? 
_entity_src_gen.gene_src_tissue_fraction           ? 
_entity_src_gen.gene_src_details                   ? 
_entity_src_gen.pdbx_gene_src_fragment             ? 
_entity_src_gen.pdbx_gene_src_scientific_name      'Homo sapiens' 
_entity_src_gen.pdbx_gene_src_ncbi_taxonomy_id     9606 
_entity_src_gen.pdbx_gene_src_variant              ? 
_entity_src_gen.pdbx_gene_src_cell_line            ? 
_entity_src_gen.pdbx_gene_src_atcc                 ? 
_entity_src_gen.pdbx_gene_src_organ                ? 
_entity_src_gen.pdbx_gene_src_organelle            ? 
_entity_src_gen.pdbx_gene_src_cell                 ? 
_entity_src_gen.pdbx_gene_src_cellular_location    ? 
_entity_src_gen.host_org_common_name               ? 
_entity_src_gen.pdbx_host_org_scientific_name      'Escherichia coli BL21' 
_entity_src_gen.pdbx_host_org_ncbi_taxonomy_id     511693 
_entity_src_gen.host_org_genus                     ? 
_entity_src_gen.pdbx_host_org_gene                 ? 
_entity_src_gen.pdbx_host_org_organ                ? 
_entity_src_gen.host_org_species                   ? 
_entity_src_gen.pdbx_host_org_tissue               ? 
_entity_src_gen.pdbx_host_org_tissue_fraction      ? 
_entity_src_gen.pdbx_host_org_strain               ? 
_entity_src_gen.pdbx_host_org_variant              ? 
_entity_src_gen.pdbx_host_org_cell_line            ? 
_entity_src_gen.pdbx_host_org_atcc                 ? 
_entity_src_gen.pdbx_host_org_culture_collection   ? 
_entity_src_gen.pdbx_host_org_cell                 ? 
_entity_src_gen.pdbx_host_org_organelle            ? 
_entity_src_gen.pdbx_host_org_cellular_location    ? 
_entity_src_gen.pdbx_host_org_vector_type          plasmid 
_entity_src_gen.pdbx_host_org_vector               ? 
_entity_src_gen.host_org_details                   ? 
_entity_src_gen.expression_system_id               ? 
_entity_src_gen.plasmid_name                       ? 
_entity_src_gen.plasmid_details                    ? 
_entity_src_gen.pdbx_description                   ? 
# 
loop_
_chem_comp.id 
_chem_comp.type 
_chem_comp.mon_nstd_flag 
_chem_comp.name 
_chem_comp.pdbx_synonyms 
_chem_comp.formula 
_chem_comp.formula_weight 
ALA 'L-peptide linking' y ALANINE ? 'C3 H7 N O2'        89.093  
ARG 'L-peptide linking' y ARGININE ? 'C6 H15 N4 O2 1'    175.209 
ASN 'L-peptide linking' y ASPARAGINE ? 'C4 H8 N2 O3'       132.118 
ASP 'L-peptide linking' y 'ASPARTIC ACID' ? 'C4 H7 N O4'        133.103 
CL  non-polymer         . 'CHLORIDE ION' ? 'Cl -1'             35.453  
CYS 'L-peptide linking' y CYSTEINE ? 'C3 H7 N O2 S'      121.158 
EYH non-polymer         . 
;(4~{S})-4-(4-chloranyl-2-methyl-phenyl)-5-(5-chloranyl-2-methyl-phenyl)-2-(2,4-dimethoxypyrimidin-5-yl)-3-propan-2-yl-4~{H}-pyrrolo[3,4-d]imidazol-6-one
;
? 'C28 H27 Cl2 N5 O3' 552.452 
GLN 'L-peptide linking' y GLUTAMINE ? 'C5 H10 N2 O3'      146.144 
GLU 'L-peptide linking' y 'GLUTAMIC ACID' ? 'C5 H9 N O4'        147.129 
GLY 'peptide linking'   y GLYCINE ? 'C2 H5 N O2'        75.067  
HIS 'L-peptide linking' y HISTIDINE ? 'C6 H10 N3 O2 1'    156.162 
HOH non-polymer         . WATER ? 'H2 O'              18.015  
ILE 'L-peptide linking' y ISOLEUCINE ? 'C6 H13 N O2'       131.173 
LEU 'L-peptide linking' y LEUCINE ? 'C6 H13 N O2'       131.173 
LYS 'L-peptide linking' y LYSINE ? 'C6 H15 N2 O2 1'    147.195 
MET 'L-peptide linking' y METHIONINE ? 'C5 H11 N O2 S'     149.211 
PHE 'L-peptide linking' y PHENYLALANINE ? 'C9 H11 N O2'       165.189 
PRO 'L-peptide linking' y PROLINE ? 'C5 H9 N O2'        115.130 
SER 'L-peptide linking' y SERINE ? 'C3 H7 N O3'        105.093 
THR 'L-peptide linking' y THREONINE ? 'C4 H9 N O3'        119.119 
TYR 'L-peptide linking' y TYROSINE ? 'C9 H11 N O3'       181.189 
VAL 'L-peptide linking' y VALINE ? 'C5 H11 N O2'       117.146 
# 
loop_
_pdbx_poly_seq_scheme.asym_id 
_pdbx_poly_seq_scheme.entity_id 
_pdbx_poly_seq_scheme.seq_id 
_pdbx_poly_seq_scheme.mon_id 
_pdbx_poly_seq_scheme.ndb_seq_num 
_pdbx_poly_seq_scheme.pdb_seq_num 
_pdbx_poly_seq_scheme.auth_seq_num 
_pdbx_poly_seq_scheme.pdb_mon_id 
_pdbx_poly_seq_scheme.auth_mon_id 
_pdbx_poly_seq_scheme.pdb_strand_id 
_pdbx_poly_seq_scheme.pdb_ins_code 
_pdbx_poly_seq_scheme.hetero 
A 1 1  GLY 1  16  ?   ?   ?   A . n 
A 1 2  SER 2  17  ?   ?   ?   A . n 
A 1 3  GLN 3  18  18  GLN GLN A . n 
A 1 4  ILE 4  19  19  ILE ILE A . n 
A 1 5  PRO 5  20  20  PRO PRO A . n 
A 1 6  ALA 6  21  21  ALA ALA A . n 
A 1 7  SER 7  22  22  SER SER A . n 
A 1 8  GLU 8  23  23  GLU GLU A . n 
A 1 9  GLN 9  24  24  GLN GLN A . n 
A 1 10 GLU 10 25  25  GLU GLU A . n 
A 1 11 THR 11 26  26  THR THR A . n 
A 1 12 LEU 12 27  27  LEU LEU A . n 
A 1 13 VAL 13 28  28  VAL VAL A . n 
A 1 14 ARG 14 29  29  ARG ARG A . n 
A 1 15 PRO 15 30  30  PRO PRO A . n 
A 1 16 LYS 16 31  31  LYS LYS A . n 
A 1 17 PRO 17 32  32  PRO PRO A . n 
A 1 18 LEU 18 33  33  LEU LEU A . n 
A 1 19 LEU 19 34  34  LEU LEU A . n 
A 1 20 LEU 20 35  35  LEU LEU A . n 
A 1 21 LYS 21 36  36  LYS LYS A . n 
A 1 22 LEU 22 37  37  LEU LEU A . n 
A 1 23 LEU 23 38  38  LEU LEU A . n 
A 1 24 LYS 24 39  39  LYS LYS A . n 
A 1 25 SER 25 40  40  SER SER A . n 
A 1 26 VAL 26 41  41  VAL VAL A . n 
A 1 27 GLY 27 42  42  GLY GLY A . n 
A 1 28 ALA 28 43  43  ALA ALA A . n 
A 1 29 GLN 29 44  44  GLN GLN A . n 
A 1 30 LYS 30 45  45  LYS LYS A . n 
A 1 31 ASP 31 46  46  ASP ASP A . n 
A 1 32 THR 32 47  47  THR THR A . n 
A 1 33 TYR 33 48  48  TYR TYR A . n 
A 1 34 THR 34 49  49  THR THR A . n 
A 1 35 MET 35 50  50  MET MET A . n 
A 1 36 LYS 36 51  51  LYS LYS A . n 
A 1 37 GLU 37 52  52  GLU GLU A . n 
A 1 38 VAL 38 53  53  VAL VAL A . n 
A 1 39 LEU 39 54  54  LEU LEU A . n 
A 1 40 PHE 40 55  55  PHE PHE A . n 
A 1 41 TYR 41 56  56  TYR TYR A . n 
A 1 42 LEU 42 57  57  LEU LEU A . n 
A 1 43 GLY 43 58  58  GLY GLY A . n 
A 1 44 GLN 44 59  59  GLN GLN A . n 
A 1 45 TYR 45 60  60  TYR TYR A . n 
A 1 46 ILE 46 61  61  ILE ILE A . n 
A 1 47 MET 47 62  62  MET MET A . n 
A 1 48 THR 48 63  63  THR THR A . n 
A 1 49 LYS 49 64  64  LYS LYS A . n 
A 1 50 ARG 50 65  65  ARG ARG A . n 
A 1 51 LEU 51 66  66  LEU LEU A . n 
A 1 52 TYR 52 67  67  TYR TYR A . n 
A 1 53 ASP 53 68  68  ASP ASP A . n 
A 1 54 GLU 54 69  69  GLU GLU A . n 
A 1 55 LYS 55 70  70  LYS LYS A . n 
A 1 56 GLN 56 71  71  GLN GLN A . n 
A 1 57 GLN 57 72  72  GLN GLN A . n 
A 1 58 HIS 58 73  73  HIS HIS A . n 
A 1 59 ILE 59 74  74  ILE ILE A . n 
A 1 60 VAL 60 75  75  VAL VAL A . n 
A 1 61 TYR 61 76  76  TYR TYR A . n 
A 1 62 CYS 62 77  77  CYS CYS A . n 
A 1 63 SER 63 78  78  SER SER A . n 
A 1 64 ASN 64 79  79  ASN ASN A . n 
A 1 65 ASP 65 80  80  ASP ASP A . n 
A 1 66 LEU 66 81  81  LEU LEU A . n 
A 1 67 LEU 67 82  82  LEU LEU A . n 
A 1 68 GLY 68 83  83  GLY GLY A . n 
A 1 69 ASP 69 84  84  ASP ASP A . n 
A 1 70 LEU 70 85  85  LEU LEU A . n 
A 1 71 PHE 71 86  86  PHE PHE A . n 
A 1 72 GLY 72 87  87  GLY GLY A . n 
A 1 73 VAL 73 88  88  VAL VAL A . n 
A 1 74 PRO 74 89  89  PRO PRO A . n 
A 1 75 SER 75 90  90  SER SER A . n 
A 1 76 PHE 76 91  91  PHE PHE A . n 
A 1 77 SER 77 92  92  SER SER A . n 
A 1 78 VAL 78 93  93  VAL VAL A . n 
A 1 79 LYS 79 94  94  LYS LYS A . n 
A 1 80 GLU 80 95  95  GLU GLU A . n 
A 1 81 HIS 81 96  96  HIS HIS A . n 
A 1 82 ARG 82 97  97  ARG ARG A . n 
A 1 83 LYS 83 98  98  LYS LYS A . n 
A 1 84 ILE 84 99  99  ILE ILE A . n 
A 1 85 TYR 85 100 100 TYR TYR A . n 
A 1 86 THR 86 101 101 THR THR A . n 
A 1 87 MET 87 102 102 MET MET A . n 
A 1 88 ILE 88 103 103 ILE ILE A . n 
A 1 89 TYR 89 104 104 TYR TYR A . n 
A 1 90 ARG 90 105 105 ARG ARG A . n 
A 1 91 ASN 91 106 106 ASN ASN A . n 
A 1 92 LEU 92 107 107 LEU LEU A . n 
A 1 93 VAL 93 108 108 VAL VAL A . n 
A 1 94 VAL 94 109 109 VAL VAL A . n 
A 1 95 VAL 95 110 110 VAL VAL A . n 
A 1 96 ASN 96 111 111 ASN ASN A . n 
# 
loop_
_pdbx_nonpoly_scheme.asym_id 
_pdbx_nonpoly_scheme.entity_id 
_pdbx_nonpoly_scheme.mon_id 
_pdbx_nonpoly_scheme.ndb_seq_num 
_pdbx_nonpoly_scheme.pdb_seq_num 
_pdbx_nonpoly_scheme.auth_seq_num 
_pdbx_nonpoly_scheme.pdb_mon_id 
_pdbx_nonpoly_scheme.auth_mon_id 
_pdbx_nonpoly_scheme.pdb_strand_id 
_pdbx_nonpoly_scheme.pdb_ins_code 
B 2 EYH 1  201 1  EYH LI1 A . 
C 3 CL  1  202 1  CL  CL  A . 
D 4 HOH 1  301 16 HOH HOH A . 
D 4 HOH 2  302 15 HOH HOH A . 
D 4 HOH 3  303 9  HOH HOH A . 
D 4 HOH 4  304 17 HOH HOH A . 
D 4 HOH 5  305 13 HOH HOH A . 
D 4 HOH 6  306 14 HOH HOH A . 
D 4 HOH 7  307 29 HOH HOH A . 
D 4 HOH 8  308 41 HOH HOH A . 
D 4 HOH 9  309 27 HOH HOH A . 
D 4 HOH 10 310 5  HOH HOH A . 
D 4 HOH 11 311 52 HOH HOH A . 
D 4 HOH 12 312 19 HOH HOH A . 
D 4 HOH 13 313 36 HOH HOH A . 
D 4 HOH 14 314 23 HOH HOH A . 
D 4 HOH 15 315 1  HOH HOH A . 
D 4 HOH 16 316 34 HOH HOH A . 
D 4 HOH 17 317 32 HOH HOH A . 
D 4 HOH 18 318 39 HOH HOH A . 
D 4 HOH 19 319 6  HOH HOH A . 
D 4 HOH 20 320 2  HOH HOH A . 
D 4 HOH 21 321 7  HOH HOH A . 
D 4 HOH 22 322 38 HOH HOH A . 
D 4 HOH 23 323 3  HOH HOH A . 
D 4 HOH 24 324 8  HOH HOH A . 
D 4 HOH 25 325 46 HOH HOH A . 
D 4 HOH 26 326 21 HOH HOH A . 
D 4 HOH 27 327 26 HOH HOH A . 
D 4 HOH 28 328 12 HOH HOH A . 
D 4 HOH 29 329 50 HOH HOH A . 
D 4 HOH 30 330 33 HOH HOH A . 
D 4 HOH 31 331 31 HOH HOH A . 
D 4 HOH 32 332 51 HOH HOH A . 
D 4 HOH 33 333 4  HOH HOH A . 
D 4 HOH 34 334 43 HOH HOH A . 
D 4 HOH 35 335 22 HOH HOH A . 
D 4 HOH 36 336 25 HOH HOH A . 
D 4 HOH 37 337 24 HOH HOH A . 
D 4 HOH 38 338 11 HOH HOH A . 
D 4 HOH 39 339 48 HOH HOH A . 
D 4 HOH 40 340 18 HOH HOH A . 
D 4 HOH 41 341 49 HOH HOH A . 
D 4 HOH 42 342 45 HOH HOH A . 
D 4 HOH 43 343 10 HOH HOH A . 
D 4 HOH 44 344 42 HOH HOH A . 
D 4 HOH 45 345 28 HOH HOH A . 
D 4 HOH 46 346 40 HOH HOH A . 
D 4 HOH 47 347 44 HOH HOH A . 
D 4 HOH 48 348 30 HOH HOH A . 
D 4 HOH 49 349 37 HOH HOH A . 
D 4 HOH 50 350 35 HOH HOH A . 
D 4 HOH 51 351 20 HOH HOH A . 
D 4 HOH 52 352 47 HOH HOH A . 
# 
loop_
_software.citation_id 
_software.classification 
_software.compiler_name 
_software.compiler_version 
_software.contact_author 
_software.contact_author_email 
_software.date 
_software.description 
_software.dependencies 
_software.hardware 
_software.language 
_software.location 
_software.mods 
_software.name 
_software.os 
_software.os_version 
_software.type 
_software.version 
_software.pdbx_ordinal 
? 'data reduction'  ? ? 'Wolfgang Kabsch'    Wolfgang.Kabsch@mpimf-heidelberg.mpg.de ?              ? ? ? ?          
http://www.mpimf-heidelberg.mpg.de/~kabsch/xds/                             ? XDS         ? ? package .    1 
? 'data scaling'    ? ? 'Wolfgang Kabsch'    ?                                       ?              ? ? ? ?          
http://www.mpimf-heidelberg.mpg.de/~kabsch/xds/html_doc/xscale_program.html ? XSCALE      ? ? package .    2 
? phasing           ? ? 'Randy J. Read'      cimr-phaser@lists.cam.ac.uk             ?              ? ? ? ?          
http://www-structmed.cimr.cam.ac.uk/phaser/                                 ? PHASER      ? ? program .    3 
? refinement        ? ? 'Garib N. Murshudov' garib@ysbl.york.ac.uk                   ?              ? ? ? Fortran_77 
http://www.ccp4.ac.uk/dist/html/refmac5.html                                ? REFMAC      ? ? program .    4 
? 'data extraction' ? ? PDB                  deposit@deposit.rcsb.org                'Sep. 1, 2017' ? ? ? C++        
http://sw-tools.pdb.org/apps/PDB_EXTRACT/                                   ? PDB_EXTRACT ? ? package 3.24 5 
# 
_cell.angle_alpha                  90.000 
_cell.angle_alpha_esd              ? 
_cell.angle_beta                   90.000 
_cell.angle_beta_esd               ? 
_cell.angle_gamma                  120.000 
_cell.angle_gamma_esd              ? 
_cell.entry_id                     6GGN 
_cell.details                      ? 
_cell.formula_units_Z              ? 
_cell.length_a                     56.080 
_cell.length_a_esd                 ? 
_cell.length_b                     56.080 
_cell.length_b_esd                 ? 
_cell.length_c                     106.698 
_cell.length_c_esd                 ? 
_cell.volume                       ? 
_cell.volume_esd                   ? 
_cell.Z_PDB                        12 
_cell.reciprocal_angle_alpha       ? 
_cell.reciprocal_angle_beta        ? 
_cell.reciprocal_angle_gamma       ? 
_cell.reciprocal_angle_alpha_esd   ? 
_cell.reciprocal_angle_beta_esd    ? 
_cell.reciprocal_angle_gamma_esd   ? 
_cell.reciprocal_length_a          ? 
_cell.reciprocal_length_b          ? 
_cell.reciprocal_length_c          ? 
_cell.reciprocal_length_a_esd      ? 
_cell.reciprocal_length_b_esd      ? 
_cell.reciprocal_length_c_esd      ? 
_cell.pdbx_unique_axis             ? 
# 
_symmetry.entry_id                         6GGN 
_symmetry.cell_setting                     ? 
_symmetry.Int_Tables_number                178 
_symmetry.space_group_name_Hall            ? 
_symmetry.space_group_name_H-M             'P 61 2 2' 
_symmetry.pdbx_full_space_group_name_H-M   ? 
# 
_exptl.absorpt_coefficient_mu     ? 
_exptl.absorpt_correction_T_max   ? 
_exptl.absorpt_correction_T_min   ? 
_exptl.absorpt_correction_type    ? 
_exptl.absorpt_process_details    ? 
_exptl.entry_id                   6GGN 
_exptl.crystals_number            1 
_exptl.details                    ? 
_exptl.method                     'X-RAY DIFFRACTION' 
_exptl.method_details             ? 
# 
_exptl_crystal.colour                      ? 
_exptl_crystal.density_diffrn              ? 
_exptl_crystal.density_Matthews            2.17 
_exptl_crystal.density_method              ? 
_exptl_crystal.density_percent_sol         43.34 
_exptl_crystal.description                 ? 
_exptl_crystal.F_000                       ? 
_exptl_crystal.id                          1 
_exptl_crystal.preparation                 ? 
_exptl_crystal.size_max                    ? 
_exptl_crystal.size_mid                    ? 
_exptl_crystal.size_min                    ? 
_exptl_crystal.size_rad                    ? 
_exptl_crystal.colour_lustre               ? 
_exptl_crystal.colour_modifier             ? 
_exptl_crystal.colour_primary              ? 
_exptl_crystal.density_meas                ? 
_exptl_crystal.density_meas_esd            ? 
_exptl_crystal.density_meas_gt             ? 
_exptl_crystal.density_meas_lt             ? 
_exptl_crystal.density_meas_temp           ? 
_exptl_crystal.density_meas_temp_esd       ? 
_exptl_crystal.density_meas_temp_gt        ? 
_exptl_crystal.density_meas_temp_lt        ? 
_exptl_crystal.pdbx_crystal_image_url      ? 
_exptl_crystal.pdbx_crystal_image_format   ? 
_exptl_crystal.pdbx_mosaicity              ? 
_exptl_crystal.pdbx_mosaicity_esd          ? 
# 
_exptl_crystal_grow.apparatus       ? 
_exptl_crystal_grow.atmosphere      ? 
_exptl_crystal_grow.crystal_id      1 
_exptl_crystal_grow.details         ? 
_exptl_crystal_grow.method          'VAPOR DIFFUSION, HANGING DROP' 
_exptl_crystal_grow.method_ref      ? 
_exptl_crystal_grow.pH              5.5 
_exptl_crystal_grow.pressure        ? 
_exptl_crystal_grow.pressure_esd    ? 
_exptl_crystal_grow.seeding         ? 
_exptl_crystal_grow.seeding_ref     ? 
_exptl_crystal_grow.temp            298 
_exptl_crystal_grow.temp_details    ? 
_exptl_crystal_grow.temp_esd        ? 
_exptl_crystal_grow.time            ? 
_exptl_crystal_grow.pdbx_details    '2.5M (NH4)2SO4, 0.1M NaCitrate' 
_exptl_crystal_grow.pdbx_pH_range   ? 
# 
_diffrn.ambient_environment    ? 
_diffrn.ambient_temp           100 
_diffrn.ambient_temp_details   ? 
_diffrn.ambient_temp_esd       ? 
_diffrn.crystal_id             1 
_diffrn.crystal_support        ? 
_diffrn.crystal_treatment      ? 
_diffrn.details                ? 
_diffrn.id                     1 
_diffrn.ambient_pressure       ? 
_diffrn.ambient_pressure_esd   ? 
_diffrn.ambient_pressure_gt    ? 
_diffrn.ambient_pressure_lt    ? 
_diffrn.ambient_temp_gt        ? 
_diffrn.ambient_temp_lt        ? 
# 
_diffrn_detector.details                      ? 
_diffrn_detector.detector                     PIXEL 
_diffrn_detector.diffrn_id                    1 
_diffrn_detector.type                         'PSI PILATUS 6M' 
_diffrn_detector.area_resol_mean              ? 
_diffrn_detector.dtime                        ? 
_diffrn_detector.pdbx_frames_total            ? 
_diffrn_detector.pdbx_collection_time_total   ? 
_diffrn_detector.pdbx_collection_date         2011-03-26 
# 
_diffrn_radiation.collimation                      ? 
_diffrn_radiation.diffrn_id                        1 
_diffrn_radiation.filter_edge                      ? 
_diffrn_radiation.inhomogeneity                    ? 
_diffrn_radiation.monochromator                    'SI 111 channel' 
_diffrn_radiation.polarisn_norm                    ? 
_diffrn_radiation.polarisn_ratio                   ? 
_diffrn_radiation.probe                            ? 
_diffrn_radiation.type                             ? 
_diffrn_radiation.xray_symbol                      ? 
_diffrn_radiation.wavelength_id                    1 
_diffrn_radiation.pdbx_monochromatic_or_laue_m_l   M 
_diffrn_radiation.pdbx_wavelength_list             ? 
_diffrn_radiation.pdbx_wavelength                  ? 
_diffrn_radiation.pdbx_diffrn_protocol             'SINGLE WAVELENGTH' 
_diffrn_radiation.pdbx_analyzer                    ? 
_diffrn_radiation.pdbx_scattering_type             x-ray 
# 
_diffrn_radiation_wavelength.id           1 
_diffrn_radiation_wavelength.wavelength   1.0000 
_diffrn_radiation_wavelength.wt           1.0 
# 
_diffrn_source.current                     ? 
_diffrn_source.details                     ? 
_diffrn_source.diffrn_id                   1 
_diffrn_source.power                       ? 
_diffrn_source.size                        ? 
_diffrn_source.source                      SYNCHROTRON 
_diffrn_source.target                      ? 
_diffrn_source.type                        'SLS BEAMLINE X10SA' 
_diffrn_source.voltage                     ? 
_diffrn_source.take-off_angle              ? 
_diffrn_source.pdbx_wavelength_list        1.0000 
_diffrn_source.pdbx_wavelength             ? 
_diffrn_source.pdbx_synchrotron_beamline   X10SA 
_diffrn_source.pdbx_synchrotron_site       SLS 
# 
_reflns.B_iso_Wilson_estimate            35.800 
_reflns.entry_id                         6GGN 
_reflns.data_reduction_details           ? 
_reflns.data_reduction_method            ? 
_reflns.d_resolution_high                2.000 
_reflns.d_resolution_low                 19.540 
_reflns.details                          ? 
_reflns.limit_h_max                      ? 
_reflns.limit_h_min                      ? 
_reflns.limit_k_max                      ? 
_reflns.limit_k_min                      ? 
_reflns.limit_l_max                      ? 
_reflns.limit_l_min                      ? 
_reflns.number_all                       ? 
_reflns.number_obs                       7181 
_reflns.observed_criterion               ? 
_reflns.observed_criterion_F_max         ? 
_reflns.observed_criterion_F_min         ? 
_reflns.observed_criterion_I_max         ? 
_reflns.observed_criterion_I_min         ? 
_reflns.observed_criterion_sigma_F       ? 
_reflns.observed_criterion_sigma_I       ? 
_reflns.percent_possible_obs             99.500 
_reflns.R_free_details                   ? 
_reflns.Rmerge_F_all                     ? 
_reflns.Rmerge_F_obs                     ? 
_reflns.Friedel_coverage                 ? 
_reflns.number_gt                        ? 
_reflns.threshold_expression             ? 
_reflns.pdbx_redundancy                  17.700 
_reflns.pdbx_Rmerge_I_obs                0.090 
_reflns.pdbx_Rmerge_I_all                ? 
_reflns.pdbx_Rsym_value                  ? 
_reflns.pdbx_netI_over_av_sigmaI         ? 
_reflns.pdbx_netI_over_sigmaI            23.000 
_reflns.pdbx_res_netI_over_av_sigmaI_2   ? 
_reflns.pdbx_res_netI_over_sigmaI_2      ? 
_reflns.pdbx_chi_squared                 ? 
_reflns.pdbx_scaling_rejects             ? 
_reflns.pdbx_d_res_high_opt              ? 
_reflns.pdbx_d_res_low_opt               ? 
_reflns.pdbx_d_res_opt_method            ? 
_reflns.phase_calculation_details        ? 
_reflns.pdbx_Rrim_I_all                  0.093 
_reflns.pdbx_Rpim_I_all                  0.052 
_reflns.pdbx_d_opt                       ? 
_reflns.pdbx_number_measured_all         127042 
_reflns.pdbx_diffrn_id                   1 
_reflns.pdbx_ordinal                     1 
_reflns.pdbx_CC_half                     ? 
_reflns.pdbx_R_split                     ? 
# 
_reflns_shell.d_res_high                  2.000 
_reflns_shell.d_res_low                   2.050 
_reflns_shell.meanI_over_sigI_all         ? 
_reflns_shell.meanI_over_sigI_obs         5.200 
_reflns_shell.number_measured_all         ? 
_reflns_shell.number_measured_obs         ? 
_reflns_shell.number_possible             ? 
_reflns_shell.number_unique_all           ? 
_reflns_shell.number_unique_obs           ? 
_reflns_shell.percent_possible_all        98.200 
_reflns_shell.percent_possible_obs        ? 
_reflns_shell.Rmerge_F_all                ? 
_reflns_shell.Rmerge_F_obs                ? 
_reflns_shell.Rmerge_I_all                ? 
_reflns_shell.Rmerge_I_obs                0.625 
_reflns_shell.meanI_over_sigI_gt          ? 
_reflns_shell.meanI_over_uI_all           ? 
_reflns_shell.meanI_over_uI_gt            ? 
_reflns_shell.number_measured_gt          ? 
_reflns_shell.number_unique_gt            ? 
_reflns_shell.percent_possible_gt         ? 
_reflns_shell.Rmerge_F_gt                 ? 
_reflns_shell.Rmerge_I_gt                 ? 
_reflns_shell.pdbx_redundancy             17.500 
_reflns_shell.pdbx_Rsym_value             ? 
_reflns_shell.pdbx_chi_squared            ? 
_reflns_shell.pdbx_netI_over_sigmaI_all   ? 
_reflns_shell.pdbx_netI_over_sigmaI_obs   ? 
_reflns_shell.pdbx_Rrim_I_all             0.644 
_reflns_shell.pdbx_Rpim_I_all             0.284 
_reflns_shell.pdbx_rejects                ? 
_reflns_shell.pdbx_ordinal                1 
_reflns_shell.pdbx_diffrn_id              1 
_reflns_shell.pdbx_CC_half                ? 
_reflns_shell.pdbx_R_split                ? 
# 
_refine.aniso_B[1][1]                            0.3500 
_refine.aniso_B[1][2]                            0.3500 
_refine.aniso_B[1][3]                            0.0000 
_refine.aniso_B[2][2]                            0.3500 
_refine.aniso_B[2][3]                            0.0000 
_refine.aniso_B[3][3]                            -1.1500 
_refine.B_iso_max                                67.110 
_refine.B_iso_mean                               31.8820 
_refine.B_iso_min                                14.280 
_refine.correlation_coeff_Fo_to_Fc               0.9420 
_refine.correlation_coeff_Fo_to_Fc_free          0.9490 
_refine.details                                  
'HYDROGENS HAVE BEEN USED IF PRESENT IN THE INPUT U VALUES      : REFINED INDIVIDUALLY' 
_refine.diff_density_max                         ? 
_refine.diff_density_max_esd                     ? 
_refine.diff_density_min                         ? 
_refine.diff_density_min_esd                     ? 
_refine.diff_density_rms                         ? 
_refine.diff_density_rms_esd                     ? 
_refine.entry_id                                 6GGN 
_refine.pdbx_refine_id                           'X-RAY DIFFRACTION' 
_refine.ls_abs_structure_details                 ? 
_refine.ls_abs_structure_Flack                   ? 
_refine.ls_abs_structure_Flack_esd               ? 
_refine.ls_abs_structure_Rogers                  ? 
_refine.ls_abs_structure_Rogers_esd              ? 
_refine.ls_d_res_high                            2.0000 
_refine.ls_d_res_low                             19.5400 
_refine.ls_extinction_coef                       ? 
_refine.ls_extinction_coef_esd                   ? 
_refine.ls_extinction_expression                 ? 
_refine.ls_extinction_method                     ? 
_refine.ls_goodness_of_fit_all                   ? 
_refine.ls_goodness_of_fit_all_esd               ? 
_refine.ls_goodness_of_fit_obs                   ? 
_refine.ls_goodness_of_fit_obs_esd               ? 
_refine.ls_hydrogen_treatment                    ? 
_refine.ls_matrix_type                           ? 
_refine.ls_number_constraints                    ? 
_refine.ls_number_parameters                     ? 
_refine.ls_number_reflns_all                     ? 
_refine.ls_number_reflns_obs                     6820 
_refine.ls_number_reflns_R_free                  359 
_refine.ls_number_reflns_R_work                  ? 
_refine.ls_number_restraints                     ? 
_refine.ls_percent_reflns_obs                    99.5000 
_refine.ls_percent_reflns_R_free                 5.0000 
_refine.ls_R_factor_all                          ? 
_refine.ls_R_factor_obs                          0.2218 
_refine.ls_R_factor_R_free                       0.2304 
_refine.ls_R_factor_R_free_error                 ? 
_refine.ls_R_factor_R_free_error_details         ? 
_refine.ls_R_factor_R_work                       0.2214 
_refine.ls_R_Fsqd_factor_obs                     ? 
_refine.ls_R_I_factor_obs                        ? 
_refine.ls_redundancy_reflns_all                 ? 
_refine.ls_redundancy_reflns_obs                 ? 
_refine.ls_restrained_S_all                      ? 
_refine.ls_restrained_S_obs                      ? 
_refine.ls_shift_over_esd_max                    ? 
_refine.ls_shift_over_esd_mean                   ? 
_refine.ls_structure_factor_coef                 ? 
_refine.ls_weighting_details                     ? 
_refine.ls_weighting_scheme                      ? 
_refine.ls_wR_factor_all                         ? 
_refine.ls_wR_factor_obs                         ? 
_refine.ls_wR_factor_R_free                      ? 
_refine.ls_wR_factor_R_work                      ? 
_refine.occupancy_max                            ? 
_refine.occupancy_min                            ? 
_refine.solvent_model_details                    ? 
_refine.solvent_model_param_bsol                 ? 
_refine.solvent_model_param_ksol                 ? 
_refine.ls_R_factor_gt                           ? 
_refine.ls_goodness_of_fit_gt                    ? 
_refine.ls_goodness_of_fit_ref                   ? 
_refine.ls_shift_over_su_max                     ? 
_refine.ls_shift_over_su_max_lt                  ? 
_refine.ls_shift_over_su_mean                    ? 
_refine.ls_shift_over_su_mean_lt                 ? 
_refine.pdbx_ls_sigma_I                          ? 
_refine.pdbx_ls_sigma_F                          0.000 
_refine.pdbx_ls_sigma_Fsqd                       ? 
_refine.pdbx_data_cutoff_high_absF               ? 
_refine.pdbx_data_cutoff_high_rms_absF           ? 
_refine.pdbx_data_cutoff_low_absF                ? 
_refine.pdbx_isotropic_thermal_model             ? 
_refine.pdbx_ls_cross_valid_method               THROUGHOUT 
_refine.pdbx_method_to_determine_struct          'MOLECULAR REPLACEMENT' 
_refine.pdbx_starting_model                      5LN2 
_refine.pdbx_stereochemistry_target_values       ? 
_refine.pdbx_R_Free_selection_details            RANDOM 
_refine.pdbx_stereochem_target_val_spec_case     ? 
_refine.pdbx_overall_ESU_R                       0.2320 
_refine.pdbx_overall_ESU_R_Free                  0.1680 
_refine.pdbx_solvent_vdw_probe_radii             1.2000 
_refine.pdbx_solvent_ion_probe_radii             0.8000 
_refine.pdbx_solvent_shrinkage_radii             0.8000 
_refine.pdbx_real_space_R                        ? 
_refine.pdbx_density_correlation                 ? 
_refine.pdbx_pd_number_of_powder_patterns        ? 
_refine.pdbx_pd_number_of_points                 ? 
_refine.pdbx_pd_meas_number_of_points            ? 
_refine.pdbx_pd_proc_ls_prof_R_factor            ? 
_refine.pdbx_pd_proc_ls_prof_wR_factor           ? 
_refine.pdbx_pd_Marquardt_correlation_coeff      ? 
_refine.pdbx_pd_Fsqrd_R_factor                   ? 
_refine.pdbx_pd_ls_matrix_band_width             ? 
_refine.pdbx_overall_phase_error                 ? 
_refine.pdbx_overall_SU_R_free_Cruickshank_DPI   ? 
_refine.pdbx_overall_SU_R_free_Blow_DPI          ? 
_refine.pdbx_overall_SU_R_Blow_DPI               ? 
_refine.pdbx_TLS_residual_ADP_flag               ? 
_refine.pdbx_diffrn_id                           1 
_refine.overall_SU_B                             4.5470 
_refine.overall_SU_ML                            0.1250 
_refine.overall_SU_R_Cruickshank_DPI             0.2324 
_refine.overall_SU_R_free                        ? 
_refine.overall_FOM_free_R_set                   ? 
_refine.overall_FOM_work_R_set                   ? 
_refine.pdbx_average_fsc_overall                 ? 
_refine.pdbx_average_fsc_work                    ? 
_refine.pdbx_average_fsc_free                    ? 
# 
_refine_hist.cycle_id                         final 
_refine_hist.pdbx_refine_id                   'X-RAY DIFFRACTION' 
_refine_hist.d_res_high                       2.0000 
_refine_hist.d_res_low                        19.5400 
_refine_hist.pdbx_number_atoms_ligand         39 
_refine_hist.number_atoms_solvent             52 
_refine_hist.number_atoms_total               864 
_refine_hist.pdbx_number_residues_total       94 
_refine_hist.pdbx_B_iso_mean_ligand           28.25 
_refine_hist.pdbx_B_iso_mean_solvent          43.31 
_refine_hist.pdbx_number_atoms_protein        773 
_refine_hist.pdbx_number_atoms_nucleic_acid   0 
# 
loop_
_refine_ls_restr.pdbx_refine_id 
_refine_ls_restr.criterion 
_refine_ls_restr.dev_ideal 
_refine_ls_restr.dev_ideal_target 
_refine_ls_restr.number 
_refine_ls_restr.rejects 
_refine_ls_restr.type 
_refine_ls_restr.weight 
_refine_ls_restr.pdbx_restraint_function 
'X-RAY DIFFRACTION' ? 0.007  0.022  848  ? r_bond_refined_d       ? ? 
'X-RAY DIFFRACTION' ? 0.989  2.051  1157 ? r_angle_refined_deg    ? ? 
'X-RAY DIFFRACTION' ? 4.694  5.000  99   ? r_dihedral_angle_1_deg ? ? 
'X-RAY DIFFRACTION' ? 42.443 24.286 35   ? r_dihedral_angle_2_deg ? ? 
'X-RAY DIFFRACTION' ? 14.200 15.000 157  ? r_dihedral_angle_3_deg ? ? 
'X-RAY DIFFRACTION' ? 15.683 15.000 4    ? r_dihedral_angle_4_deg ? ? 
'X-RAY DIFFRACTION' ? 0.065  0.200  128  ? r_chiral_restr         ? ? 
'X-RAY DIFFRACTION' ? 0.005  0.021  628  ? r_gen_planes_refined   ? ? 
# 
_refine_ls_shell.pdbx_refine_id                   'X-RAY DIFFRACTION' 
_refine_ls_shell.d_res_high                       2.0000 
_refine_ls_shell.d_res_low                        2.0510 
_refine_ls_shell.number_reflns_all                494 
_refine_ls_shell.number_reflns_obs                ? 
_refine_ls_shell.number_reflns_R_free             24 
_refine_ls_shell.number_reflns_R_work             470 
_refine_ls_shell.percent_reflns_obs               98.2100 
_refine_ls_shell.percent_reflns_R_free            ? 
_refine_ls_shell.R_factor_all                     ? 
_refine_ls_shell.R_factor_obs                     ? 
_refine_ls_shell.R_factor_R_free                  0.2570 
_refine_ls_shell.R_factor_R_free_error            0.0000 
_refine_ls_shell.R_factor_R_work                  0.2950 
_refine_ls_shell.redundancy_reflns_all            ? 
_refine_ls_shell.redundancy_reflns_obs            ? 
_refine_ls_shell.wR_factor_all                    ? 
_refine_ls_shell.wR_factor_obs                    ? 
_refine_ls_shell.wR_factor_R_free                 ? 
_refine_ls_shell.wR_factor_R_work                 ? 
_refine_ls_shell.pdbx_total_number_of_bins_used   20 
_refine_ls_shell.pdbx_phase_error                 ? 
_refine_ls_shell.pdbx_fsc_work                    ? 
_refine_ls_shell.pdbx_fsc_free                    ? 
# 
_struct.entry_id                     6GGN 
_struct.title                        'In vitro and in vivo characterization of a novel, highly potent p53-MDM2 inhibitor' 
_struct.pdbx_model_details           ? 
_struct.pdbx_formula_weight          ? 
_struct.pdbx_formula_weight_method   ? 
_struct.pdbx_model_type_details      ? 
_struct.pdbx_CASP_flag               N 
# 
_struct_keywords.entry_id        6GGN 
_struct_keywords.text            'PPI with p53, inhibitor complex, CELL CYCLE' 
_struct_keywords.pdbx_keywords   'CELL CYCLE' 
# 
loop_
_struct_asym.id 
_struct_asym.pdbx_blank_PDB_chainid_flag 
_struct_asym.pdbx_modified 
_struct_asym.entity_id 
_struct_asym.details 
A N N 1 ? 
B N N 2 ? 
C N N 3 ? 
D N N 4 ? 
# 
_struct_ref.id                         1 
_struct_ref.db_name                    UNP 
_struct_ref.db_code                    MDM2_HUMAN 
_struct_ref.pdbx_db_accession          Q00987 
_struct_ref.pdbx_db_isoform            ? 
_struct_ref.entity_id                  1 
_struct_ref.pdbx_seq_one_letter_code   
;SQIPASEQETLVRPKPLLLKLLKSVGAQKDTYTMKEVLFYLGQYIMTKRLYDEKQQHIVYCSNDLLGDLFGVPSFSVKEH
RKIYTMIYRNLVVVN
;
_struct_ref.pdbx_align_begin           17 
# 
_struct_ref_seq.align_id                      1 
_struct_ref_seq.ref_id                        1 
_struct_ref_seq.pdbx_PDB_id_code              6GGN 
_struct_ref_seq.pdbx_strand_id                A 
_struct_ref_seq.seq_align_beg                 2 
_struct_ref_seq.pdbx_seq_align_beg_ins_code   ? 
_struct_ref_seq.seq_align_end                 96 
_struct_ref_seq.pdbx_seq_align_end_ins_code   ? 
_struct_ref_seq.pdbx_db_accession             Q00987 
_struct_ref_seq.db_align_beg                  17 
_struct_ref_seq.pdbx_db_align_beg_ins_code    ? 
_struct_ref_seq.db_align_end                  111 
_struct_ref_seq.pdbx_db_align_end_ins_code    ? 
_struct_ref_seq.pdbx_auth_seq_align_beg       17 
_struct_ref_seq.pdbx_auth_seq_align_end       111 
# 
_struct_ref_seq_dif.align_id                     1 
_struct_ref_seq_dif.pdbx_pdb_id_code             6GGN 
_struct_ref_seq_dif.mon_id                       GLY 
_struct_ref_seq_dif.pdbx_pdb_strand_id           A 
_struct_ref_seq_dif.seq_num                      1 
_struct_ref_seq_dif.pdbx_pdb_ins_code            ? 
_struct_ref_seq_dif.pdbx_seq_db_name             UNP 
_struct_ref_seq_dif.pdbx_seq_db_accession_code   Q00987 
_struct_ref_seq_dif.db_mon_id                    ? 
_struct_ref_seq_dif.pdbx_seq_db_seq_num          ? 
_struct_ref_seq_dif.details                      'expression tag' 
_struct_ref_seq_dif.pdbx_auth_seq_num            16 
_struct_ref_seq_dif.pdbx_ordinal                 1 
# 
_pdbx_struct_assembly.id                   1 
_pdbx_struct_assembly.details              author_and_software_defined_assembly 
_pdbx_struct_assembly.method_details       PISA 
_pdbx_struct_assembly.oligomeric_details   monomeric 
_pdbx_struct_assembly.oligomeric_count     1 
# 
loop_
_pdbx_struct_assembly_prop.biol_id 
_pdbx_struct_assembly_prop.type 
_pdbx_struct_assembly_prop.value 
_pdbx_struct_assembly_prop.details 
1 'ABSA (A^2)' 110  ? 
1 MORE         -7   ? 
1 'SSA (A^2)'  5810 ? 
# 
_pdbx_struct_assembly_gen.assembly_id       1 
_pdbx_struct_assembly_gen.oper_expression   1 
_pdbx_struct_assembly_gen.asym_id_list      A,B,C,D 
# 
_pdbx_struct_assembly_auth_evidence.id                     1 
_pdbx_struct_assembly_auth_evidence.assembly_id            1 
_pdbx_struct_assembly_auth_evidence.experimental_support   none 
_pdbx_struct_assembly_auth_evidence.details                ? 
# 
_pdbx_struct_oper_list.id                   1 
_pdbx_struct_oper_list.type                 'identity operation' 
_pdbx_struct_oper_list.name                 1_555 
_pdbx_struct_oper_list.symmetry_operation   x,y,z 
_pdbx_struct_oper_list.matrix[1][1]         1.0000000000 
_pdbx_struct_oper_list.matrix[1][2]         0.0000000000 
_pdbx_struct_oper_list.matrix[1][3]         0.0000000000 
_pdbx_struct_oper_list.vector[1]            0.0000000000 
_pdbx_struct_oper_list.matrix[2][1]         0.0000000000 
_pdbx_struct_oper_list.matrix[2][2]         1.0000000000 
_pdbx_struct_oper_list.matrix[2][3]         0.0000000000 
_pdbx_struct_oper_list.vector[2]            0.0000000000 
_pdbx_struct_oper_list.matrix[3][1]         0.0000000000 
_pdbx_struct_oper_list.matrix[3][2]         0.0000000000 
_pdbx_struct_oper_list.matrix[3][3]         1.0000000000 
_pdbx_struct_oper_list.vector[3]            0.0000000000 
# 
loop_
_struct_conf.conf_type_id 
_struct_conf.id 
_struct_conf.pdbx_PDB_helix_id 
_struct_conf.beg_label_comp_id 
_struct_conf.beg_label_asym_id 
_struct_conf.beg_label_seq_id 
_struct_conf.pdbx_beg_PDB_ins_code 
_struct_conf.end_label_comp_id 
_struct_conf.end_label_asym_id 
_struct_conf.end_label_seq_id 
_struct_conf.pdbx_end_PDB_ins_code 
_struct_conf.beg_auth_comp_id 
_struct_conf.beg_auth_asym_id 
_struct_conf.beg_auth_seq_id 
_struct_conf.end_auth_comp_id 
_struct_conf.end_auth_asym_id 
_struct_conf.end_auth_seq_id 
_struct_conf.pdbx_PDB_helix_class 
_struct_conf.details 
_struct_conf.pdbx_PDB_helix_length 
HELX_P HELX_P1 AA1 PRO A 5  ? GLU A 10 ? PRO A 20 GLU A 25  5 ? 6  
HELX_P HELX_P2 AA2 LYS A 16 ? SER A 25 ? LYS A 31 SER A 40  1 ? 10 
HELX_P HELX_P3 AA3 MET A 35 ? LYS A 49 ? MET A 50 LYS A 64  1 ? 15 
HELX_P HELX_P4 AA4 ASP A 65 ? GLY A 72 ? ASP A 80 GLY A 87  1 ? 8  
HELX_P HELX_P5 AA5 GLU A 80 ? ARG A 90 ? GLU A 95 ARG A 105 1 ? 11 
# 
_struct_conf_type.id          HELX_P 
_struct_conf_type.criteria    ? 
_struct_conf_type.reference   ? 
# 
loop_
_struct_sheet.id 
_struct_sheet.type 
_struct_sheet.number_strands 
_struct_sheet.details 
AA1 ? 3 ? 
AA2 ? 2 ? 
# 
loop_
_struct_sheet_order.sheet_id 
_struct_sheet_order.range_id_1 
_struct_sheet_order.range_id_2 
_struct_sheet_order.offset 
_struct_sheet_order.sense 
AA1 1 2 ? anti-parallel 
AA1 2 3 ? anti-parallel 
AA2 1 2 ? anti-parallel 
# 
loop_
_struct_sheet_range.sheet_id 
_struct_sheet_range.id 
_struct_sheet_range.beg_label_comp_id 
_struct_sheet_range.beg_label_asym_id 
_struct_sheet_range.beg_label_seq_id 
_struct_sheet_range.pdbx_beg_PDB_ins_code 
_struct_sheet_range.end_label_comp_id 
_struct_sheet_range.end_label_asym_id 
_struct_sheet_range.end_label_seq_id 
_struct_sheet_range.pdbx_end_PDB_ins_code 
_struct_sheet_range.beg_auth_comp_id 
_struct_sheet_range.beg_auth_asym_id 
_struct_sheet_range.beg_auth_seq_id 
_struct_sheet_range.end_auth_comp_id 
_struct_sheet_range.end_auth_asym_id 
_struct_sheet_range.end_auth_seq_id 
AA1 1 TYR A 33 ? THR A 34 ? TYR A 48  THR A 49  
AA1 2 LEU A 12 ? PRO A 15 ? LEU A 27  PRO A 30  
AA1 3 LEU A 92 ? VAL A 94 ? LEU A 107 VAL A 109 
AA2 1 ILE A 59 ? TYR A 61 ? ILE A 74  TYR A 76  
AA2 2 SER A 75 ? SER A 77 ? SER A 90  SER A 92  
# 
loop_
_pdbx_struct_sheet_hbond.sheet_id 
_pdbx_struct_sheet_hbond.range_id_1 
_pdbx_struct_sheet_hbond.range_id_2 
_pdbx_struct_sheet_hbond.range_1_label_atom_id 
_pdbx_struct_sheet_hbond.range_1_label_comp_id 
_pdbx_struct_sheet_hbond.range_1_label_asym_id 
_pdbx_struct_sheet_hbond.range_1_label_seq_id 
_pdbx_struct_sheet_hbond.range_1_PDB_ins_code 
_pdbx_struct_sheet_hbond.range_1_auth_atom_id 
_pdbx_struct_sheet_hbond.range_1_auth_comp_id 
_pdbx_struct_sheet_hbond.range_1_auth_asym_id 
_pdbx_struct_sheet_hbond.range_1_auth_seq_id 
_pdbx_struct_sheet_hbond.range_2_label_atom_id 
_pdbx_struct_sheet_hbond.range_2_label_comp_id 
_pdbx_struct_sheet_hbond.range_2_label_asym_id 
_pdbx_struct_sheet_hbond.range_2_label_seq_id 
_pdbx_struct_sheet_hbond.range_2_PDB_ins_code 
_pdbx_struct_sheet_hbond.range_2_auth_atom_id 
_pdbx_struct_sheet_hbond.range_2_auth_comp_id 
_pdbx_struct_sheet_hbond.range_2_auth_asym_id 
_pdbx_struct_sheet_hbond.range_2_auth_seq_id 
AA1 1 2 O TYR A 33 ? O TYR A 48 N VAL A 13 ? N VAL A 28  
AA1 2 3 N ARG A 14 ? N ARG A 29 O VAL A 93 ? O VAL A 108 
AA2 1 2 N VAL A 60 ? N VAL A 75 O PHE A 76 ? O PHE A 91  
# 
loop_
_struct_site.id 
_struct_site.pdbx_evidence_code 
_struct_site.pdbx_auth_asym_id 
_struct_site.pdbx_auth_comp_id 
_struct_site.pdbx_auth_seq_id 
_struct_site.pdbx_auth_ins_code 
_struct_site.pdbx_num_residues 
_struct_site.details 
AC1 Software A EYH 201 ? 9 'binding site for residue EYH A 201' 
AC2 Software A CL  202 ? 8 'binding site for residue CL A 202'  
# 
loop_
_struct_site_gen.id 
_struct_site_gen.site_id 
_struct_site_gen.pdbx_num_res 
_struct_site_gen.label_comp_id 
_struct_site_gen.label_asym_id 
_struct_site_gen.label_seq_id 
_struct_site_gen.pdbx_auth_ins_code 
_struct_site_gen.auth_comp_id 
_struct_site_gen.auth_asym_id 
_struct_site_gen.auth_seq_id 
_struct_site_gen.label_atom_id 
_struct_site_gen.label_alt_id 
_struct_site_gen.symmetry 
_struct_site_gen.details 
1  AC1 9 LEU A 39 ? LEU A 54  . ? 1_555  ? 
2  AC1 9 GLY A 43 ? GLY A 58  . ? 1_555  ? 
3  AC1 9 TYR A 52 ? TYR A 67  . ? 1_555  ? 
4  AC1 9 GLN A 57 ? GLN A 72  . ? 1_555  ? 
5  AC1 9 VAL A 78 ? VAL A 93  . ? 1_555  ? 
6  AC1 9 HIS A 81 ? HIS A 96  . ? 1_555  ? 
7  AC1 9 ILE A 84 ? ILE A 99  . ? 1_555  ? 
8  AC1 9 TYR A 85 ? TYR A 100 . ? 1_555  ? 
9  AC1 9 HOH D .  ? HOH A 319 . ? 1_555  ? 
10 AC2 8 TYR A 45 ? TYR A 60  . ? 1_555  ? 
11 AC2 8 LYS A 49 ? LYS A 64  . ? 10_444 ? 
12 AC2 8 LYS A 49 ? LYS A 64  . ? 1_555  ? 
13 AC2 8 ASP A 65 ? ASP A 80  . ? 10_444 ? 
14 AC2 8 ASP A 65 ? ASP A 80  . ? 1_555  ? 
15 AC2 8 LEU A 66 ? LEU A 81  . ? 1_555  ? 
16 AC2 8 LEU A 66 ? LEU A 81  . ? 10_444 ? 
17 AC2 8 HOH D .  ? HOH A 324 . ? 1_555  ? 
# 
loop_
_pdbx_struct_special_symmetry.id 
_pdbx_struct_special_symmetry.PDB_model_num 
_pdbx_struct_special_symmetry.auth_asym_id 
_pdbx_struct_special_symmetry.auth_comp_id 
_pdbx_struct_special_symmetry.auth_seq_id 
_pdbx_struct_special_symmetry.PDB_ins_code 
_pdbx_struct_special_symmetry.label_asym_id 
_pdbx_struct_special_symmetry.label_comp_id 
_pdbx_struct_special_symmetry.label_seq_id 
1 1 A HOH 306 ? D HOH . 
2 1 A HOH 316 ? D HOH . 
# 
_phasing.method   MR 
# 
loop_
_pdbx_unobs_or_zero_occ_residues.id 
_pdbx_unobs_or_zero_occ_residues.PDB_model_num 
_pdbx_unobs_or_zero_occ_residues.polymer_flag 
_pdbx_unobs_or_zero_occ_residues.occupancy_flag 
_pdbx_unobs_or_zero_occ_residues.auth_asym_id 
_pdbx_unobs_or_zero_occ_residues.auth_comp_id 
_pdbx_unobs_or_zero_occ_residues.auth_seq_id 
_pdbx_unobs_or_zero_occ_residues.PDB_ins_code 
_pdbx_unobs_or_zero_occ_residues.label_asym_id 
_pdbx_unobs_or_zero_occ_residues.label_comp_id 
_pdbx_unobs_or_zero_occ_residues.label_seq_id 
1 1 Y 1 A GLY 16 ? A GLY 1 
2 1 Y 1 A SER 17 ? A SER 2 
# 
loop_
_chem_comp_atom.comp_id 
_chem_comp_atom.atom_id 
_chem_comp_atom.type_symbol 
_chem_comp_atom.pdbx_aromatic_flag 
_chem_comp_atom.pdbx_stereo_config 
_chem_comp_atom.pdbx_ordinal 
ALA N    N  N N 1   
ALA CA   C  N S 2   
ALA C    C  N N 3   
ALA O    O  N N 4   
ALA CB   C  N N 5   
ALA OXT  O  N N 6   
ALA H    H  N N 7   
ALA H2   H  N N 8   
ALA HA   H  N N 9   
ALA HB1  H  N N 10  
ALA HB2  H  N N 11  
ALA HB3  H  N N 12  
ALA HXT  H  N N 13  
ARG N    N  N N 14  
ARG CA   C  N S 15  
ARG C    C  N N 16  
ARG O    O  N N 17  
ARG CB   C  N N 18  
ARG CG   C  N N 19  
ARG CD   C  N N 20  
ARG NE   N  N N 21  
ARG CZ   C  N N 22  
ARG NH1  N  N N 23  
ARG NH2  N  N N 24  
ARG OXT  O  N N 25  
ARG H    H  N N 26  
ARG H2   H  N N 27  
ARG HA   H  N N 28  
ARG HB2  H  N N 29  
ARG HB3  H  N N 30  
ARG HG2  H  N N 31  
ARG HG3  H  N N 32  
ARG HD2  H  N N 33  
ARG HD3  H  N N 34  
ARG HE   H  N N 35  
ARG HH11 H  N N 36  
ARG HH12 H  N N 37  
ARG HH21 H  N N 38  
ARG HH22 H  N N 39  
ARG HXT  H  N N 40  
ASN N    N  N N 41  
ASN CA   C  N S 42  
ASN C    C  N N 43  
ASN O    O  N N 44  
ASN CB   C  N N 45  
ASN CG   C  N N 46  
ASN OD1  O  N N 47  
ASN ND2  N  N N 48  
ASN OXT  O  N N 49  
ASN H    H  N N 50  
ASN H2   H  N N 51  
ASN HA   H  N N 52  
ASN HB2  H  N N 53  
ASN HB3  H  N N 54  
ASN HD21 H  N N 55  
ASN HD22 H  N N 56  
ASN HXT  H  N N 57  
ASP N    N  N N 58  
ASP CA   C  N S 59  
ASP C    C  N N 60  
ASP O    O  N N 61  
ASP CB   C  N N 62  
ASP CG   C  N N 63  
ASP OD1  O  N N 64  
ASP OD2  O  N N 65  
ASP OXT  O  N N 66  
ASP H    H  N N 67  
ASP H2   H  N N 68  
ASP HA   H  N N 69  
ASP HB2  H  N N 70  
ASP HB3  H  N N 71  
ASP HD2  H  N N 72  
ASP HXT  H  N N 73  
CL  CL   CL N N 74  
CYS N    N  N N 75  
CYS CA   C  N R 76  
CYS C    C  N N 77  
CYS O    O  N N 78  
CYS CB   C  N N 79  
CYS SG   S  N N 80  
CYS OXT  O  N N 81  
CYS H    H  N N 82  
CYS H2   H  N N 83  
CYS HA   H  N N 84  
CYS HB2  H  N N 85  
CYS HB3  H  N N 86  
CYS HG   H  N N 87  
CYS HXT  H  N N 88  
EYH C1   C  Y N 89  
EYH C12  C  N S 90  
EYH C14  C  Y N 91  
EYH C15  C  Y N 92  
EYH C16  C  Y N 93  
EYH C17  C  Y N 94  
EYH C18  C  Y N 95  
EYH C19  C  Y N 96  
EYH C20  C  Y N 97  
EYH C21  C  Y N 98  
EYH C22  C  Y N 99  
EYH C23  C  Y N 100 
EYH C24  C  Y N 101 
EYH C25  C  Y N 102 
EYH C26  C  N N 103 
EYH C29  C  N N 104 
EYH C30  C  Y N 105 
EYH N2   N  Y N 106 
EYH N3   N  Y N 107 
EYH C4   C  N N 108 
EYH C5   C  N N 109 
EYH C6   C  N N 110 
EYH C7   C  Y N 111 
EYH C8   C  Y N 112 
EYH C9   C  Y N 113 
EYH C10  C  N N 114 
EYH N11  N  N N 115 
EYH O13  O  N N 116 
EYH CL2  CL N N 117 
EYH CL3  CL N N 118 
EYH N31  N  Y N 119 
EYH C32  C  Y N 120 
EYH N33  N  Y N 121 
EYH C34  C  Y N 122 
EYH O35  O  N N 123 
EYH C36  C  N N 124 
EYH O37  O  N N 125 
EYH C38  C  N N 126 
EYH H1   H  N N 127 
EYH H2   H  N N 128 
EYH H3   H  N N 129 
EYH H4   H  N N 130 
EYH H5   H  N N 131 
EYH H6   H  N N 132 
EYH H7   H  N N 133 
EYH H8   H  N N 134 
EYH H9   H  N N 135 
EYH H10  H  N N 136 
EYH H11  H  N N 137 
EYH H12  H  N N 138 
EYH H13  H  N N 139 
EYH H14  H  N N 140 
EYH H15  H  N N 141 
EYH H16  H  N N 142 
EYH H17  H  N N 143 
EYH H18  H  N N 144 
EYH H19  H  N N 145 
EYH H20  H  N N 146 
EYH H21  H  N N 147 
EYH H22  H  N N 148 
EYH H23  H  N N 149 
EYH H24  H  N N 150 
EYH H25  H  N N 151 
EYH H26  H  N N 152 
EYH H27  H  N N 153 
GLN N    N  N N 154 
GLN CA   C  N S 155 
GLN C    C  N N 156 
GLN O    O  N N 157 
GLN CB   C  N N 158 
GLN CG   C  N N 159 
GLN CD   C  N N 160 
GLN OE1  O  N N 161 
GLN NE2  N  N N 162 
GLN OXT  O  N N 163 
GLN H    H  N N 164 
GLN H2   H  N N 165 
GLN HA   H  N N 166 
GLN HB2  H  N N 167 
GLN HB3  H  N N 168 
GLN HG2  H  N N 169 
GLN HG3  H  N N 170 
GLN HE21 H  N N 171 
GLN HE22 H  N N 172 
GLN HXT  H  N N 173 
GLU N    N  N N 174 
GLU CA   C  N S 175 
GLU C    C  N N 176 
GLU O    O  N N 177 
GLU CB   C  N N 178 
GLU CG   C  N N 179 
GLU CD   C  N N 180 
GLU OE1  O  N N 181 
GLU OE2  O  N N 182 
GLU OXT  O  N N 183 
GLU H    H  N N 184 
GLU H2   H  N N 185 
GLU HA   H  N N 186 
GLU HB2  H  N N 187 
GLU HB3  H  N N 188 
GLU HG2  H  N N 189 
GLU HG3  H  N N 190 
GLU HE2  H  N N 191 
GLU HXT  H  N N 192 
GLY N    N  N N 193 
GLY CA   C  N N 194 
GLY C    C  N N 195 
GLY O    O  N N 196 
GLY OXT  O  N N 197 
GLY H    H  N N 198 
GLY H2   H  N N 199 
GLY HA2  H  N N 200 
GLY HA3  H  N N 201 
GLY HXT  H  N N 202 
HIS N    N  N N 203 
HIS CA   C  N S 204 
HIS C    C  N N 205 
HIS O    O  N N 206 
HIS CB   C  N N 207 
HIS CG   C  Y N 208 
HIS ND1  N  Y N 209 
HIS CD2  C  Y N 210 
HIS CE1  C  Y N 211 
HIS NE2  N  Y N 212 
HIS OXT  O  N N 213 
HIS H    H  N N 214 
HIS H2   H  N N 215 
HIS HA   H  N N 216 
HIS HB2  H  N N 217 
HIS HB3  H  N N 218 
HIS HD1  H  N N 219 
HIS HD2  H  N N 220 
HIS HE1  H  N N 221 
HIS HE2  H  N N 222 
HIS HXT  H  N N 223 
HOH O    O  N N 224 
HOH H1   H  N N 225 
HOH H2   H  N N 226 
ILE N    N  N N 227 
ILE CA   C  N S 228 
ILE C    C  N N 229 
ILE O    O  N N 230 
ILE CB   C  N S 231 
ILE CG1  C  N N 232 
ILE CG2  C  N N 233 
ILE CD1  C  N N 234 
ILE OXT  O  N N 235 
ILE H    H  N N 236 
ILE H2   H  N N 237 
ILE HA   H  N N 238 
ILE HB   H  N N 239 
ILE HG12 H  N N 240 
ILE HG13 H  N N 241 
ILE HG21 H  N N 242 
ILE HG22 H  N N 243 
ILE HG23 H  N N 244 
ILE HD11 H  N N 245 
ILE HD12 H  N N 246 
ILE HD13 H  N N 247 
ILE HXT  H  N N 248 
LEU N    N  N N 249 
LEU CA   C  N S 250 
LEU C    C  N N 251 
LEU O    O  N N 252 
LEU CB   C  N N 253 
LEU CG   C  N N 254 
LEU CD1  C  N N 255 
LEU CD2  C  N N 256 
LEU OXT  O  N N 257 
LEU H    H  N N 258 
LEU H2   H  N N 259 
LEU HA   H  N N 260 
LEU HB2  H  N N 261 
LEU HB3  H  N N 262 
LEU HG   H  N N 263 
LEU HD11 H  N N 264 
LEU HD12 H  N N 265 
LEU HD13 H  N N 266 
LEU HD21 H  N N 267 
LEU HD22 H  N N 268 
LEU HD23 H  N N 269 
LEU HXT  H  N N 270 
LYS N    N  N N 271 
LYS CA   C  N S 272 
LYS C    C  N N 273 
LYS O    O  N N 274 
LYS CB   C  N N 275 
LYS CG   C  N N 276 
LYS CD   C  N N 277 
LYS CE   C  N N 278 
LYS NZ   N  N N 279 
LYS OXT  O  N N 280 
LYS H    H  N N 281 
LYS H2   H  N N 282 
LYS HA   H  N N 283 
LYS HB2  H  N N 284 
LYS HB3  H  N N 285 
LYS HG2  H  N N 286 
LYS HG3  H  N N 287 
LYS HD2  H  N N 288 
LYS HD3  H  N N 289 
LYS HE2  H  N N 290 
LYS HE3  H  N N 291 
LYS HZ1  H  N N 292 
LYS HZ2  H  N N 293 
LYS HZ3  H  N N 294 
LYS HXT  H  N N 295 
MET N    N  N N 296 
MET CA   C  N S 297 
MET C    C  N N 298 
MET O    O  N N 299 
MET CB   C  N N 300 
MET CG   C  N N 301 
MET SD   S  N N 302 
MET CE   C  N N 303 
MET OXT  O  N N 304 
MET H    H  N N 305 
MET H2   H  N N 306 
MET HA   H  N N 307 
MET HB2  H  N N 308 
MET HB3  H  N N 309 
MET HG2  H  N N 310 
MET HG3  H  N N 311 
MET HE1  H  N N 312 
MET HE2  H  N N 313 
MET HE3  H  N N 314 
MET HXT  H  N N 315 
PHE N    N  N N 316 
PHE CA   C  N S 317 
PHE C    C  N N 318 
PHE O    O  N N 319 
PHE CB   C  N N 320 
PHE CG   C  Y N 321 
PHE CD1  C  Y N 322 
PHE CD2  C  Y N 323 
PHE CE1  C  Y N 324 
PHE CE2  C  Y N 325 
PHE CZ   C  Y N 326 
PHE OXT  O  N N 327 
PHE H    H  N N 328 
PHE H2   H  N N 329 
PHE HA   H  N N 330 
PHE HB2  H  N N 331 
PHE HB3  H  N N 332 
PHE HD1  H  N N 333 
PHE HD2  H  N N 334 
PHE HE1  H  N N 335 
PHE HE2  H  N N 336 
PHE HZ   H  N N 337 
PHE HXT  H  N N 338 
PRO N    N  N N 339 
PRO CA   C  N S 340 
PRO C    C  N N 341 
PRO O    O  N N 342 
PRO CB   C  N N 343 
PRO CG   C  N N 344 
PRO CD   C  N N 345 
PRO OXT  O  N N 346 
PRO H    H  N N 347 
PRO HA   H  N N 348 
PRO HB2  H  N N 349 
PRO HB3  H  N N 350 
PRO HG2  H  N N 351 
PRO HG3  H  N N 352 
PRO HD2  H  N N 353 
PRO HD3  H  N N 354 
PRO HXT  H  N N 355 
SER N    N  N N 356 
SER CA   C  N S 357 
SER C    C  N N 358 
SER O    O  N N 359 
SER CB   C  N N 360 
SER OG   O  N N 361 
SER OXT  O  N N 362 
SER H    H  N N 363 
SER H2   H  N N 364 
SER HA   H  N N 365 
SER HB2  H  N N 366 
SER HB3  H  N N 367 
SER HG   H  N N 368 
SER HXT  H  N N 369 
THR N    N  N N 370 
THR CA   C  N S 371 
THR C    C  N N 372 
THR O    O  N N 373 
THR CB   C  N R 374 
THR OG1  O  N N 375 
THR CG2  C  N N 376 
THR OXT  O  N N 377 
THR H    H  N N 378 
THR H2   H  N N 379 
THR HA   H  N N 380 
THR HB   H  N N 381 
THR HG1  H  N N 382 
THR HG21 H  N N 383 
THR HG22 H  N N 384 
THR HG23 H  N N 385 
THR HXT  H  N N 386 
TYR N    N  N N 387 
TYR CA   C  N S 388 
TYR C    C  N N 389 
TYR O    O  N N 390 
TYR CB   C  N N 391 
TYR CG   C  Y N 392 
TYR CD1  C  Y N 393 
TYR CD2  C  Y N 394 
TYR CE1  C  Y N 395 
TYR CE2  C  Y N 396 
TYR CZ   C  Y N 397 
TYR OH   O  N N 398 
TYR OXT  O  N N 399 
TYR H    H  N N 400 
TYR H2   H  N N 401 
TYR HA   H  N N 402 
TYR HB2  H  N N 403 
TYR HB3  H  N N 404 
TYR HD1  H  N N 405 
TYR HD2  H  N N 406 
TYR HE1  H  N N 407 
TYR HE2  H  N N 408 
TYR HH   H  N N 409 
TYR HXT  H  N N 410 
VAL N    N  N N 411 
VAL CA   C  N S 412 
VAL C    C  N N 413 
VAL O    O  N N 414 
VAL CB   C  N N 415 
VAL CG1  C  N N 416 
VAL CG2  C  N N 417 
VAL OXT  O  N N 418 
VAL H    H  N N 419 
VAL H2   H  N N 420 
VAL HA   H  N N 421 
VAL HB   H  N N 422 
VAL HG11 H  N N 423 
VAL HG12 H  N N 424 
VAL HG13 H  N N 425 
VAL HG21 H  N N 426 
VAL HG22 H  N N 427 
VAL HG23 H  N N 428 
VAL HXT  H  N N 429 
# 
loop_
_chem_comp_bond.comp_id 
_chem_comp_bond.atom_id_1 
_chem_comp_bond.atom_id_2 
_chem_comp_bond.value_order 
_chem_comp_bond.pdbx_aromatic_flag 
_chem_comp_bond.pdbx_stereo_config 
_chem_comp_bond.pdbx_ordinal 
ALA N   CA   sing N N 1   
ALA N   H    sing N N 2   
ALA N   H2   sing N N 3   
ALA CA  C    sing N N 4   
ALA CA  CB   sing N N 5   
ALA CA  HA   sing N N 6   
ALA C   O    doub N N 7   
ALA C   OXT  sing N N 8   
ALA CB  HB1  sing N N 9   
ALA CB  HB2  sing N N 10  
ALA CB  HB3  sing N N 11  
ALA OXT HXT  sing N N 12  
ARG N   CA   sing N N 13  
ARG N   H    sing N N 14  
ARG N   H2   sing N N 15  
ARG CA  C    sing N N 16  
ARG CA  CB   sing N N 17  
ARG CA  HA   sing N N 18  
ARG C   O    doub N N 19  
ARG C   OXT  sing N N 20  
ARG CB  CG   sing N N 21  
ARG CB  HB2  sing N N 22  
ARG CB  HB3  sing N N 23  
ARG CG  CD   sing N N 24  
ARG CG  HG2  sing N N 25  
ARG CG  HG3  sing N N 26  
ARG CD  NE   sing N N 27  
ARG CD  HD2  sing N N 28  
ARG CD  HD3  sing N N 29  
ARG NE  CZ   sing N N 30  
ARG NE  HE   sing N N 31  
ARG CZ  NH1  sing N N 32  
ARG CZ  NH2  doub N N 33  
ARG NH1 HH11 sing N N 34  
ARG NH1 HH12 sing N N 35  
ARG NH2 HH21 sing N N 36  
ARG NH2 HH22 sing N N 37  
ARG OXT HXT  sing N N 38  
ASN N   CA   sing N N 39  
ASN N   H    sing N N 40  
ASN N   H2   sing N N 41  
ASN CA  C    sing N N 42  
ASN CA  CB   sing N N 43  
ASN CA  HA   sing N N 44  
ASN C   O    doub N N 45  
ASN C   OXT  sing N N 46  
ASN CB  CG   sing N N 47  
ASN CB  HB2  sing N N 48  
ASN CB  HB3  sing N N 49  
ASN CG  OD1  doub N N 50  
ASN CG  ND2  sing N N 51  
ASN ND2 HD21 sing N N 52  
ASN ND2 HD22 sing N N 53  
ASN OXT HXT  sing N N 54  
ASP N   CA   sing N N 55  
ASP N   H    sing N N 56  
ASP N   H2   sing N N 57  
ASP CA  C    sing N N 58  
ASP CA  CB   sing N N 59  
ASP CA  HA   sing N N 60  
ASP C   O    doub N N 61  
ASP C   OXT  sing N N 62  
ASP CB  CG   sing N N 63  
ASP CB  HB2  sing N N 64  
ASP CB  HB3  sing N N 65  
ASP CG  OD1  doub N N 66  
ASP CG  OD2  sing N N 67  
ASP OD2 HD2  sing N N 68  
ASP OXT HXT  sing N N 69  
CYS N   CA   sing N N 70  
CYS N   H    sing N N 71  
CYS N   H2   sing N N 72  
CYS CA  C    sing N N 73  
CYS CA  CB   sing N N 74  
CYS CA  HA   sing N N 75  
CYS C   O    doub N N 76  
CYS C   OXT  sing N N 77  
CYS CB  SG   sing N N 78  
CYS CB  HB2  sing N N 79  
CYS CB  HB3  sing N N 80  
CYS SG  HG   sing N N 81  
CYS OXT HXT  sing N N 82  
EYH C5  C4   sing N N 83  
EYH C4  C6   sing N N 84  
EYH C4  N3   sing N N 85  
EYH C38 O37  sing N N 86  
EYH C29 C16  sing N N 87  
EYH O37 C32  sing N N 88  
EYH N31 C32  doub Y N 89  
EYH N31 C30  sing Y N 90  
EYH C17 C16  doub Y N 91  
EYH C17 C18  sing Y N 92  
EYH C32 N33  sing Y N 93  
EYH C16 C14  sing Y N 94  
EYH N3  C1   sing Y N 95  
EYH N3  C8   sing Y N 96  
EYH C30 C7   doub Y N 97  
EYH N33 C34  doub Y N 98  
EYH C36 O35  sing N N 99  
EYH CL3 C18  sing N N 100 
EYH C7  C34  sing Y N 101 
EYH C7  C1   sing N N 102 
EYH C34 O35  sing N N 103 
EYH C18 C19  doub Y N 104 
EYH C14 C12  sing N N 105 
EYH C14 C20  doub Y N 106 
EYH C12 C8   sing N N 107 
EYH C12 N11  sing N N 108 
EYH C1  N2   doub Y N 109 
EYH C8  C9   doub Y N 110 
EYH C19 C20  sing Y N 111 
EYH C26 C21  sing N N 112 
EYH N2  C9   sing Y N 113 
EYH C9  C10  sing N N 114 
EYH N11 C15  sing N N 115 
EYH N11 C10  sing N N 116 
EYH C21 C15  doub Y N 117 
EYH C21 C22  sing Y N 118 
EYH C15 C25  sing Y N 119 
EYH C22 C23  doub Y N 120 
EYH C10 O13  doub N N 121 
EYH C25 C24  doub Y N 122 
EYH C23 C24  sing Y N 123 
EYH C24 CL2  sing N N 124 
EYH C12 H1   sing N N 125 
EYH C17 H2   sing N N 126 
EYH C19 H3   sing N N 127 
EYH C20 H4   sing N N 128 
EYH C22 H5   sing N N 129 
EYH C23 H6   sing N N 130 
EYH C25 H7   sing N N 131 
EYH C26 H8   sing N N 132 
EYH C26 H9   sing N N 133 
EYH C26 H10  sing N N 134 
EYH C29 H11  sing N N 135 
EYH C29 H12  sing N N 136 
EYH C29 H13  sing N N 137 
EYH C30 H14  sing N N 138 
EYH C4  H15  sing N N 139 
EYH C5  H16  sing N N 140 
EYH C5  H17  sing N N 141 
EYH C5  H18  sing N N 142 
EYH C6  H19  sing N N 143 
EYH C6  H20  sing N N 144 
EYH C6  H21  sing N N 145 
EYH C36 H22  sing N N 146 
EYH C36 H23  sing N N 147 
EYH C36 H24  sing N N 148 
EYH C38 H25  sing N N 149 
EYH C38 H26  sing N N 150 
EYH C38 H27  sing N N 151 
GLN N   CA   sing N N 152 
GLN N   H    sing N N 153 
GLN N   H2   sing N N 154 
GLN CA  C    sing N N 155 
GLN CA  CB   sing N N 156 
GLN CA  HA   sing N N 157 
GLN C   O    doub N N 158 
GLN C   OXT  sing N N 159 
GLN CB  CG   sing N N 160 
GLN CB  HB2  sing N N 161 
GLN CB  HB3  sing N N 162 
GLN CG  CD   sing N N 163 
GLN CG  HG2  sing N N 164 
GLN CG  HG3  sing N N 165 
GLN CD  OE1  doub N N 166 
GLN CD  NE2  sing N N 167 
GLN NE2 HE21 sing N N 168 
GLN NE2 HE22 sing N N 169 
GLN OXT HXT  sing N N 170 
GLU N   CA   sing N N 171 
GLU N   H    sing N N 172 
GLU N   H2   sing N N 173 
GLU CA  C    sing N N 174 
GLU CA  CB   sing N N 175 
GLU CA  HA   sing N N 176 
GLU C   O    doub N N 177 
GLU C   OXT  sing N N 178 
GLU CB  CG   sing N N 179 
GLU CB  HB2  sing N N 180 
GLU CB  HB3  sing N N 181 
GLU CG  CD   sing N N 182 
GLU CG  HG2  sing N N 183 
GLU CG  HG3  sing N N 184 
GLU CD  OE1  doub N N 185 
GLU CD  OE2  sing N N 186 
GLU OE2 HE2  sing N N 187 
GLU OXT HXT  sing N N 188 
GLY N   CA   sing N N 189 
GLY N   H    sing N N 190 
GLY N   H2   sing N N 191 
GLY CA  C    sing N N 192 
GLY CA  HA2  sing N N 193 
GLY CA  HA3  sing N N 194 
GLY C   O    doub N N 195 
GLY C   OXT  sing N N 196 
GLY OXT HXT  sing N N 197 
HIS N   CA   sing N N 198 
HIS N   H    sing N N 199 
HIS N   H2   sing N N 200 
HIS CA  C    sing N N 201 
HIS CA  CB   sing N N 202 
HIS CA  HA   sing N N 203 
HIS C   O    doub N N 204 
HIS C   OXT  sing N N 205 
HIS CB  CG   sing N N 206 
HIS CB  HB2  sing N N 207 
HIS CB  HB3  sing N N 208 
HIS CG  ND1  sing Y N 209 
HIS CG  CD2  doub Y N 210 
HIS ND1 CE1  doub Y N 211 
HIS ND1 HD1  sing N N 212 
HIS CD2 NE2  sing Y N 213 
HIS CD2 HD2  sing N N 214 
HIS CE1 NE2  sing Y N 215 
HIS CE1 HE1  sing N N 216 
HIS NE2 HE2  sing N N 217 
HIS OXT HXT  sing N N 218 
HOH O   H1   sing N N 219 
HOH O   H2   sing N N 220 
ILE N   CA   sing N N 221 
ILE N   H    sing N N 222 
ILE N   H2   sing N N 223 
ILE CA  C    sing N N 224 
ILE CA  CB   sing N N 225 
ILE CA  HA   sing N N 226 
ILE C   O    doub N N 227 
ILE C   OXT  sing N N 228 
ILE CB  CG1  sing N N 229 
ILE CB  CG2  sing N N 230 
ILE CB  HB   sing N N 231 
ILE CG1 CD1  sing N N 232 
ILE CG1 HG12 sing N N 233 
ILE CG1 HG13 sing N N 234 
ILE CG2 HG21 sing N N 235 
ILE CG2 HG22 sing N N 236 
ILE CG2 HG23 sing N N 237 
ILE CD1 HD11 sing N N 238 
ILE CD1 HD12 sing N N 239 
ILE CD1 HD13 sing N N 240 
ILE OXT HXT  sing N N 241 
LEU N   CA   sing N N 242 
LEU N   H    sing N N 243 
LEU N   H2   sing N N 244 
LEU CA  C    sing N N 245 
LEU CA  CB   sing N N 246 
LEU CA  HA   sing N N 247 
LEU C   O    doub N N 248 
LEU C   OXT  sing N N 249 
LEU CB  CG   sing N N 250 
LEU CB  HB2  sing N N 251 
LEU CB  HB3  sing N N 252 
LEU CG  CD1  sing N N 253 
LEU CG  CD2  sing N N 254 
LEU CG  HG   sing N N 255 
LEU CD1 HD11 sing N N 256 
LEU CD1 HD12 sing N N 257 
LEU CD1 HD13 sing N N 258 
LEU CD2 HD21 sing N N 259 
LEU CD2 HD22 sing N N 260 
LEU CD2 HD23 sing N N 261 
LEU OXT HXT  sing N N 262 
LYS N   CA   sing N N 263 
LYS N   H    sing N N 264 
LYS N   H2   sing N N 265 
LYS CA  C    sing N N 266 
LYS CA  CB   sing N N 267 
LYS CA  HA   sing N N 268 
LYS C   O    doub N N 269 
LYS C   OXT  sing N N 270 
LYS CB  CG   sing N N 271 
LYS CB  HB2  sing N N 272 
LYS CB  HB3  sing N N 273 
LYS CG  CD   sing N N 274 
LYS CG  HG2  sing N N 275 
LYS CG  HG3  sing N N 276 
LYS CD  CE   sing N N 277 
LYS CD  HD2  sing N N 278 
LYS CD  HD3  sing N N 279 
LYS CE  NZ   sing N N 280 
LYS CE  HE2  sing N N 281 
LYS CE  HE3  sing N N 282 
LYS NZ  HZ1  sing N N 283 
LYS NZ  HZ2  sing N N 284 
LYS NZ  HZ3  sing N N 285 
LYS OXT HXT  sing N N 286 
MET N   CA   sing N N 287 
MET N   H    sing N N 288 
MET N   H2   sing N N 289 
MET CA  C    sing N N 290 
MET CA  CB   sing N N 291 
MET CA  HA   sing N N 292 
MET C   O    doub N N 293 
MET C   OXT  sing N N 294 
MET CB  CG   sing N N 295 
MET CB  HB2  sing N N 296 
MET CB  HB3  sing N N 297 
MET CG  SD   sing N N 298 
MET CG  HG2  sing N N 299 
MET CG  HG3  sing N N 300 
MET SD  CE   sing N N 301 
MET CE  HE1  sing N N 302 
MET CE  HE2  sing N N 303 
MET CE  HE3  sing N N 304 
MET OXT HXT  sing N N 305 
PHE N   CA   sing N N 306 
PHE N   H    sing N N 307 
PHE N   H2   sing N N 308 
PHE CA  C    sing N N 309 
PHE CA  CB   sing N N 310 
PHE CA  HA   sing N N 311 
PHE C   O    doub N N 312 
PHE C   OXT  sing N N 313 
PHE CB  CG   sing N N 314 
PHE CB  HB2  sing N N 315 
PHE CB  HB3  sing N N 316 
PHE CG  CD1  doub Y N 317 
PHE CG  CD2  sing Y N 318 
PHE CD1 CE1  sing Y N 319 
PHE CD1 HD1  sing N N 320 
PHE CD2 CE2  doub Y N 321 
PHE CD2 HD2  sing N N 322 
PHE CE1 CZ   doub Y N 323 
PHE CE1 HE1  sing N N 324 
PHE CE2 CZ   sing Y N 325 
PHE CE2 HE2  sing N N 326 
PHE CZ  HZ   sing N N 327 
PHE OXT HXT  sing N N 328 
PRO N   CA   sing N N 329 
PRO N   CD   sing N N 330 
PRO N   H    sing N N 331 
PRO CA  C    sing N N 332 
PRO CA  CB   sing N N 333 
PRO CA  HA   sing N N 334 
PRO C   O    doub N N 335 
PRO C   OXT  sing N N 336 
PRO CB  CG   sing N N 337 
PRO CB  HB2  sing N N 338 
PRO CB  HB3  sing N N 339 
PRO CG  CD   sing N N 340 
PRO CG  HG2  sing N N 341 
PRO CG  HG3  sing N N 342 
PRO CD  HD2  sing N N 343 
PRO CD  HD3  sing N N 344 
PRO OXT HXT  sing N N 345 
SER N   CA   sing N N 346 
SER N   H    sing N N 347 
SER N   H2   sing N N 348 
SER CA  C    sing N N 349 
SER CA  CB   sing N N 350 
SER CA  HA   sing N N 351 
SER C   O    doub N N 352 
SER C   OXT  sing N N 353 
SER CB  OG   sing N N 354 
SER CB  HB2  sing N N 355 
SER CB  HB3  sing N N 356 
SER OG  HG   sing N N 357 
SER OXT HXT  sing N N 358 
THR N   CA   sing N N 359 
THR N   H    sing N N 360 
THR N   H2   sing N N 361 
THR CA  C    sing N N 362 
THR CA  CB   sing N N 363 
THR CA  HA   sing N N 364 
THR C   O    doub N N 365 
THR C   OXT  sing N N 366 
THR CB  OG1  sing N N 367 
THR CB  CG2  sing N N 368 
THR CB  HB   sing N N 369 
THR OG1 HG1  sing N N 370 
THR CG2 HG21 sing N N 371 
THR CG2 HG22 sing N N 372 
THR CG2 HG23 sing N N 373 
THR OXT HXT  sing N N 374 
TYR N   CA   sing N N 375 
TYR N   H    sing N N 376 
TYR N   H2   sing N N 377 
TYR CA  C    sing N N 378 
TYR CA  CB   sing N N 379 
TYR CA  HA   sing N N 380 
TYR C   O    doub N N 381 
TYR C   OXT  sing N N 382 
TYR CB  CG   sing N N 383 
TYR CB  HB2  sing N N 384 
TYR CB  HB3  sing N N 385 
TYR CG  CD1  doub Y N 386 
TYR CG  CD2  sing Y N 387 
TYR CD1 CE1  sing Y N 388 
TYR CD1 HD1  sing N N 389 
TYR CD2 CE2  doub Y N 390 
TYR CD2 HD2  sing N N 391 
TYR CE1 CZ   doub Y N 392 
TYR CE1 HE1  sing N N 393 
TYR CE2 CZ   sing Y N 394 
TYR CE2 HE2  sing N N 395 
TYR CZ  OH   sing N N 396 
TYR OH  HH   sing N N 397 
TYR OXT HXT  sing N N 398 
VAL N   CA   sing N N 399 
VAL N   H    sing N N 400 
VAL N   H2   sing N N 401 
VAL CA  C    sing N N 402 
VAL CA  CB   sing N N 403 
VAL CA  HA   sing N N 404 
VAL C   O    doub N N 405 
VAL C   OXT  sing N N 406 
VAL CB  CG1  sing N N 407 
VAL CB  CG2  sing N N 408 
VAL CB  HB   sing N N 409 
VAL CG1 HG11 sing N N 410 
VAL CG1 HG12 sing N N 411 
VAL CG1 HG13 sing N N 412 
VAL CG2 HG21 sing N N 413 
VAL CG2 HG22 sing N N 414 
VAL CG2 HG23 sing N N 415 
VAL OXT HXT  sing N N 416 
# 
_pdbx_entity_instance_feature.ordinal        1 
_pdbx_entity_instance_feature.comp_id        EYH 
_pdbx_entity_instance_feature.asym_id        ? 
_pdbx_entity_instance_feature.seq_num        ? 
_pdbx_entity_instance_feature.auth_comp_id   EYH 
_pdbx_entity_instance_feature.auth_asym_id   ? 
_pdbx_entity_instance_feature.auth_seq_num   ? 
_pdbx_entity_instance_feature.feature_type   'SUBJECT OF INVESTIGATION' 
_pdbx_entity_instance_feature.details        ? 
# 
_pdbx_initial_refinement_model.id               1 
_pdbx_initial_refinement_model.entity_id_list   ? 
_pdbx_initial_refinement_model.type             'experimental model' 
_pdbx_initial_refinement_model.source_name      PDB 
_pdbx_initial_refinement_model.accession_code   5LN2 
_pdbx_initial_refinement_model.details          ? 
# 
_atom_sites.entry_id                    6GGN 
_atom_sites.fract_transf_matrix[1][1]   0.01880998 
_atom_sites.fract_transf_matrix[1][2]   0.00753241 
_atom_sites.fract_transf_matrix[1][3]   -0.00366259 
_atom_sites.fract_transf_matrix[2][1]   0.00504673 
_atom_sites.fract_transf_matrix[2][2]   0.01880089 
_atom_sites.fract_transf_matrix[2][3]   0.00670859 
_atom_sites.fract_transf_matrix[3][1]   0.00304755 
_atom_sites.fract_transf_matrix[3][2]   -0.00369285 
_atom_sites.fract_transf_matrix[3][3]   0.00805665 
_atom_sites.fract_transf_vector[1]      -0.210228 
_atom_sites.fract_transf_vector[2]      -0.345523 
_atom_sites.fract_transf_vector[3]      -0.029859 
# 
loop_
_atom_type.symbol 
C  
CL 
N  
O  
S  
# 
loop_
_atom_site.group_PDB 
_atom_site.id 
_atom_site.type_symbol 
_atom_site.label_atom_id 
_atom_site.label_alt_id 
_atom_site.label_comp_id 
_atom_site.label_asym_id 
_atom_site.label_entity_id 
_atom_site.label_seq_id 
_atom_site.pdbx_PDB_ins_code 
_atom_site.Cartn_x 
_atom_site.Cartn_y 
_atom_site.Cartn_z 
_atom_site.occupancy 
_atom_site.B_iso_or_equiv 
_atom_site.pdbx_formal_charge 
_atom_site.auth_seq_id 
_atom_site.auth_comp_id 
_atom_site.auth_asym_id 
_atom_site.auth_atom_id 
_atom_site.pdbx_PDB_model_num 
ATOM   1   N  N   . GLN A 1 3  ? 7.745   4.943   15.589  1.00 58.50 ? 18  GLN A N   1 
ATOM   2   C  CA  . GLN A 1 3  ? 7.942   3.742   14.721  1.00 59.73 ? 18  GLN A CA  1 
ATOM   3   C  C   . GLN A 1 3  ? 8.876   4.032   13.536  1.00 60.51 ? 18  GLN A C   1 
ATOM   4   O  O   . GLN A 1 3  ? 9.914   3.383   13.379  1.00 62.23 ? 18  GLN A O   1 
ATOM   5   C  CB  . GLN A 1 3  ? 6.588   3.204   14.213  1.00 57.98 ? 18  GLN A CB  1 
ATOM   6   C  CG  . GLN A 1 3  ? 5.804   2.353   15.218  1.00 55.58 ? 18  GLN A CG  1 
ATOM   7   C  CD  . GLN A 1 3  ? 4.599   1.645   14.596  1.00 52.45 ? 18  GLN A CD  1 
ATOM   8   O  OE1 . GLN A 1 3  ? 4.628   0.437   14.349  1.00 50.23 ? 18  GLN A OE1 1 
ATOM   9   N  NE2 . GLN A 1 3  ? 3.536   2.397   14.345  1.00 50.80 ? 18  GLN A NE2 1 
ATOM   10  N  N   . ILE A 1 4  ? 8.503   5.023   12.726  1.00 58.77 ? 19  ILE A N   1 
ATOM   11  C  CA  . ILE A 1 4  ? 9.117   5.260   11.418  1.00 55.68 ? 19  ILE A CA  1 
ATOM   12  C  C   . ILE A 1 4  ? 9.847   6.610   11.372  1.00 55.57 ? 19  ILE A C   1 
ATOM   13  O  O   . ILE A 1 4  ? 9.340   7.605   11.896  1.00 55.46 ? 19  ILE A O   1 
ATOM   14  C  CB  . ILE A 1 4  ? 8.041   5.231   10.282  1.00 55.54 ? 19  ILE A CB  1 
ATOM   15  C  CG1 . ILE A 1 4  ? 6.970   4.145   10.524  1.00 55.66 ? 19  ILE A CG1 1 
ATOM   16  C  CG2 . ILE A 1 4  ? 8.681   5.112   8.896   1.00 54.00 ? 19  ILE A CG2 1 
ATOM   17  C  CD1 . ILE A 1 4  ? 7.464   2.695   10.498  1.00 54.61 ? 19  ILE A CD1 1 
ATOM   18  N  N   . PRO A 1 5  ? 11.047  6.643   10.758  1.00 54.38 ? 20  PRO A N   1 
ATOM   19  C  CA  . PRO A 1 5  ? 11.725  7.904   10.460  1.00 52.99 ? 20  PRO A CA  1 
ATOM   20  C  C   . PRO A 1 5  ? 11.047  8.637   9.312   1.00 51.40 ? 20  PRO A C   1 
ATOM   21  O  O   . PRO A 1 5  ? 10.424  8.004   8.456   1.00 51.05 ? 20  PRO A O   1 
ATOM   22  C  CB  . PRO A 1 5  ? 13.125  7.456   10.028  1.00 53.31 ? 20  PRO A CB  1 
ATOM   23  C  CG  . PRO A 1 5  ? 13.293  6.111   10.616  1.00 53.71 ? 20  PRO A CG  1 
ATOM   24  C  CD  . PRO A 1 5  ? 11.938  5.495   10.536  1.00 54.46 ? 20  PRO A CD  1 
ATOM   25  N  N   . ALA A 1 6  ? 11.182  9.962   9.297   1.00 49.23 ? 21  ALA A N   1 
ATOM   26  C  CA  . ALA A 1 6  ? 10.543  10.810  8.293   1.00 47.90 ? 21  ALA A CA  1 
ATOM   27  C  C   . ALA A 1 6  ? 11.148  10.651  6.901   1.00 46.84 ? 21  ALA A C   1 
ATOM   28  O  O   . ALA A 1 6  ? 10.484  10.930  5.902   1.00 47.86 ? 21  ALA A O   1 
ATOM   29  C  CB  . ALA A 1 6  ? 10.590  12.268  8.728   1.00 48.97 ? 21  ALA A CB  1 
ATOM   30  N  N   . SER A 1 7  ? 12.403  10.205  6.846   1.00 44.88 ? 22  SER A N   1 
ATOM   31  C  CA  . SER A 1 7  ? 13.124  10.020  5.583   1.00 43.93 ? 22  SER A CA  1 
ATOM   32  C  C   . SER A 1 7  ? 12.552  8.886   4.743   1.00 42.28 ? 22  SER A C   1 
ATOM   33  O  O   . SER A 1 7  ? 12.675  8.892   3.519   1.00 40.97 ? 22  SER A O   1 
ATOM   34  C  CB  . SER A 1 7  ? 14.608  9.751   5.842   1.00 44.01 ? 22  SER A CB  1 
ATOM   35  O  OG  . SER A 1 7  ? 14.796  8.593   6.641   1.00 44.09 ? 22  SER A OG  1 
ATOM   36  N  N   . GLU A 1 8  ? 11.941  7.915   5.420   1.00 41.97 ? 23  GLU A N   1 
ATOM   37  C  CA  . GLU A 1 8  ? 11.353  6.737   4.778   1.00 42.18 ? 23  GLU A CA  1 
ATOM   38  C  C   . GLU A 1 8  ? 10.437  7.076   3.590   1.00 41.37 ? 23  GLU A C   1 
ATOM   39  O  O   . GLU A 1 8  ? 10.464  6.387   2.570   1.00 41.37 ? 23  GLU A O   1 
ATOM   40  C  CB  . GLU A 1 8  ? 10.624  5.887   5.828   1.00 42.58 ? 23  GLU A CB  1 
ATOM   41  C  CG  . GLU A 1 8  ? 9.770   4.742   5.293   1.00 43.54 ? 23  GLU A CG  1 
ATOM   42  C  CD  . GLU A 1 8  ? 10.522  3.805   4.362   1.00 44.19 ? 23  GLU A CD  1 
ATOM   43  O  OE1 . GLU A 1 8  ? 9.970   3.482   3.292   1.00 45.20 ? 23  GLU A OE1 1 
ATOM   44  O  OE2 . GLU A 1 8  ? 11.657  3.400   4.688   1.00 44.98 ? 23  GLU A OE2 1 
ATOM   45  N  N   . GLN A 1 9  ? 9.650   8.144   3.720   1.00 41.76 ? 24  GLN A N   1 
ATOM   46  C  CA  . GLN A 1 9  ? 8.731   8.572   2.657   1.00 42.17 ? 24  GLN A CA  1 
ATOM   47  C  C   . GLN A 1 9  ? 9.421   9.111   1.396   1.00 41.60 ? 24  GLN A C   1 
ATOM   48  O  O   . GLN A 1 9  ? 8.781   9.262   0.353   1.00 39.93 ? 24  GLN A O   1 
ATOM   49  C  CB  . GLN A 1 9  ? 7.716   9.587   3.188   1.00 45.12 ? 24  GLN A CB  1 
ATOM   50  C  CG  . GLN A 1 9  ? 6.539   8.956   3.933   1.00 48.25 ? 24  GLN A CG  1 
ATOM   51  C  CD  . GLN A 1 9  ? 5.274   9.805   3.871   1.00 51.84 ? 24  GLN A CD  1 
ATOM   52  O  OE1 . GLN A 1 9  ? 5.297   11.008  4.156   1.00 53.08 ? 24  GLN A OE1 1 
ATOM   53  N  NE2 . GLN A 1 9  ? 4.163   9.179   3.497   1.00 52.41 ? 24  GLN A NE2 1 
ATOM   54  N  N   . GLU A 1 10 ? 10.720  9.396   1.493   1.00 41.16 ? 25  GLU A N   1 
ATOM   55  C  CA  . GLU A 1 10 ? 11.491  9.901   0.350   1.00 41.74 ? 25  GLU A CA  1 
ATOM   56  C  C   . GLU A 1 10 ? 12.093  8.786   -0.509  1.00 40.01 ? 25  GLU A C   1 
ATOM   57  O  O   . GLU A 1 10 ? 12.544  9.038   -1.631  1.00 39.19 ? 25  GLU A O   1 
ATOM   58  C  CB  . GLU A 1 10 ? 12.600  10.840  0.819   1.00 43.98 ? 25  GLU A CB  1 
ATOM   59  C  CG  . GLU A 1 10 ? 12.112  12.044  1.597   1.00 46.57 ? 25  GLU A CG  1 
ATOM   60  C  CD  . GLU A 1 10 ? 13.254  12.886  2.113   1.00 49.31 ? 25  GLU A CD  1 
ATOM   61  O  OE1 . GLU A 1 10 ? 13.972  13.483  1.281   1.00 49.68 ? 25  GLU A OE1 1 
ATOM   62  O  OE2 . GLU A 1 10 ? 13.434  12.947  3.352   1.00 51.18 ? 25  GLU A OE2 1 
ATOM   63  N  N   . THR A 1 11 ? 12.101  7.564   0.026   1.00 38.09 ? 26  THR A N   1 
ATOM   64  C  CA  . THR A 1 11 ? 12.627  6.389   -0.680  1.00 36.36 ? 26  THR A CA  1 
ATOM   65  C  C   . THR A 1 11 ? 12.005  6.270   -2.072  1.00 35.72 ? 26  THR A C   1 
ATOM   66  O  O   . THR A 1 11 ? 10.780  6.300   -2.217  1.00 34.78 ? 26  THR A O   1 
ATOM   67  C  CB  . THR A 1 11 ? 12.364  5.083   0.120   1.00 36.75 ? 26  THR A CB  1 
ATOM   68  O  OG1 . THR A 1 11 ? 12.857  5.223   1.459   1.00 37.18 ? 26  THR A OG1 1 
ATOM   69  C  CG2 . THR A 1 11 ? 13.043  3.886   -0.538  1.00 37.26 ? 26  THR A CG2 1 
ATOM   70  N  N   . LEU A 1 12 ? 12.854  6.150   -3.091  1.00 34.94 ? 27  LEU A N   1 
ATOM   71  C  CA  . LEU A 1 12 ? 12.389  5.985   -4.470  1.00 34.04 ? 27  LEU A CA  1 
ATOM   72  C  C   . LEU A 1 12 ? 12.259  4.507   -4.810  1.00 32.87 ? 27  LEU A C   1 
ATOM   73  O  O   . LEU A 1 12 ? 13.173  3.715   -4.555  1.00 32.71 ? 27  LEU A O   1 
ATOM   74  C  CB  . LEU A 1 12 ? 13.326  6.686   -5.454  1.00 35.58 ? 27  LEU A CB  1 
ATOM   75  C  CG  . LEU A 1 12 ? 13.448  8.200   -5.286  1.00 36.30 ? 27  LEU A CG  1 
ATOM   76  C  CD1 . LEU A 1 12 ? 14.774  8.685   -5.857  1.00 38.30 ? 27  LEU A CD1 1 
ATOM   77  C  CD2 . LEU A 1 12 ? 12.267  8.931   -5.918  1.00 36.14 ? 27  LEU A CD2 1 
ATOM   78  N  N   . VAL A 1 13 ? 11.115  4.141   -5.381  1.00 31.03 ? 28  VAL A N   1 
ATOM   79  C  CA  . VAL A 1 13 ? 10.773  2.736   -5.564  1.00 29.73 ? 28  VAL A CA  1 
ATOM   80  C  C   . VAL A 1 13 ? 10.209  2.428   -6.943  1.00 29.31 ? 28  VAL A C   1 
ATOM   81  O  O   . VAL A 1 13 ? 9.634   3.297   -7.606  1.00 28.49 ? 28  VAL A O   1 
ATOM   82  C  CB  . VAL A 1 13 ? 9.778   2.237   -4.474  1.00 29.79 ? 28  VAL A CB  1 
ATOM   83  C  CG1 . VAL A 1 13 ? 10.397  2.345   -3.086  1.00 28.87 ? 28  VAL A CG1 1 
ATOM   84  C  CG2 . VAL A 1 13 ? 8.457   3.006   -4.535  1.00 28.73 ? 28  VAL A CG2 1 
ATOM   85  N  N   . ARG A 1 14 ? 10.386  1.176   -7.355  1.00 29.02 ? 29  ARG A N   1 
ATOM   86  C  CA  . ARG A 1 14 ? 9.842   0.659   -8.599  1.00 29.66 ? 29  ARG A CA  1 
ATOM   87  C  C   . ARG A 1 14 ? 8.932   -0.525  -8.243  1.00 27.48 ? 29  ARG A C   1 
ATOM   88  O  O   . ARG A 1 14 ? 9.434   -1.600  -7.888  1.00 26.38 ? 29  ARG A O   1 
ATOM   89  C  CB  . ARG A 1 14 ? 10.974  0.216   -9.531  1.00 33.68 ? 29  ARG A CB  1 
ATOM   90  C  CG  . ARG A 1 14 ? 10.582  0.125   -11.000 1.00 39.05 ? 29  ARG A CG  1 
ATOM   91  C  CD  . ARG A 1 14 ? 11.716  -0.424  -11.865 1.00 43.06 ? 29  ARG A CD  1 
ATOM   92  N  NE  . ARG A 1 14 ? 12.951  0.360   -11.752 1.00 46.29 ? 29  ARG A NE  1 
ATOM   93  C  CZ  . ARG A 1 14 ? 13.245  1.433   -12.486 1.00 48.27 ? 29  ARG A CZ  1 
ATOM   94  N  NH1 . ARG A 1 14 ? 14.399  2.063   -12.296 1.00 48.88 ? 29  ARG A NH1 1 
ATOM   95  N  NH2 . ARG A 1 14 ? 12.396  1.884   -13.404 1.00 48.96 ? 29  ARG A NH2 1 
ATOM   96  N  N   . PRO A 1 15 ? 7.595   -0.328  -8.325  1.00 25.96 ? 30  PRO A N   1 
ATOM   97  C  CA  A PRO A 1 15 ? 6.615   -1.355  -7.961  0.50 25.31 ? 30  PRO A CA  1 
ATOM   98  C  CA  B PRO A 1 15 ? 6.629   -1.364  -7.953  0.50 25.30 ? 30  PRO A CA  1 
ATOM   99  C  C   . PRO A 1 15 ? 6.721   -2.599  -8.842  1.00 24.63 ? 30  PRO A C   1 
ATOM   100 O  O   . PRO A 1 15 ? 6.984   -2.485  -10.040 1.00 24.46 ? 30  PRO A O   1 
ATOM   101 C  CB  A PRO A 1 15 ? 5.272   -0.658  -8.209  0.50 25.36 ? 30  PRO A CB  1 
ATOM   102 C  CB  B PRO A 1 15 ? 5.276   -0.670  -8.156  0.50 25.33 ? 30  PRO A CB  1 
ATOM   103 C  CG  A PRO A 1 15 ? 5.569   0.363   -9.255  0.50 25.99 ? 30  PRO A CG  1 
ATOM   104 C  CG  B PRO A 1 15 ? 5.579   0.781   -8.040  0.50 25.87 ? 30  PRO A CG  1 
ATOM   105 C  CD  A PRO A 1 15 ? 6.949   0.854   -8.928  0.50 26.05 ? 30  PRO A CD  1 
ATOM   106 C  CD  B PRO A 1 15 ? 6.921   0.930   -8.691  0.50 26.05 ? 30  PRO A CD  1 
ATOM   107 N  N   . LYS A 1 16 ? 6.515   -3.770  -8.245  1.00 23.44 ? 31  LYS A N   1 
ATOM   108 C  CA  . LYS A 1 16 ? 6.453   -5.023  -8.996  1.00 23.90 ? 31  LYS A CA  1 
ATOM   109 C  C   . LYS A 1 16 ? 5.091   -5.084  -9.705  1.00 24.60 ? 31  LYS A C   1 
ATOM   110 O  O   . LYS A 1 16 ? 4.209   -4.284  -9.384  1.00 24.57 ? 31  LYS A O   1 
ATOM   111 C  CB  . LYS A 1 16 ? 6.663   -6.219  -8.066  1.00 23.99 ? 31  LYS A CB  1 
ATOM   112 C  CG  . LYS A 1 16 ? 8.075   -6.302  -7.495  1.00 23.99 ? 31  LYS A CG  1 
ATOM   113 C  CD  . LYS A 1 16 ? 8.210   -7.421  -6.473  1.00 24.56 ? 31  LYS A CD  1 
ATOM   114 C  CE  . LYS A 1 16 ? 9.578   -7.379  -5.806  1.00 24.46 ? 31  LYS A CE  1 
ATOM   115 N  NZ  . LYS A 1 16 ? 9.752   -8.477  -4.801  1.00 25.11 ? 31  LYS A NZ  1 
ATOM   116 N  N   . PRO A 1 17 ? 4.915   -6.016  -10.670 1.00 25.19 ? 32  PRO A N   1 
ATOM   117 C  CA  . PRO A 1 17 ? 3.702   -5.991  -11.504 1.00 25.49 ? 32  PRO A CA  1 
ATOM   118 C  C   . PRO A 1 17 ? 2.365   -5.889  -10.749 1.00 25.68 ? 32  PRO A C   1 
ATOM   119 O  O   . PRO A 1 17 ? 1.512   -5.082  -11.129 1.00 24.85 ? 32  PRO A O   1 
ATOM   120 C  CB  . PRO A 1 17 ? 3.793   -7.300  -12.284 1.00 25.45 ? 32  PRO A CB  1 
ATOM   121 C  CG  . PRO A 1 17 ? 5.262   -7.513  -12.437 1.00 25.93 ? 32  PRO A CG  1 
ATOM   122 C  CD  . PRO A 1 17 ? 5.856   -7.062  -11.125 1.00 25.23 ? 32  PRO A CD  1 
ATOM   123 N  N   . LEU A 1 18 ? 2.183   -6.694  -9.705  1.00 26.07 ? 33  LEU A N   1 
ATOM   124 C  CA  . LEU A 1 18 ? 0.907   -6.720  -8.993  1.00 27.36 ? 33  LEU A CA  1 
ATOM   125 C  C   . LEU A 1 18 ? 0.607   -5.382  -8.318  1.00 26.31 ? 33  LEU A C   1 
ATOM   126 O  O   . LEU A 1 18 ? -0.518  -4.873  -8.414  1.00 25.96 ? 33  LEU A O   1 
ATOM   127 C  CB  . LEU A 1 18 ? 0.860   -7.859  -7.970  1.00 30.45 ? 33  LEU A CB  1 
ATOM   128 C  CG  . LEU A 1 18 ? -0.532  -8.443  -7.735  1.00 33.08 ? 33  LEU A CG  1 
ATOM   129 C  CD1 . LEU A 1 18 ? -0.923  -9.341  -8.917  1.00 35.43 ? 33  LEU A CD1 1 
ATOM   130 C  CD2 . LEU A 1 18 ? -0.597  -9.220  -6.425  1.00 34.20 ? 33  LEU A CD2 1 
ATOM   131 N  N   . LEU A 1 19 ? 1.617   -4.813  -7.659  1.00 24.46 ? 34  LEU A N   1 
ATOM   132 C  CA  . LEU A 1 19 ? 1.486   -3.504  -7.018  1.00 23.67 ? 34  LEU A CA  1 
ATOM   133 C  C   . LEU A 1 19 ? 1.162   -2.414  -8.033  1.00 23.63 ? 34  LEU A C   1 
ATOM   134 O  O   . LEU A 1 19 ? 0.289   -1.580  -7.785  1.00 22.82 ? 34  LEU A O   1 
ATOM   135 C  CB  . LEU A 1 19 ? 2.741   -3.140  -6.211  1.00 23.10 ? 34  LEU A CB  1 
ATOM   136 C  CG  . LEU A 1 19 ? 2.767   -1.783  -5.478  1.00 23.10 ? 34  LEU A CG  1 
ATOM   137 C  CD1 . LEU A 1 19 ? 1.551   -1.583  -4.558  1.00 23.08 ? 34  LEU A CD1 1 
ATOM   138 C  CD2 . LEU A 1 19 ? 4.058   -1.594  -4.695  1.00 22.53 ? 34  LEU A CD2 1 
ATOM   139 N  N   . LEU A 1 20 ? 1.856   -2.436  -9.169  1.00 23.92 ? 35  LEU A N   1 
ATOM   140 C  CA  . LEU A 1 20 ? 1.615   -1.465  -10.233 1.00 25.32 ? 35  LEU A CA  1 
ATOM   141 C  C   . LEU A 1 20 ? 0.176   -1.545  -10.762 1.00 24.79 ? 35  LEU A C   1 
ATOM   142 O  O   . LEU A 1 20 ? -0.442  -0.522  -11.059 1.00 24.93 ? 35  LEU A O   1 
ATOM   143 C  CB  . LEU A 1 20 ? 2.621   -1.654  -11.375 1.00 26.89 ? 35  LEU A CB  1 
ATOM   144 C  CG  . LEU A 1 20 ? 2.620   -0.624  -12.513 1.00 28.60 ? 35  LEU A CG  1 
ATOM   145 C  CD1 . LEU A 1 20 ? 2.994   0.778   -12.027 1.00 29.27 ? 35  LEU A CD1 1 
ATOM   146 C  CD2 . LEU A 1 20 ? 3.566   -1.075  -13.616 1.00 29.99 ? 35  LEU A CD2 1 
ATOM   147 N  N   . LYS A 1 21 ? -0.345  -2.763  -10.873 1.00 24.45 ? 36  LYS A N   1 
ATOM   148 C  CA  . LYS A 1 21 ? -1.718  -2.996  -11.314 1.00 25.04 ? 36  LYS A CA  1 
ATOM   149 C  C   . LYS A 1 21 ? -2.696  -2.257  -10.404 1.00 24.71 ? 36  LYS A C   1 
ATOM   150 O  O   . LYS A 1 21 ? -3.576  -1.531  -10.870 1.00 24.55 ? 36  LYS A O   1 
ATOM   151 C  CB  . LYS A 1 21 ? -2.011  -4.498  -11.311 1.00 26.08 ? 36  LYS A CB  1 
ATOM   152 C  CG  . LYS A 1 21 ? -3.411  -4.879  -11.735 1.00 27.81 ? 36  LYS A CG  1 
ATOM   153 C  CD  . LYS A 1 21 ? -3.541  -6.396  -11.822 1.00 28.89 ? 36  LYS A CD  1 
ATOM   154 C  CE  . LYS A 1 21 ? -4.950  -6.810  -12.216 1.00 30.08 ? 36  LYS A CE  1 
ATOM   155 N  NZ  . LYS A 1 21 ? -5.340  -6.254  -13.547 1.00 30.49 ? 36  LYS A NZ  1 
ATOM   156 N  N   . LEU A 1 22 ? -2.514  -2.439  -9.102  1.00 24.54 ? 37  LEU A N   1 
ATOM   157 C  CA  . LEU A 1 22 ? -3.325  -1.787  -8.088  1.00 25.47 ? 37  LEU A CA  1 
ATOM   158 C  C   . LEU A 1 22 ? -3.163  -0.261  -8.110  1.00 24.70 ? 37  LEU A C   1 
ATOM   159 O  O   . LEU A 1 22 ? -4.152  0.468   -8.029  1.00 23.70 ? 37  LEU A O   1 
ATOM   160 C  CB  . LEU A 1 22 ? -2.970  -2.359  -6.714  1.00 26.69 ? 37  LEU A CB  1 
ATOM   161 C  CG  . LEU A 1 22 ? -4.009  -2.266  -5.599  1.00 28.66 ? 37  LEU A CG  1 
ATOM   162 C  CD1 . LEU A 1 22 ? -3.927  -3.469  -4.658  1.00 28.73 ? 37  LEU A CD1 1 
ATOM   163 C  CD2 . LEU A 1 22 ? -3.834  -0.964  -4.840  1.00 29.14 ? 37  LEU A CD2 1 
ATOM   164 N  N   . LEU A 1 23 ? -1.919  0.212   -8.227  1.00 23.85 ? 38  LEU A N   1 
ATOM   165 C  CA  . LEU A 1 23 ? -1.624  1.647   -8.249  1.00 24.06 ? 38  LEU A CA  1 
ATOM   166 C  C   . LEU A 1 23 ? -2.283  2.368   -9.429  1.00 24.67 ? 38  LEU A C   1 
ATOM   167 O  O   . LEU A 1 23 ? -2.762  3.497   -9.288  1.00 23.77 ? 38  LEU A O   1 
ATOM   168 C  CB  . LEU A 1 23 ? -0.107  1.904   -8.250  1.00 23.66 ? 38  LEU A CB  1 
ATOM   169 C  CG  . LEU A 1 23 ? 0.702   1.538   -6.995  1.00 23.35 ? 38  LEU A CG  1 
ATOM   170 C  CD1 . LEU A 1 23 ? 2.166   1.890   -7.180  1.00 23.91 ? 38  LEU A CD1 1 
ATOM   171 C  CD2 . LEU A 1 23 ? 0.151   2.198   -5.734  1.00 23.37 ? 38  LEU A CD2 1 
ATOM   172 N  N   . LYS A 1 24 ? -2.306  1.700   -10.580 1.00 25.73 ? 39  LYS A N   1 
ATOM   173 C  CA  . LYS A 1 24 ? -2.897  2.243   -11.799 1.00 27.00 ? 39  LYS A CA  1 
ATOM   174 C  C   . LYS A 1 24 ? -4.415  2.431   -11.709 1.00 26.95 ? 39  LYS A C   1 
ATOM   175 O  O   . LYS A 1 24 ? -4.992  3.203   -12.472 1.00 26.15 ? 39  LYS A O   1 
ATOM   176 C  CB  . LYS A 1 24 ? -2.554  1.351   -12.989 1.00 29.01 ? 39  LYS A CB  1 
ATOM   177 C  CG  . LYS A 1 24 ? -1.141  1.542   -13.521 1.00 31.99 ? 39  LYS A CG  1 
ATOM   178 C  CD  . LYS A 1 24 ? -0.635  0.344   -14.344 1.00 34.44 ? 39  LYS A CD  1 
ATOM   179 C  CE  . LYS A 1 24 ? -1.450  0.100   -15.619 1.00 36.38 ? 39  LYS A CE  1 
ATOM   180 N  NZ  . LYS A 1 24 ? -2.631  -0.799  -15.373 1.00 37.84 ? 39  LYS A NZ  1 
ATOM   181 N  N   . SER A 1 25 ? -5.057  1.729   -10.777 1.00 27.15 ? 40  SER A N   1 
ATOM   182 C  CA  . SER A 1 25 ? -6.502  1.856   -10.589 1.00 28.81 ? 40  SER A CA  1 
ATOM   183 C  C   . SER A 1 25 ? -6.871  3.086   -9.753  1.00 28.92 ? 40  SER A C   1 
ATOM   184 O  O   . SER A 1 25 ? -8.045  3.445   -9.654  1.00 28.84 ? 40  SER A O   1 
ATOM   185 C  CB  . SER A 1 25 ? -7.101  0.571   -9.990  1.00 29.11 ? 40  SER A CB  1 
ATOM   186 O  OG  . SER A 1 25 ? -6.817  0.458   -8.604  1.00 29.94 ? 40  SER A OG  1 
ATOM   187 N  N   . VAL A 1 26 ? -5.869  3.731   -9.158  1.00 28.67 ? 41  VAL A N   1 
ATOM   188 C  CA  . VAL A 1 26 ? -6.109  4.913   -8.329  1.00 29.60 ? 41  VAL A CA  1 
ATOM   189 C  C   . VAL A 1 26 ? -5.233  6.118   -8.682  1.00 30.94 ? 41  VAL A C   1 
ATOM   190 O  O   . VAL A 1 26 ? -5.491  7.229   -8.222  1.00 31.71 ? 41  VAL A O   1 
ATOM   191 C  CB  . VAL A 1 26 ? -6.002  4.606   -6.802  1.00 29.31 ? 41  VAL A CB  1 
ATOM   192 C  CG1 . VAL A 1 26 ? -7.205  3.803   -6.333  1.00 28.87 ? 41  VAL A CG1 1 
ATOM   193 C  CG2 . VAL A 1 26 ? -4.698  3.889   -6.463  1.00 28.49 ? 41  VAL A CG2 1 
ATOM   194 N  N   . GLY A 1 27 ? -4.205  5.903   -9.499  1.00 32.52 ? 42  GLY A N   1 
ATOM   195 C  CA  . GLY A 1 27 ? -3.280  6.975   -9.857  1.00 33.50 ? 42  GLY A CA  1 
ATOM   196 C  C   . GLY A 1 27 ? -2.686  6.808   -11.234 1.00 35.26 ? 42  GLY A C   1 
ATOM   197 O  O   . GLY A 1 27 ? -2.869  5.772   -11.873 1.00 35.07 ? 42  GLY A O   1 
ATOM   198 N  N   . ALA A 1 28 ? -1.966  7.833   -11.685 1.00 37.37 ? 43  ALA A N   1 
ATOM   199 C  CA  . ALA A 1 28 ? -1.330  7.825   -13.005 1.00 39.59 ? 43  ALA A CA  1 
ATOM   200 C  C   . ALA A 1 28 ? -0.176  6.830   -13.081 1.00 40.82 ? 43  ALA A C   1 
ATOM   201 O  O   . ALA A 1 28 ? 0.547   6.627   -12.107 1.00 39.75 ? 43  ALA A O   1 
ATOM   202 C  CB  . ALA A 1 28 ? -0.853  9.234   -13.381 1.00 39.47 ? 43  ALA A CB  1 
ATOM   203 N  N   . GLN A 1 29 ? -0.017  6.216   -14.250 1.00 45.28 ? 44  GLN A N   1 
ATOM   204 C  CA  . GLN A 1 29 ? 1.034   5.235   -14.489 1.00 49.50 ? 44  GLN A CA  1 
ATOM   205 C  C   . GLN A 1 29 ? 2.380   5.913   -14.731 1.00 50.40 ? 44  GLN A C   1 
ATOM   206 O  O   . GLN A 1 29 ? 2.539   6.683   -15.684 1.00 50.34 ? 44  GLN A O   1 
ATOM   207 C  CB  . GLN A 1 29 ? 0.673   4.360   -15.697 1.00 53.63 ? 44  GLN A CB  1 
ATOM   208 C  CG  . GLN A 1 29 ? 1.328   2.971   -15.733 1.00 59.12 ? 44  GLN A CG  1 
ATOM   209 C  CD  . GLN A 1 29 ? 2.841   2.986   -15.945 1.00 62.65 ? 44  GLN A CD  1 
ATOM   210 O  OE1 . GLN A 1 29 ? 3.549   2.108   -15.449 1.00 67.11 ? 44  GLN A OE1 1 
ATOM   211 N  NE2 . GLN A 1 29 ? 3.337   3.974   -16.686 1.00 63.72 ? 44  GLN A NE2 1 
ATOM   212 N  N   . LYS A 1 30 ? 3.344   5.619   -13.863 1.00 50.39 ? 45  LYS A N   1 
ATOM   213 C  CA  . LYS A 1 30 ? 4.752   5.923   -14.128 1.00 50.20 ? 45  LYS A CA  1 
ATOM   214 C  C   . LYS A 1 30 ? 5.651   4.786   -13.642 1.00 50.98 ? 45  LYS A C   1 
ATOM   215 O  O   . LYS A 1 30 ? 5.166   3.810   -13.065 1.00 50.88 ? 45  LYS A O   1 
ATOM   216 C  CB  . LYS A 1 30 ? 5.169   7.277   -13.540 1.00 48.85 ? 45  LYS A CB  1 
ATOM   217 C  CG  . LYS A 1 30 ? 4.883   7.475   -12.073 1.00 47.59 ? 45  LYS A CG  1 
ATOM   218 C  CD  . LYS A 1 30 ? 5.422   8.817   -11.626 1.00 48.34 ? 45  LYS A CD  1 
ATOM   219 C  CE  . LYS A 1 30 ? 5.196   9.041   -10.149 1.00 48.21 ? 45  LYS A CE  1 
ATOM   220 N  NZ  . LYS A 1 30 ? 6.100   10.093  -9.609  1.00 49.25 ? 45  LYS A NZ  1 
ATOM   221 N  N   . ASP A 1 31 ? 6.952   4.905   -13.895 1.00 52.19 ? 46  ASP A N   1 
ATOM   222 C  CA  . ASP A 1 31 ? 7.894   3.840   -13.552 1.00 51.43 ? 46  ASP A CA  1 
ATOM   223 C  C   . ASP A 1 31 ? 8.382   3.918   -12.113 1.00 47.42 ? 46  ASP A C   1 
ATOM   224 O  O   . ASP A 1 31 ? 8.429   2.903   -11.417 1.00 48.70 ? 46  ASP A O   1 
ATOM   225 C  CB  . ASP A 1 31 ? 9.083   3.829   -14.519 1.00 54.99 ? 46  ASP A CB  1 
ATOM   226 C  CG  . ASP A 1 31 ? 8.759   3.148   -15.842 1.00 58.48 ? 46  ASP A CG  1 
ATOM   227 O  OD1 . ASP A 1 31 ? 9.516   3.361   -16.813 1.00 59.98 ? 46  ASP A OD1 1 
ATOM   228 O  OD2 . ASP A 1 31 ? 7.754   2.404   -15.919 1.00 60.70 ? 46  ASP A OD2 1 
ATOM   229 N  N   . THR A 1 32 ? 8.739   5.120   -11.674 1.00 43.64 ? 47  THR A N   1 
ATOM   230 C  CA  . THR A 1 32 ? 9.306   5.317   -10.347 1.00 41.35 ? 47  THR A CA  1 
ATOM   231 C  C   . THR A 1 32 ? 8.416   6.202   -9.483  1.00 40.00 ? 47  THR A C   1 
ATOM   232 O  O   . THR A 1 32 ? 7.933   7.240   -9.932  1.00 41.51 ? 47  THR A O   1 
ATOM   233 C  CB  . THR A 1 32 ? 10.735  5.898   -10.435 1.00 41.59 ? 47  THR A CB  1 
ATOM   234 O  OG1 . THR A 1 32 ? 11.552  5.010   -11.206 1.00 41.65 ? 47  THR A OG1 1 
ATOM   235 C  CG2 . THR A 1 32 ? 11.359  6.069   -9.042  1.00 41.58 ? 47  THR A CG2 1 
ATOM   236 N  N   . TYR A 1 33 ? 8.207   5.769   -8.242  1.00 37.03 ? 48  TYR A N   1 
ATOM   237 C  CA  . TYR A 1 33 ? 7.406   6.496   -7.267  1.00 34.25 ? 48  TYR A CA  1 
ATOM   238 C  C   . TYR A 1 33 ? 8.240   6.757   -6.016  1.00 34.14 ? 48  TYR A C   1 
ATOM   239 O  O   . TYR A 1 33 ? 9.271   6.117   -5.803  1.00 34.41 ? 48  TYR A O   1 
ATOM   240 C  CB  . TYR A 1 33 ? 6.176   5.667   -6.871  1.00 33.21 ? 48  TYR A CB  1 
ATOM   241 C  CG  . TYR A 1 33 ? 5.198   5.359   -7.987  1.00 32.21 ? 48  TYR A CG  1 
ATOM   242 C  CD1 . TYR A 1 33 ? 5.427   4.309   -8.876  1.00 31.64 ? 48  TYR A CD1 1 
ATOM   243 C  CD2 . TYR A 1 33 ? 4.026   6.099   -8.132  1.00 32.31 ? 48  TYR A CD2 1 
ATOM   244 C  CE1 . TYR A 1 33 ? 4.524   4.015   -9.894  1.00 31.16 ? 48  TYR A CE1 1 
ATOM   245 C  CE2 . TYR A 1 33 ? 3.115   5.814   -9.147  1.00 31.50 ? 48  TYR A CE2 1 
ATOM   246 C  CZ  . TYR A 1 33 ? 3.368   4.770   -10.022 1.00 31.90 ? 48  TYR A CZ  1 
ATOM   247 O  OH  . TYR A 1 33 ? 2.465   4.487   -11.025 1.00 30.96 ? 48  TYR A OH  1 
ATOM   248 N  N   . THR A 1 34 ? 7.797   7.703   -5.195  1.00 33.73 ? 49  THR A N   1 
ATOM   249 C  CA  . THR A 1 34 ? 8.310   7.828   -3.837  1.00 34.16 ? 49  THR A CA  1 
ATOM   250 C  C   . THR A 1 34 ? 7.438   6.949   -2.934  1.00 33.95 ? 49  THR A C   1 
ATOM   251 O  O   . THR A 1 34 ? 6.318   6.587   -3.313  1.00 32.45 ? 49  THR A O   1 
ATOM   252 C  CB  . THR A 1 34 ? 8.291   9.293   -3.332  1.00 35.20 ? 49  THR A CB  1 
ATOM   253 O  OG1 . THR A 1 34 ? 6.937   9.740   -3.181  1.00 36.07 ? 49  THR A OG1 1 
ATOM   254 C  CG2 . THR A 1 34 ? 9.025   10.215  -4.301  1.00 35.47 ? 49  THR A CG2 1 
ATOM   255 N  N   . MET A 1 35 ? 7.940   6.605   -1.747  1.00 33.46 ? 50  MET A N   1 
ATOM   256 C  CA  . MET A 1 35 ? 7.127   5.861   -0.783  1.00 33.90 ? 50  MET A CA  1 
ATOM   257 C  C   . MET A 1 35 ? 5.890   6.644   -0.352  1.00 32.83 ? 50  MET A C   1 
ATOM   258 O  O   . MET A 1 35 ? 4.829   6.059   -0.139  1.00 31.05 ? 50  MET A O   1 
ATOM   259 C  CB  . MET A 1 35 ? 7.945   5.423   0.432   1.00 34.97 ? 50  MET A CB  1 
ATOM   260 C  CG  . MET A 1 35 ? 8.612   4.066   0.249   1.00 37.39 ? 50  MET A CG  1 
ATOM   261 S  SD  . MET A 1 35 ? 7.474   2.730   -0.227  1.00 39.63 ? 50  MET A SD  1 
ATOM   262 C  CE  . MET A 1 35 ? 6.447   2.605   1.228   1.00 36.80 ? 50  MET A CE  1 
ATOM   263 N  N   . LYS A 1 36 ? 6.027   7.964   -0.240  1.00 32.24 ? 51  LYS A N   1 
ATOM   264 C  CA  . LYS A 1 36 ? 4.895   8.831   0.076   1.00 31.96 ? 51  LYS A CA  1 
ATOM   265 C  C   . LYS A 1 36 ? 3.763   8.620   -0.936  1.00 30.47 ? 51  LYS A C   1 
ATOM   266 O  O   . LYS A 1 36 ? 2.591   8.531   -0.552  1.00 29.32 ? 51  LYS A O   1 
ATOM   267 C  CB  . LYS A 1 36 ? 5.328   10.301  0.103   1.00 34.03 ? 51  LYS A CB  1 
ATOM   268 C  CG  . LYS A 1 36 ? 4.204   11.281  0.429   1.00 36.71 ? 51  LYS A CG  1 
ATOM   269 C  CD  . LYS A 1 36 ? 4.467   12.654  -0.170  1.00 39.27 ? 51  LYS A CD  1 
ATOM   270 C  CE  . LYS A 1 36 ? 3.208   13.509  -0.146  1.00 41.48 ? 51  LYS A CE  1 
ATOM   271 N  NZ  . LYS A 1 36 ? 3.431   14.866  -0.726  1.00 44.52 ? 51  LYS A NZ  1 
ATOM   272 N  N   . GLU A 1 37 ? 4.132   8.525   -2.214  1.00 29.10 ? 52  GLU A N   1 
ATOM   273 C  CA  A GLU A 1 37 ? 3.161   8.317   -3.285  0.50 28.97 ? 52  GLU A CA  1 
ATOM   274 C  CA  B GLU A 1 37 ? 3.180   8.299   -3.306  0.50 28.59 ? 52  GLU A CA  1 
ATOM   275 C  C   . GLU A 1 37 ? 2.493   6.944   -3.208  1.00 28.11 ? 52  GLU A C   1 
ATOM   276 O  O   . GLU A 1 37 ? 1.269   6.852   -3.290  1.00 27.03 ? 52  GLU A O   1 
ATOM   277 C  CB  A GLU A 1 37 ? 3.808   8.544   -4.652  0.50 30.06 ? 52  GLU A CB  1 
ATOM   278 C  CB  B GLU A 1 37 ? 3.883   8.391   -4.657  0.50 29.04 ? 52  GLU A CB  1 
ATOM   279 C  CG  A GLU A 1 37 ? 4.100   10.008  -4.939  0.50 31.28 ? 52  GLU A CG  1 
ATOM   280 C  CG  B GLU A 1 37 ? 3.901   9.763   -5.274  0.50 29.38 ? 52  GLU A CG  1 
ATOM   281 C  CD  A GLU A 1 37 ? 5.072   10.199  -6.081  0.50 31.91 ? 52  GLU A CD  1 
ATOM   282 C  CD  B GLU A 1 37 ? 4.527   9.744   -6.649  0.50 29.26 ? 52  GLU A CD  1 
ATOM   283 O  OE1 A GLU A 1 37 ? 6.021   9.398   -6.194  0.50 32.17 ? 52  GLU A OE1 1 
ATOM   284 O  OE1 B GLU A 1 37 ? 3.861   10.167  -7.613  0.50 29.19 ? 52  GLU A OE1 1 
ATOM   285 O  OE2 A GLU A 1 37 ? 4.890   11.157  -6.862  0.50 32.65 ? 52  GLU A OE2 1 
ATOM   286 O  OE2 B GLU A 1 37 ? 5.681   9.283   -6.767  0.50 29.48 ? 52  GLU A OE2 1 
ATOM   287 N  N   . VAL A 1 38 ? 3.299   5.892   -3.046  1.00 26.81 ? 53  VAL A N   1 
ATOM   288 C  CA  . VAL A 1 38 ? 2.797   4.519   -2.948  1.00 25.72 ? 53  VAL A CA  1 
ATOM   289 C  C   . VAL A 1 38 ? 1.852   4.393   -1.760  1.00 25.57 ? 53  VAL A C   1 
ATOM   290 O  O   . VAL A 1 38 ? 0.762   3.828   -1.878  1.00 24.68 ? 53  VAL A O   1 
ATOM   291 C  CB  . VAL A 1 38 ? 3.960   3.501   -2.814  1.00 25.77 ? 53  VAL A CB  1 
ATOM   292 C  CG1 . VAL A 1 38 ? 3.436   2.089   -2.568  1.00 25.18 ? 53  VAL A CG1 1 
ATOM   293 C  CG2 . VAL A 1 38 ? 4.835   3.530   -4.062  1.00 25.23 ? 53  VAL A CG2 1 
ATOM   294 N  N   . LEU A 1 39 ? 2.279   4.943   -0.626  1.00 25.12 ? 54  LEU A N   1 
ATOM   295 C  CA  . LEU A 1 39 ? 1.495   4.950   0.598   1.00 25.99 ? 54  LEU A CA  1 
ATOM   296 C  C   . LEU A 1 39 ? 0.147   5.658   0.390   1.00 25.26 ? 54  LEU A C   1 
ATOM   297 O  O   . LEU A 1 39 ? -0.894  5.114   0.743   1.00 25.41 ? 54  LEU A O   1 
ATOM   298 C  CB  . LEU A 1 39 ? 2.306   5.610   1.718   1.00 27.58 ? 54  LEU A CB  1 
ATOM   299 C  CG  . LEU A 1 39 ? 2.208   5.156   3.174   1.00 29.00 ? 54  LEU A CG  1 
ATOM   300 C  CD1 . LEU A 1 39 ? 2.324   3.645   3.330   1.00 29.55 ? 54  LEU A CD1 1 
ATOM   301 C  CD2 . LEU A 1 39 ? 3.300   5.852   3.975   1.00 30.16 ? 54  LEU A CD2 1 
ATOM   302 N  N   . PHE A 1 40 ? 0.166   6.849   -0.206  1.00 24.79 ? 55  PHE A N   1 
ATOM   303 C  CA  . PHE A 1 40 ? -1.075  7.586   -0.473  1.00 24.61 ? 55  PHE A CA  1 
ATOM   304 C  C   . PHE A 1 40 ? -2.049  6.826   -1.381  1.00 24.29 ? 55  PHE A C   1 
ATOM   305 O  O   . PHE A 1 40 ? -3.240  6.720   -1.063  1.00 23.78 ? 55  PHE A O   1 
ATOM   306 C  CB  . PHE A 1 40 ? -0.794  8.977   -1.051  1.00 25.14 ? 55  PHE A CB  1 
ATOM   307 C  CG  . PHE A 1 40 ? -2.031  9.691   -1.547  1.00 25.66 ? 55  PHE A CG  1 
ATOM   308 C  CD1 . PHE A 1 40 ? -2.851  10.384  -0.663  1.00 26.56 ? 55  PHE A CD1 1 
ATOM   309 C  CD2 . PHE A 1 40 ? -2.378  9.662   -2.893  1.00 25.31 ? 55  PHE A CD2 1 
ATOM   310 C  CE1 . PHE A 1 40 ? -3.996  11.037  -1.113  1.00 26.41 ? 55  PHE A CE1 1 
ATOM   311 C  CE2 . PHE A 1 40 ? -3.521  10.310  -3.351  1.00 26.49 ? 55  PHE A CE2 1 
ATOM   312 C  CZ  . PHE A 1 40 ? -4.329  11.004  -2.458  1.00 25.99 ? 55  PHE A CZ  1 
ATOM   313 N  N   . TYR A 1 41 ? -1.548  6.315   -2.507  1.00 23.80 ? 56  TYR A N   1 
ATOM   314 C  CA  . TYR A 1 41 ? -2.396  5.598   -3.462  1.00 23.59 ? 56  TYR A CA  1 
ATOM   315 C  C   . TYR A 1 41 ? -3.011  4.345   -2.850  1.00 22.19 ? 56  TYR A C   1 
ATOM   316 O  O   . TYR A 1 41 ? -4.178  4.062   -3.089  1.00 21.24 ? 56  TYR A O   1 
ATOM   317 C  CB  . TYR A 1 41 ? -1.651  5.270   -4.765  1.00 24.68 ? 56  TYR A CB  1 
ATOM   318 C  CG  . TYR A 1 41 ? -1.347  6.485   -5.618  1.00 26.62 ? 56  TYR A CG  1 
ATOM   319 C  CD1 . TYR A 1 41 ? -2.350  7.409   -5.938  1.00 27.56 ? 56  TYR A CD1 1 
ATOM   320 C  CD2 . TYR A 1 41 ? -0.064  6.711   -6.114  1.00 27.74 ? 56  TYR A CD2 1 
ATOM   321 C  CE1 . TYR A 1 41 ? -2.077  8.533   -6.719  1.00 28.64 ? 56  TYR A CE1 1 
ATOM   322 C  CE2 . TYR A 1 41 ? 0.222   7.835   -6.898  1.00 28.78 ? 56  TYR A CE2 1 
ATOM   323 C  CZ  . TYR A 1 41 ? -0.792  8.738   -7.198  1.00 29.67 ? 56  TYR A CZ  1 
ATOM   324 O  OH  . TYR A 1 41 ? -0.523  9.846   -7.970  1.00 31.50 ? 56  TYR A OH  1 
ATOM   325 N  N   . LEU A 1 42 ? -2.231  3.606   -2.061  1.00 21.24 ? 57  LEU A N   1 
ATOM   326 C  CA  . LEU A 1 42 ? -2.763  2.433   -1.358  1.00 21.33 ? 57  LEU A CA  1 
ATOM   327 C  C   . LEU A 1 42 ? -3.841  2.828   -0.347  1.00 20.66 ? 57  LEU A C   1 
ATOM   328 O  O   . LEU A 1 42 ? -4.854  2.143   -0.215  1.00 19.83 ? 57  LEU A O   1 
ATOM   329 C  CB  . LEU A 1 42 ? -1.647  1.636   -0.669  1.00 21.51 ? 57  LEU A CB  1 
ATOM   330 C  CG  . LEU A 1 42 ? -0.726  0.795   -1.566  1.00 22.15 ? 57  LEU A CG  1 
ATOM   331 C  CD1 . LEU A 1 42 ? 0.408   0.230   -0.741  1.00 22.42 ? 57  LEU A CD1 1 
ATOM   332 C  CD2 . LEU A 1 42 ? -1.473  -0.338  -2.262  1.00 22.08 ? 57  LEU A CD2 1 
ATOM   333 N  N   . GLY A 1 43 ? -3.613  3.935   0.357   1.00 20.23 ? 58  GLY A N   1 
ATOM   334 C  CA  . GLY A 1 43 ? -4.602  4.491   1.280   1.00 20.02 ? 58  GLY A CA  1 
ATOM   335 C  C   . GLY A 1 43 ? -5.916  4.824   0.591   1.00 19.91 ? 58  GLY A C   1 
ATOM   336 O  O   . GLY A 1 43 ? -6.987  4.460   1.087   1.00 19.60 ? 58  GLY A O   1 
ATOM   337 N  N   . GLN A 1 44 ? -5.830  5.504   -0.552  1.00 20.00 ? 59  GLN A N   1 
ATOM   338 C  CA  . GLN A 1 44 ? -7.010  5.872   -1.341  1.00 20.67 ? 59  GLN A CA  1 
ATOM   339 C  C   . GLN A 1 44 ? -7.751  4.659   -1.885  1.00 19.91 ? 59  GLN A C   1 
ATOM   340 O  O   . GLN A 1 44 ? -8.981  4.661   -1.930  1.00 19.09 ? 59  GLN A O   1 
ATOM   341 C  CB  . GLN A 1 44 ? -6.655  6.811   -2.504  1.00 22.45 ? 59  GLN A CB  1 
ATOM   342 C  CG  . GLN A 1 44 ? -6.389  8.270   -2.103  1.00 25.45 ? 59  GLN A CG  1 
ATOM   343 C  CD  . GLN A 1 44 ? -7.610  8.992   -1.521  1.00 27.04 ? 59  GLN A CD  1 
ATOM   344 O  OE1 . GLN A 1 44 ? -7.471  9.873   -0.662  1.00 30.00 ? 59  GLN A OE1 1 
ATOM   345 N  NE2 . GLN A 1 44 ? -8.802  8.620   -1.978  1.00 26.90 ? 59  GLN A NE2 1 
ATOM   346 N  N   . TYR A 1 45 ? -6.996  3.641   -2.306  1.00 18.98 ? 60  TYR A N   1 
ATOM   347 C  CA  . TYR A 1 45 ? -7.560  2.376   -2.785  1.00 18.35 ? 60  TYR A CA  1 
ATOM   348 C  C   . TYR A 1 45 ? -8.433  1.736   -1.707  1.00 18.37 ? 60  TYR A C   1 
ATOM   349 O  O   . TYR A 1 45 ? -9.577  1.345   -1.970  1.00 18.26 ? 60  TYR A O   1 
ATOM   350 C  CB  . TYR A 1 45 ? -6.431  1.423   -3.208  1.00 18.18 ? 60  TYR A CB  1 
ATOM   351 C  CG  . TYR A 1 45 ? -6.886  0.042   -3.655  1.00 17.97 ? 60  TYR A CG  1 
ATOM   352 C  CD1 . TYR A 1 45 ? -7.250  -0.196  -4.981  1.00 17.93 ? 60  TYR A CD1 1 
ATOM   353 C  CD2 . TYR A 1 45 ? -6.930  -1.025  -2.755  1.00 17.86 ? 60  TYR A CD2 1 
ATOM   354 C  CE1 . TYR A 1 45 ? -7.658  -1.470  -5.407  1.00 17.95 ? 60  TYR A CE1 1 
ATOM   355 C  CE2 . TYR A 1 45 ? -7.338  -2.297  -3.164  1.00 18.11 ? 60  TYR A CE2 1 
ATOM   356 C  CZ  . TYR A 1 45 ? -7.699  -2.512  -4.495  1.00 18.24 ? 60  TYR A CZ  1 
ATOM   357 O  OH  . TYR A 1 45 ? -8.106  -3.769  -4.906  1.00 18.57 ? 60  TYR A OH  1 
ATOM   358 N  N   . ILE A 1 46 ? -7.885  1.647   -0.494  1.00 17.91 ? 61  ILE A N   1 
ATOM   359 C  CA  . ILE A 1 46 ? -8.600  1.112   0.671   1.00 18.41 ? 61  ILE A CA  1 
ATOM   360 C  C   . ILE A 1 46 ? -9.876  1.915   0.974   1.00 18.96 ? 61  ILE A C   1 
ATOM   361 O  O   . ILE A 1 46 ? -10.952 1.339   1.177   1.00 18.13 ? 61  ILE A O   1 
ATOM   362 C  CB  . ILE A 1 46 ? -7.665  1.065   1.914   1.00 18.10 ? 61  ILE A CB  1 
ATOM   363 C  CG1 . ILE A 1 46 ? -6.590  -0.018  1.727   1.00 17.99 ? 61  ILE A CG1 1 
ATOM   364 C  CG2 . ILE A 1 46 ? -8.461  0.845   3.204   1.00 18.00 ? 61  ILE A CG2 1 
ATOM   365 C  CD1 . ILE A 1 46 ? -5.357  0.154   2.611   1.00 17.88 ? 61  ILE A CD1 1 
ATOM   366 N  N   . MET A 1 47 ? -9.746  3.241   0.978   1.00 19.68 ? 62  MET A N   1 
ATOM   367 C  CA  . MET A 1 47 ? -10.869 4.137   1.286   1.00 21.03 ? 62  MET A CA  1 
ATOM   368 C  C   . MET A 1 47 ? -11.979 4.109   0.233   1.00 21.61 ? 62  MET A C   1 
ATOM   369 O  O   . MET A 1 47 ? -13.164 4.035   0.587   1.00 21.23 ? 62  MET A O   1 
ATOM   370 C  CB  . MET A 1 47 ? -10.375 5.568   1.514   1.00 21.54 ? 62  MET A CB  1 
ATOM   371 C  CG  . MET A 1 47 ? -9.428  5.728   2.722   1.00 22.05 ? 62  MET A CG  1 
ATOM   372 S  SD  . MET A 1 47 ? -10.088 5.092   4.275   1.00 23.60 ? 62  MET A SD  1 
ATOM   373 C  CE  . MET A 1 47 ? -11.429 6.253   4.557   1.00 24.02 ? 62  MET A CE  1 
ATOM   374 N  N   . THR A 1 48 ? -11.600 4.167   -1.047  1.00 21.83 ? 63  THR A N   1 
ATOM   375 C  CA  A THR A 1 48 ? -12.580 4.152   -2.139  0.50 22.47 ? 63  THR A CA  1 
ATOM   376 C  CA  B THR A 1 48 ? -12.569 4.154   -2.147  0.50 22.27 ? 63  THR A CA  1 
ATOM   377 C  C   . THR A 1 48 ? -13.341 2.830   -2.217  1.00 22.75 ? 63  THR A C   1 
ATOM   378 O  O   . THR A 1 48 ? -14.551 2.821   -2.447  1.00 23.47 ? 63  THR A O   1 
ATOM   379 C  CB  A THR A 1 48 ? -11.957 4.488   -3.516  0.50 22.57 ? 63  THR A CB  1 
ATOM   380 C  CB  B THR A 1 48 ? -11.892 4.454   -3.506  0.50 22.17 ? 63  THR A CB  1 
ATOM   381 O  OG1 A THR A 1 48 ? -10.837 3.631   -3.778  0.50 23.15 ? 63  THR A OG1 1 
ATOM   382 O  OG1 B THR A 1 48 ? -11.080 5.628   -3.382  0.50 22.57 ? 63  THR A OG1 1 
ATOM   383 C  CG2 A THR A 1 48 ? -11.501 5.930   -3.545  0.50 22.83 ? 63  THR A CG2 1 
ATOM   384 C  CG2 B THR A 1 48 ? -12.925 4.680   -4.600  0.50 21.94 ? 63  THR A CG2 1 
ATOM   385 N  N   . LYS A 1 49 ? -12.637 1.717   -2.010  1.00 22.23 ? 64  LYS A N   1 
ATOM   386 C  CA  . LYS A 1 49 ? -13.267 0.391   -2.070  1.00 22.17 ? 64  LYS A CA  1 
ATOM   387 C  C   . LYS A 1 49 ? -13.917 -0.024  -0.750  1.00 22.81 ? 64  LYS A C   1 
ATOM   388 O  O   . LYS A 1 49 ? -14.530 -1.094  -0.668  1.00 22.61 ? 64  LYS A O   1 
ATOM   389 C  CB  . LYS A 1 49 ? -12.271 -0.675  -2.537  1.00 21.13 ? 64  LYS A CB  1 
ATOM   390 C  CG  . LYS A 1 49 ? -11.897 -0.547  -4.010  1.00 20.63 ? 64  LYS A CG  1 
ATOM   391 C  CD  . LYS A 1 49 ? -11.148 -1.774  -4.522  1.00 19.49 ? 64  LYS A CD  1 
ATOM   392 C  CE  . LYS A 1 49 ? -12.090 -2.892  -4.926  1.00 19.20 ? 64  LYS A CE  1 
ATOM   393 N  NZ  . LYS A 1 49 ? -11.315 -4.053  -5.483  1.00 19.23 ? 64  LYS A NZ  1 
ATOM   394 N  N   . ARG A 1 50 ? -13.778 0.829   0.268   1.00 23.79 ? 65  ARG A N   1 
ATOM   395 C  CA  . ARG A 1 50 ? -14.381 0.617   1.589   1.00 25.77 ? 65  ARG A CA  1 
ATOM   396 C  C   . ARG A 1 50 ? -13.986 -0.733  2.165   1.00 25.30 ? 65  ARG A C   1 
ATOM   397 O  O   . ARG A 1 50 ? -14.842 -1.507  2.600   1.00 24.37 ? 65  ARG A O   1 
ATOM   398 C  CB  . ARG A 1 50 ? -15.915 0.746   1.528   1.00 27.91 ? 65  ARG A CB  1 
ATOM   399 C  CG  . ARG A 1 50 ? -16.422 2.112   1.090   1.00 30.88 ? 65  ARG A CG  1 
ATOM   400 C  CD  . ARG A 1 50 ? -17.945 2.127   1.073   1.00 34.88 ? 65  ARG A CD  1 
ATOM   401 N  NE  . ARG A 1 50 ? -18.489 3.476   0.923   1.00 38.12 ? 65  ARG A NE  1 
ATOM   402 C  CZ  . ARG A 1 50 ? -19.074 3.941   -0.179  1.00 40.22 ? 65  ARG A CZ  1 
ATOM   403 N  NH1 . ARG A 1 50 ? -19.206 3.172   -1.254  1.00 42.57 ? 65  ARG A NH1 1 
ATOM   404 N  NH2 . ARG A 1 50 ? -19.538 5.183   -0.203  1.00 41.13 ? 65  ARG A NH2 1 
ATOM   405 N  N   . LEU A 1 51 ? -12.682 -1.009  2.164   1.00 24.72 ? 66  LEU A N   1 
ATOM   406 C  CA  . LEU A 1 51 ? -12.176 -2.300  2.629   1.00 25.50 ? 66  LEU A CA  1 
ATOM   407 C  C   . LEU A 1 51 ? -12.054 -2.368  4.156   1.00 26.67 ? 66  LEU A C   1 
ATOM   408 O  O   . LEU A 1 51 ? -11.717 -3.412  4.712   1.00 28.61 ? 66  LEU A O   1 
ATOM   409 C  CB  . LEU A 1 51 ? -10.845 -2.655  1.939   1.00 23.88 ? 66  LEU A CB  1 
ATOM   410 C  CG  . LEU A 1 51 ? -10.853 -2.831  0.410   1.00 23.67 ? 66  LEU A CG  1 
ATOM   411 C  CD1 . LEU A 1 51 ? -9.459  -3.159  -0.123  1.00 23.46 ? 66  LEU A CD1 1 
ATOM   412 C  CD2 . LEU A 1 51 ? -11.838 -3.899  -0.040  1.00 23.22 ? 66  LEU A CD2 1 
ATOM   413 N  N   . TYR A 1 52 ? -12.356 -1.258  4.824   1.00 28.09 ? 67  TYR A N   1 
ATOM   414 C  CA  . TYR A 1 52 ? -12.313 -1.183  6.286   1.00 29.75 ? 67  TYR A CA  1 
ATOM   415 C  C   . TYR A 1 52 ? -13.650 -1.541  6.943   1.00 32.47 ? 67  TYR A C   1 
ATOM   416 O  O   . TYR A 1 52 ? -14.716 -1.333  6.360   1.00 32.40 ? 67  TYR A O   1 
ATOM   417 C  CB  . TYR A 1 52 ? -11.874 0.213   6.739   1.00 28.36 ? 67  TYR A CB  1 
ATOM   418 C  CG  . TYR A 1 52 ? -12.741 1.332   6.208   1.00 28.53 ? 67  TYR A CG  1 
ATOM   419 C  CD1 . TYR A 1 52 ? -13.881 1.754   6.900   1.00 28.43 ? 67  TYR A CD1 1 
ATOM   420 C  CD2 . TYR A 1 52 ? -12.425 1.968   5.008   1.00 28.10 ? 67  TYR A CD2 1 
ATOM   421 C  CE1 . TYR A 1 52 ? -14.685 2.774   6.405   1.00 28.69 ? 67  TYR A CE1 1 
ATOM   422 C  CE2 . TYR A 1 52 ? -13.214 2.987   4.510   1.00 28.68 ? 67  TYR A CE2 1 
ATOM   423 C  CZ  . TYR A 1 52 ? -14.341 3.388   5.210   1.00 29.19 ? 67  TYR A CZ  1 
ATOM   424 O  OH  . TYR A 1 52 ? -15.118 4.402   4.705   1.00 30.06 ? 67  TYR A OH  1 
ATOM   425 N  N   . ASP A 1 53 ? -13.572 -2.067  8.166   1.00 36.31 ? 68  ASP A N   1 
ATOM   426 C  CA  . ASP A 1 53 ? -14.749 -2.375  8.978   1.00 39.79 ? 68  ASP A CA  1 
ATOM   427 C  C   . ASP A 1 53 ? -15.411 -1.070  9.435   1.00 41.81 ? 68  ASP A C   1 
ATOM   428 O  O   . ASP A 1 53 ? -14.763 -0.206  10.028  1.00 40.44 ? 68  ASP A O   1 
ATOM   429 C  CB  . ASP A 1 53 ? -14.335 -3.236  10.184  1.00 41.38 ? 68  ASP A CB  1 
ATOM   430 C  CG  . ASP A 1 53 ? -15.511 -3.975  10.838  1.00 42.95 ? 68  ASP A CG  1 
ATOM   431 O  OD1 . ASP A 1 53 ? -15.260 -4.814  11.735  1.00 42.52 ? 68  ASP A OD1 1 
ATOM   432 O  OD2 . ASP A 1 53 ? -16.677 -3.728  10.466  1.00 44.02 ? 68  ASP A OD2 1 
ATOM   433 N  N   . GLU A 1 54 ? -16.701 -0.928  9.143   1.00 44.38 ? 69  GLU A N   1 
ATOM   434 C  CA  . GLU A 1 54 ? -17.454 0.281   9.499   1.00 46.18 ? 69  GLU A CA  1 
ATOM   435 C  C   . GLU A 1 54 ? -17.537 0.521   11.018  1.00 44.05 ? 69  GLU A C   1 
ATOM   436 O  O   . GLU A 1 54 ? -17.427 1.659   11.481  1.00 42.39 ? 69  GLU A O   1 
ATOM   437 C  CB  . GLU A 1 54 ? -18.857 0.235   8.871   1.00 49.40 ? 69  GLU A CB  1 
ATOM   438 C  CG  . GLU A 1 54 ? -19.732 1.470   9.132   1.00 53.33 ? 69  GLU A CG  1 
ATOM   439 C  CD  . GLU A 1 54 ? -19.078 2.786   8.713   1.00 55.55 ? 69  GLU A CD  1 
ATOM   440 O  OE1 . GLU A 1 54 ? -19.125 3.750   9.510   1.00 57.15 ? 69  GLU A OE1 1 
ATOM   441 O  OE2 . GLU A 1 54 ? -18.517 2.861   7.596   1.00 57.14 ? 69  GLU A OE2 1 
ATOM   442 N  N   . LYS A 1 55 ? -17.719 -0.556  11.778  1.00 43.87 ? 70  LYS A N   1 
ATOM   443 C  CA  . LYS A 1 55 ? -17.823 -0.480  13.237  1.00 43.89 ? 70  LYS A CA  1 
ATOM   444 C  C   . LYS A 1 55 ? -16.456 -0.648  13.913  1.00 42.46 ? 70  LYS A C   1 
ATOM   445 O  O   . LYS A 1 55 ? -16.347 -0.565  15.138  1.00 42.51 ? 70  LYS A O   1 
ATOM   446 C  CB  . LYS A 1 55 ? -18.810 -1.528  13.786  1.00 45.01 ? 70  LYS A CB  1 
ATOM   447 C  CG  . LYS A 1 55 ? -19.829 -2.079  12.786  1.00 47.19 ? 70  LYS A CG  1 
ATOM   448 C  CD  . LYS A 1 55 ? -19.400 -3.459  12.280  1.00 48.53 ? 70  LYS A CD  1 
ATOM   449 C  CE  . LYS A 1 55 ? -19.937 -3.756  10.881  1.00 49.60 ? 70  LYS A CE  1 
ATOM   450 N  NZ  . LYS A 1 55 ? -21.409 -3.958  10.857  1.00 50.40 ? 70  LYS A NZ  1 
ATOM   451 N  N   . GLN A 1 56 ? -15.422 -0.882  13.108  1.00 39.56 ? 71  GLN A N   1 
ATOM   452 C  CA  . GLN A 1 56 ? -14.065 -1.088  13.606  1.00 37.74 ? 71  GLN A CA  1 
ATOM   453 C  C   . GLN A 1 56 ? -13.080 -0.511  12.580  1.00 35.85 ? 71  GLN A C   1 
ATOM   454 O  O   . GLN A 1 56 ? -12.420 -1.245  11.839  1.00 33.17 ? 71  GLN A O   1 
ATOM   455 C  CB  . GLN A 1 56 ? -13.829 -2.580  13.843  1.00 40.21 ? 71  GLN A CB  1 
ATOM   456 C  CG  . GLN A 1 56 ? -12.556 -2.928  14.584  1.00 42.71 ? 71  GLN A CG  1 
ATOM   457 C  CD  . GLN A 1 56 ? -12.303 -4.425  14.628  1.00 45.32 ? 71  GLN A CD  1 
ATOM   458 O  OE1 . GLN A 1 56 ? -11.921 -4.966  15.665  1.00 46.69 ? 71  GLN A OE1 1 
ATOM   459 N  NE2 . GLN A 1 56 ? -12.518 -5.104  13.499  1.00 45.91 ? 71  GLN A NE2 1 
ATOM   460 N  N   . GLN A 1 57 ? -12.998 0.816   12.549  1.00 33.66 ? 72  GLN A N   1 
ATOM   461 C  CA  . GLN A 1 57 ? -12.374 1.537   11.439  1.00 32.27 ? 72  GLN A CA  1 
ATOM   462 C  C   . GLN A 1 57 ? -10.845 1.460   11.362  1.00 31.14 ? 72  GLN A C   1 
ATOM   463 O  O   . GLN A 1 57 ? -10.256 1.960   10.406  1.00 30.30 ? 72  GLN A O   1 
ATOM   464 C  CB  . GLN A 1 57 ? -12.846 2.994   11.417  1.00 34.23 ? 72  GLN A CB  1 
ATOM   465 C  CG  . GLN A 1 57 ? -14.345 3.140   11.165  1.00 36.20 ? 72  GLN A CG  1 
ATOM   466 C  CD  . GLN A 1 57 ? -14.795 4.584   11.098  1.00 37.77 ? 72  GLN A CD  1 
ATOM   467 O  OE1 . GLN A 1 57 ? -14.016 5.504   11.340  1.00 39.11 ? 72  GLN A OE1 1 
ATOM   468 N  NE2 . GLN A 1 57 ? -16.065 4.790   10.758  1.00 39.41 ? 72  GLN A NE2 1 
ATOM   469 N  N   . HIS A 1 58 ? -10.207 0.843   12.355  1.00 29.67 ? 73  HIS A N   1 
ATOM   470 C  CA  . HIS A 1 58 ? -8.754  0.664   12.318  1.00 29.41 ? 73  HIS A CA  1 
ATOM   471 C  C   . HIS A 1 58 ? -8.330  -0.590  11.546  1.00 27.54 ? 73  HIS A C   1 
ATOM   472 O  O   . HIS A 1 58 ? -7.152  -0.755  11.239  1.00 27.61 ? 73  HIS A O   1 
ATOM   473 C  CB  . HIS A 1 58 ? -8.136  0.653   13.729  1.00 31.63 ? 73  HIS A CB  1 
ATOM   474 C  CG  . HIS A 1 58 ? -8.259  1.955   14.465  1.00 33.39 ? 73  HIS A CG  1 
ATOM   475 N  ND1 . HIS A 1 58 ? -8.327  2.026   15.840  1.00 35.19 ? 73  HIS A ND1 1 
ATOM   476 C  CD2 . HIS A 1 58 ? -8.328  3.233   14.020  1.00 34.79 ? 73  HIS A CD2 1 
ATOM   477 C  CE1 . HIS A 1 58 ? -8.433  3.290   16.211  1.00 35.39 ? 73  HIS A CE1 1 
ATOM   478 N  NE2 . HIS A 1 58 ? -8.435  4.044   15.126  1.00 35.86 ? 73  HIS A NE2 1 
ATOM   479 N  N   . ILE A 1 59 ? -9.281  -1.464  11.224  1.00 26.14 ? 74  ILE A N   1 
ATOM   480 C  CA  . ILE A 1 59 ? -8.942  -2.744  10.596  1.00 25.14 ? 74  ILE A CA  1 
ATOM   481 C  C   . ILE A 1 59 ? -9.350  -2.778  9.131   1.00 24.19 ? 74  ILE A C   1 
ATOM   482 O  O   . ILE A 1 59 ? -10.498 -2.511  8.795   1.00 23.33 ? 74  ILE A O   1 
ATOM   483 C  CB  . ILE A 1 59 ? -9.559  -3.966  11.348  1.00 25.58 ? 74  ILE A CB  1 
ATOM   484 C  CG1 . ILE A 1 59 ? -9.242  -3.915  12.855  1.00 26.59 ? 74  ILE A CG1 1 
ATOM   485 C  CG2 . ILE A 1 59 ? -9.088  -5.294  10.728  1.00 25.31 ? 74  ILE A CG2 1 
ATOM   486 C  CD1 . ILE A 1 59 ? -7.738  -3.839  13.207  1.00 26.89 ? 74  ILE A CD1 1 
ATOM   487 N  N   . VAL A 1 60 ? -8.392  -3.116  8.272   1.00 23.06 ? 75  VAL A N   1 
ATOM   488 C  CA  . VAL A 1 60 ? -8.648  -3.302  6.852   1.00 22.44 ? 75  VAL A CA  1 
ATOM   489 C  C   . VAL A 1 60 ? -8.832  -4.801  6.603   1.00 22.59 ? 75  VAL A C   1 
ATOM   490 O  O   . VAL A 1 60 ? -8.035  -5.611  7.074   1.00 22.52 ? 75  VAL A O   1 
ATOM   491 C  CB  . VAL A 1 60 ? -7.492  -2.731  5.993   1.00 21.96 ? 75  VAL A CB  1 
ATOM   492 C  CG1 . VAL A 1 60 ? -7.659  -3.080  4.507   1.00 21.74 ? 75  VAL A CG1 1 
ATOM   493 C  CG2 . VAL A 1 60 ? -7.393  -1.226  6.175   1.00 22.13 ? 75  VAL A CG2 1 
ATOM   494 N  N   . TYR A 1 61 ? -9.900  -5.159  5.895   1.00 22.51 ? 76  TYR A N   1 
ATOM   495 C  CA  . TYR A 1 61 ? -10.158 -6.545  5.510   1.00 22.74 ? 76  TYR A CA  1 
ATOM   496 C  C   . TYR A 1 61 ? -9.954  -6.699  4.009   1.00 22.68 ? 76  TYR A C   1 
ATOM   497 O  O   . TYR A 1 61 ? -10.594 -6.010  3.213   1.00 22.69 ? 76  TYR A O   1 
ATOM   498 C  CB  . TYR A 1 61 ? -11.579 -6.961  5.906   1.00 23.22 ? 76  TYR A CB  1 
ATOM   499 C  CG  . TYR A 1 61 ? -11.755 -7.111  7.400   1.00 23.92 ? 76  TYR A CG  1 
ATOM   500 C  CD1 . TYR A 1 61 ? -11.429 -8.308  8.040   1.00 24.03 ? 76  TYR A CD1 1 
ATOM   501 C  CD2 . TYR A 1 61 ? -12.235 -6.053  8.174   1.00 24.76 ? 76  TYR A CD2 1 
ATOM   502 C  CE1 . TYR A 1 61 ? -11.578 -8.453  9.415   1.00 25.19 ? 76  TYR A CE1 1 
ATOM   503 C  CE2 . TYR A 1 61 ? -12.390 -6.189  9.552   1.00 25.11 ? 76  TYR A CE2 1 
ATOM   504 C  CZ  . TYR A 1 61 ? -12.057 -7.389  10.162  1.00 25.58 ? 76  TYR A CZ  1 
ATOM   505 O  OH  . TYR A 1 61 ? -12.206 -7.528  11.523  1.00 27.01 ? 76  TYR A OH  1 
ATOM   506 N  N   . CYS A 1 62 ? -9.054  -7.598  3.628   1.00 22.99 ? 77  CYS A N   1 
ATOM   507 C  CA  . CYS A 1 62 ? -8.626  -7.704  2.234   1.00 23.60 ? 77  CYS A CA  1 
ATOM   508 C  C   . CYS A 1 62 ? -8.538  -9.142  1.725   1.00 23.64 ? 77  CYS A C   1 
ATOM   509 O  O   . CYS A 1 62 ? -7.898  -9.401  0.707   1.00 24.02 ? 77  CYS A O   1 
ATOM   510 C  CB  . CYS A 1 62 ? -7.294  -6.962  2.027   1.00 23.16 ? 77  CYS A CB  1 
ATOM   511 S  SG  . CYS A 1 62 ? -6.011  -7.288  3.267   1.00 23.90 ? 77  CYS A SG  1 
ATOM   512 N  N   . SER A 1 63 ? -9.200  -10.063 2.421   1.00 24.36 ? 78  SER A N   1 
ATOM   513 C  CA  . SER A 1 63 ? -9.204  -11.479 2.047   1.00 25.23 ? 78  SER A CA  1 
ATOM   514 C  C   . SER A 1 63 ? -9.933  -11.743 0.727   1.00 24.73 ? 78  SER A C   1 
ATOM   515 O  O   . SER A 1 63 ? -9.644  -12.731 0.042   1.00 25.03 ? 78  SER A O   1 
ATOM   516 C  CB  . SER A 1 63 ? -9.856  -12.312 3.149   1.00 26.75 ? 78  SER A CB  1 
ATOM   517 O  OG  . SER A 1 63 ? -11.185 -11.860 3.374   1.00 30.52 ? 78  SER A OG  1 
ATOM   518 N  N   . ASN A 1 64 ? -10.880 -10.869 0.390   1.00 23.54 ? 79  ASN A N   1 
ATOM   519 C  CA  . ASN A 1 64 ? -11.648 -10.965 -0.853  1.00 23.39 ? 79  ASN A CA  1 
ATOM   520 C  C   . ASN A 1 64 ? -11.185 -9.964  -1.921  1.00 22.40 ? 79  ASN A C   1 
ATOM   521 O  O   . ASN A 1 64 ? -11.937 -9.628  -2.837  1.00 22.89 ? 79  ASN A O   1 
ATOM   522 C  CB  . ASN A 1 64 ? -13.160 -10.804 -0.568  1.00 23.64 ? 79  ASN A CB  1 
ATOM   523 C  CG  . ASN A 1 64 ? -13.540 -9.395  -0.111  1.00 24.57 ? 79  ASN A CG  1 
ATOM   524 O  OD1 . ASN A 1 64 ? -12.697 -8.505  0.006   1.00 25.11 ? 79  ASN A OD1 1 
ATOM   525 N  ND2 . ASN A 1 64 ? -14.825 -9.193  0.138   1.00 24.15 ? 79  ASN A ND2 1 
ATOM   526 N  N   . ASP A 1 65 ? -9.938  -9.509  -1.801  1.00 21.36 ? 80  ASP A N   1 
ATOM   527 C  CA  . ASP A 1 65 ? -9.412  -8.427  -2.628  1.00 20.22 ? 80  ASP A CA  1 
ATOM   528 C  C   . ASP A 1 65 ? -7.969  -8.704  -3.033  1.00 20.39 ? 80  ASP A C   1 
ATOM   529 O  O   . ASP A 1 65 ? -7.226  -9.381  -2.308  1.00 20.29 ? 80  ASP A O   1 
ATOM   530 C  CB  . ASP A 1 65 ? -9.508  -7.100  -1.859  1.00 19.73 ? 80  ASP A CB  1 
ATOM   531 C  CG  . ASP A 1 65 ? -9.368  -5.882  -2.758  1.00 19.55 ? 80  ASP A CG  1 
ATOM   532 O  OD1 . ASP A 1 65 ? -10.408 -5.313  -3.160  1.00 20.19 ? 80  ASP A OD1 1 
ATOM   533 O  OD2 . ASP A 1 65 ? -8.226  -5.491  -3.073  1.00 18.98 ? 80  ASP A OD2 1 
ATOM   534 N  N   . LEU A 1 66 ? -7.577  -8.179  -4.195  1.00 19.89 ? 81  LEU A N   1 
ATOM   535 C  CA  . LEU A 1 66 ? -6.195  -8.254  -4.675  1.00 19.96 ? 81  LEU A CA  1 
ATOM   536 C  C   . LEU A 1 66 ? -5.188  -7.722  -3.648  1.00 19.13 ? 81  LEU A C   1 
ATOM   537 O  O   . LEU A 1 66 ? -4.045  -8.189  -3.589  1.00 18.04 ? 81  LEU A O   1 
ATOM   538 C  CB  . LEU A 1 66 ? -6.056  -7.479  -5.992  1.00 21.40 ? 81  LEU A CB  1 
ATOM   539 C  CG  . LEU A 1 66 ? -4.647  -7.187  -6.515  1.00 23.48 ? 81  LEU A CG  1 
ATOM   540 C  CD1 . LEU A 1 66 ? -4.035  -8.460  -7.070  1.00 24.64 ? 81  LEU A CD1 1 
ATOM   541 C  CD2 . LEU A 1 66 ? -4.667  -6.084  -7.578  1.00 24.34 ? 81  LEU A CD2 1 
ATOM   542 N  N   . LEU A 1 67 ? -5.610  -6.748  -2.843  1.00 18.16 ? 82  LEU A N   1 
ATOM   543 C  CA  . LEU A 1 67 ? -4.752  -6.233  -1.774  1.00 18.39 ? 82  LEU A CA  1 
ATOM   544 C  C   . LEU A 1 67 ? -4.261  -7.354  -0.851  1.00 18.34 ? 82  LEU A C   1 
ATOM   545 O  O   . LEU A 1 67 ? -3.099  -7.369  -0.460  1.00 17.80 ? 82  LEU A O   1 
ATOM   546 C  CB  . LEU A 1 67 ? -5.453  -5.134  -0.965  1.00 18.35 ? 82  LEU A CB  1 
ATOM   547 C  CG  . LEU A 1 67 ? -4.616  -4.427  0.111   1.00 18.45 ? 82  LEU A CG  1 
ATOM   548 C  CD1 . LEU A 1 67 ? -3.375  -3.748  -0.494  1.00 18.40 ? 82  LEU A CD1 1 
ATOM   549 C  CD2 . LEU A 1 67 ? -5.466  -3.429  0.877   1.00 18.99 ? 82  LEU A CD2 1 
ATOM   550 N  N   . GLY A 1 68 ? -5.151  -8.289  -0.524  1.00 18.86 ? 83  GLY A N   1 
ATOM   551 C  CA  . GLY A 1 68 ? -4.799  -9.458  0.284   1.00 20.03 ? 83  GLY A CA  1 
ATOM   552 C  C   . GLY A 1 68 ? -3.708  -10.309 -0.334  1.00 21.37 ? 83  GLY A C   1 
ATOM   553 O  O   . GLY A 1 68 ? -2.845  -10.820 0.379   1.00 21.78 ? 83  GLY A O   1 
ATOM   554 N  N   . ASP A 1 69 ? -3.746  -10.465 -1.657  1.00 22.68 ? 84  ASP A N   1 
ATOM   555 C  CA  . ASP A 1 69 ? -2.698  -11.178 -2.393  1.00 23.99 ? 84  ASP A CA  1 
ATOM   556 C  C   . ASP A 1 69 ? -1.375  -10.424 -2.338  1.00 23.84 ? 84  ASP A C   1 
ATOM   557 O  O   . ASP A 1 69 ? -0.308  -11.034 -2.211  1.00 23.68 ? 84  ASP A O   1 
ATOM   558 C  CB  . ASP A 1 69 ? -3.092  -11.374 -3.858  1.00 26.39 ? 84  ASP A CB  1 
ATOM   559 C  CG  . ASP A 1 69 ? -4.354  -12.204 -4.029  1.00 29.14 ? 84  ASP A CG  1 
ATOM   560 O  OD1 . ASP A 1 69 ? -4.707  -13.005 -3.132  1.00 30.40 ? 84  ASP A OD1 1 
ATOM   561 O  OD2 . ASP A 1 69 ? -4.995  -12.049 -5.088  1.00 32.00 ? 84  ASP A OD2 1 
ATOM   562 N  N   . LEU A 1 70 ? -1.455  -9.099  -2.449  1.00 22.83 ? 85  LEU A N   1 
ATOM   563 C  CA  . LEU A 1 70 ? -0.287  -8.225  -2.392  1.00 23.62 ? 85  LEU A CA  1 
ATOM   564 C  C   . LEU A 1 70 ? 0.418   -8.307  -1.038  1.00 22.91 ? 85  LEU A C   1 
ATOM   565 O  O   . LEU A 1 70 ? 1.637   -8.476  -0.960  1.00 22.77 ? 85  LEU A O   1 
ATOM   566 C  CB  . LEU A 1 70 ? -0.729  -6.779  -2.622  1.00 24.75 ? 85  LEU A CB  1 
ATOM   567 C  CG  . LEU A 1 70 ? 0.218   -5.814  -3.319  1.00 26.60 ? 85  LEU A CG  1 
ATOM   568 C  CD1 . LEU A 1 70 ? 0.044   -5.980  -4.817  1.00 27.30 ? 85  LEU A CD1 1 
ATOM   569 C  CD2 . LEU A 1 70 ? -0.082  -4.385  -2.892  1.00 27.21 ? 85  LEU A CD2 1 
ATOM   570 N  N   . PHE A 1 71 ? -0.372  -8.176  0.022   1.00 22.58 ? 86  PHE A N   1 
ATOM   571 C  CA  . PHE A 1 71 ? 0.139   -8.057  1.384   1.00 22.73 ? 86  PHE A CA  1 
ATOM   572 C  C   . PHE A 1 71 ? 0.302   -9.414  2.065   1.00 23.14 ? 86  PHE A C   1 
ATOM   573 O  O   . PHE A 1 71 ? 1.056   -9.533  3.035   1.00 23.51 ? 86  PHE A O   1 
ATOM   574 C  CB  . PHE A 1 71 ? -0.790  -7.150  2.205   1.00 21.81 ? 86  PHE A CB  1 
ATOM   575 C  CG  . PHE A 1 71 ? -0.534  -5.667  2.030   1.00 21.73 ? 86  PHE A CG  1 
ATOM   576 C  CD1 . PHE A 1 71 ? 0.360   -5.186  1.065   1.00 21.38 ? 86  PHE A CD1 1 
ATOM   577 C  CD2 . PHE A 1 71 ? -1.219  -4.746  2.820   1.00 21.42 ? 86  PHE A CD2 1 
ATOM   578 C  CE1 . PHE A 1 71 ? 0.585   -3.811  0.919   1.00 21.37 ? 86  PHE A CE1 1 
ATOM   579 C  CE2 . PHE A 1 71 ? -1.003  -3.373  2.682   1.00 21.08 ? 86  PHE A CE2 1 
ATOM   580 C  CZ  . PHE A 1 71 ? -0.100  -2.904  1.727   1.00 21.15 ? 86  PHE A CZ  1 
ATOM   581 N  N   . GLY A 1 72 ? -0.403  -10.427 1.559   1.00 23.46 ? 87  GLY A N   1 
ATOM   582 C  CA  . GLY A 1 72 ? -0.328  -11.790 2.100   1.00 24.13 ? 87  GLY A CA  1 
ATOM   583 C  C   . GLY A 1 72 ? -1.026  -12.007 3.436   1.00 25.34 ? 87  GLY A C   1 
ATOM   584 O  O   . GLY A 1 72 ? -0.669  -12.924 4.183   1.00 25.87 ? 87  GLY A O   1 
ATOM   585 N  N   . VAL A 1 73 ? -2.016  -11.166 3.737   1.00 24.97 ? 88  VAL A N   1 
ATOM   586 C  CA  . VAL A 1 73 ? -2.799  -11.264 4.973   1.00 25.23 ? 88  VAL A CA  1 
ATOM   587 C  C   . VAL A 1 73 ? -4.298  -11.132 4.671   1.00 25.33 ? 88  VAL A C   1 
ATOM   588 O  O   . VAL A 1 73 ? -4.668  -10.527 3.658   1.00 24.86 ? 88  VAL A O   1 
ATOM   589 C  CB  . VAL A 1 73 ? -2.372  -10.194 6.029   1.00 25.19 ? 88  VAL A CB  1 
ATOM   590 C  CG1 . VAL A 1 73 ? -0.969  -10.464 6.540   1.00 25.30 ? 88  VAL A CG1 1 
ATOM   591 C  CG2 . VAL A 1 73 ? -2.489  -8.769  5.469   1.00 25.51 ? 88  VAL A CG2 1 
ATOM   592 N  N   . PRO A 1 74 ? -5.168  -11.702 5.534   1.00 25.59 ? 89  PRO A N   1 
ATOM   593 C  CA  . PRO A 1 74 ? -6.616  -11.482 5.370   1.00 25.53 ? 89  PRO A CA  1 
ATOM   594 C  C   . PRO A 1 74 ? -7.074  -10.137 5.933   1.00 24.76 ? 89  PRO A C   1 
ATOM   595 O  O   . PRO A 1 74 ? -8.130  -9.632  5.551   1.00 24.56 ? 89  PRO A O   1 
ATOM   596 C  CB  . PRO A 1 74 ? -7.241  -12.621 6.183   1.00 26.36 ? 89  PRO A CB  1 
ATOM   597 C  CG  . PRO A 1 74 ? -6.224  -12.925 7.246   1.00 26.89 ? 89  PRO A CG  1 
ATOM   598 C  CD  . PRO A 1 74 ? -4.873  -12.666 6.619   1.00 26.73 ? 89  PRO A CD  1 
ATOM   599 N  N   . SER A 1 75 ? -6.284  -9.574  6.845   1.00 24.15 ? 90  SER A N   1 
ATOM   600 C  CA  . SER A 1 75 ? -6.612  -8.311  7.498   1.00 23.70 ? 90  SER A CA  1 
ATOM   601 C  C   . SER A 1 75 ? -5.380  -7.722  8.175   1.00 23.19 ? 90  SER A C   1 
ATOM   602 O  O   . SER A 1 75 ? -4.398  -8.431  8.405   1.00 23.35 ? 90  SER A O   1 
ATOM   603 C  CB  . SER A 1 75 ? -7.732  -8.509  8.524   1.00 23.81 ? 90  SER A CB  1 
ATOM   604 O  OG  . SER A 1 75 ? -7.332  -9.423  9.526   1.00 24.50 ? 90  SER A OG  1 
ATOM   605 N  N   . PHE A 1 76 ? -5.438  -6.426  8.482   1.00 21.89 ? 91  PHE A N   1 
ATOM   606 C  CA  . PHE A 1 76 ? -4.359  -5.736  9.201   1.00 21.69 ? 91  PHE A CA  1 
ATOM   607 C  C   . PHE A 1 76 ? -4.866  -4.431  9.801   1.00 21.91 ? 91  PHE A C   1 
ATOM   608 O  O   . PHE A 1 76 ? -5.897  -3.909  9.379   1.00 21.67 ? 91  PHE A O   1 
ATOM   609 C  CB  . PHE A 1 76 ? -3.145  -5.482  8.289   1.00 20.59 ? 91  PHE A CB  1 
ATOM   610 C  CG  . PHE A 1 76 ? -3.411  -4.534  7.137   1.00 20.14 ? 91  PHE A CG  1 
ATOM   611 C  CD1 . PHE A 1 76 ? -3.124  -3.177  7.254   1.00 19.70 ? 91  PHE A CD1 1 
ATOM   612 C  CD2 . PHE A 1 76 ? -3.914  -5.005  5.926   1.00 19.69 ? 91  PHE A CD2 1 
ATOM   613 C  CE1 . PHE A 1 76 ? -3.355  -2.296  6.188   1.00 19.82 ? 91  PHE A CE1 1 
ATOM   614 C  CE2 . PHE A 1 76 ? -4.148  -4.136  4.859   1.00 19.61 ? 91  PHE A CE2 1 
ATOM   615 C  CZ  . PHE A 1 76 ? -3.866  -2.778  4.991   1.00 19.50 ? 91  PHE A CZ  1 
ATOM   616 N  N   . SER A 1 77 ? -4.146  -3.914  10.794  1.00 22.37 ? 92  SER A N   1 
ATOM   617 C  CA  . SER A 1 77 ? -4.485  -2.625  11.388  1.00 22.77 ? 92  SER A CA  1 
ATOM   618 C  C   . SER A 1 77 ? -3.727  -1.484  10.720  1.00 22.82 ? 92  SER A C   1 
ATOM   619 O  O   . SER A 1 77 ? -2.527  -1.600  10.458  1.00 22.25 ? 92  SER A O   1 
ATOM   620 C  CB  . SER A 1 77 ? -4.201  -2.613  12.891  1.00 22.92 ? 92  SER A CB  1 
ATOM   621 O  OG  . SER A 1 77 ? -4.303  -1.285  13.383  1.00 24.11 ? 92  SER A OG  1 
ATOM   622 N  N   . VAL A 1 78 ? -4.432  -0.380  10.470  1.00 22.92 ? 93  VAL A N   1 
ATOM   623 C  CA  . VAL A 1 78 ? -3.832  0.818   9.878   1.00 24.20 ? 93  VAL A CA  1 
ATOM   624 C  C   . VAL A 1 78 ? -2.832  1.482   10.824  1.00 25.60 ? 93  VAL A C   1 
ATOM   625 O  O   . VAL A 1 78 ? -2.045  2.330   10.404  1.00 25.37 ? 93  VAL A O   1 
ATOM   626 C  CB  . VAL A 1 78 ? -4.893  1.861   9.431   1.00 24.28 ? 93  VAL A CB  1 
ATOM   627 C  CG1 . VAL A 1 78 ? -5.756  1.309   8.293   1.00 23.16 ? 93  VAL A CG1 1 
ATOM   628 C  CG2 . VAL A 1 78 ? -5.760  2.322   10.616  1.00 24.65 ? 93  VAL A CG2 1 
ATOM   629 N  N   . LYS A 1 79 ? -2.876  1.086   12.096  1.00 27.71 ? 94  LYS A N   1 
ATOM   630 C  CA  . LYS A 1 79 ? -1.985  1.624   13.121  1.00 30.22 ? 94  LYS A CA  1 
ATOM   631 C  C   . LYS A 1 79 ? -0.651  0.866   13.196  1.00 32.00 ? 94  LYS A C   1 
ATOM   632 O  O   . LYS A 1 79 ? 0.301   1.349   13.817  1.00 33.49 ? 94  LYS A O   1 
ATOM   633 C  CB  . LYS A 1 79 ? -2.678  1.628   14.497  1.00 30.83 ? 94  LYS A CB  1 
ATOM   634 C  CG  . LYS A 1 79 ? -4.021  2.373   14.554  1.00 31.21 ? 94  LYS A CG  1 
ATOM   635 C  CD  . LYS A 1 79 ? -3.892  3.826   14.102  1.00 32.38 ? 94  LYS A CD  1 
ATOM   636 C  CE  . LYS A 1 79 ? -5.100  4.648   14.539  1.00 32.78 ? 94  LYS A CE  1 
ATOM   637 N  NZ  . LYS A 1 79 ? -5.021  6.054   14.056  1.00 33.00 ? 94  LYS A NZ  1 
ATOM   638 N  N   . GLU A 1 80 ? -0.592  -0.312  12.572  1.00 32.55 ? 95  GLU A N   1 
ATOM   639 C  CA  . GLU A 1 80 ? 0.615   -1.147  12.561  1.00 33.79 ? 95  GLU A CA  1 
ATOM   640 C  C   . GLU A 1 80 ? 1.552   -0.704  11.439  1.00 32.55 ? 95  GLU A C   1 
ATOM   641 O  O   . GLU A 1 80 ? 1.693   -1.398  10.427  1.00 31.98 ? 95  GLU A O   1 
ATOM   642 C  CB  . GLU A 1 80 ? 0.254   -2.626  12.363  1.00 36.59 ? 95  GLU A CB  1 
ATOM   643 C  CG  . GLU A 1 80 ? -0.522  -3.286  13.495  1.00 40.06 ? 95  GLU A CG  1 
ATOM   644 C  CD  . GLU A 1 80 ? -0.947  -4.719  13.156  1.00 43.61 ? 95  GLU A CD  1 
ATOM   645 O  OE1 . GLU A 1 80 ? -1.497  -4.956  12.048  1.00 42.95 ? 95  GLU A OE1 1 
ATOM   646 O  OE2 . GLU A 1 80 ? -0.733  -5.613  14.008  1.00 45.24 ? 95  GLU A OE2 1 
ATOM   647 N  N   . HIS A 1 81 ? 2.198   0.444   11.621  1.00 31.14 ? 96  HIS A N   1 
ATOM   648 C  CA  . HIS A 1 81 ? 2.959   1.077   10.544  1.00 31.11 ? 96  HIS A CA  1 
ATOM   649 C  C   . HIS A 1 81 ? 4.167   0.263   10.057  1.00 31.24 ? 96  HIS A C   1 
ATOM   650 O  O   . HIS A 1 81 ? 4.381   0.150   8.847   1.00 29.48 ? 96  HIS A O   1 
ATOM   651 C  CB  . HIS A 1 81 ? 3.357   2.506   10.924  1.00 31.88 ? 96  HIS A CB  1 
ATOM   652 C  CG  . HIS A 1 81 ? 2.219   3.480   10.876  1.00 32.51 ? 96  HIS A CG  1 
ATOM   653 N  ND1 . HIS A 1 81 ? 2.408   4.840   10.765  1.00 32.86 ? 96  HIS A ND1 1 
ATOM   654 C  CD2 . HIS A 1 81 ? 0.877   3.288   10.900  1.00 32.89 ? 96  HIS A CD2 1 
ATOM   655 C  CE1 . HIS A 1 81 ? 1.234   5.447   10.744  1.00 33.53 ? 96  HIS A CE1 1 
ATOM   656 N  NE2 . HIS A 1 81 ? 0.288   4.528   10.822  1.00 33.63 ? 96  HIS A NE2 1 
ATOM   657 N  N   . ARG A 1 82 ? 4.938   -0.302  10.988  1.00 30.91 ? 97  ARG A N   1 
ATOM   658 C  CA  . ARG A 1 82 ? 6.110   -1.107  10.625  1.00 32.23 ? 97  ARG A CA  1 
ATOM   659 C  C   . ARG A 1 82 ? 5.726   -2.318  9.769   1.00 30.19 ? 97  ARG A C   1 
ATOM   660 O  O   . ARG A 1 82 ? 6.391   -2.613  8.775   1.00 28.98 ? 97  ARG A O   1 
ATOM   661 C  CB  . ARG A 1 82 ? 6.898   -1.559  11.863  1.00 35.81 ? 97  ARG A CB  1 
ATOM   662 C  CG  . ARG A 1 82 ? 8.289   -2.106  11.524  1.00 41.39 ? 97  ARG A CG  1 
ATOM   663 C  CD  . ARG A 1 82 ? 8.823   -3.127  12.544  1.00 45.53 ? 97  ARG A CD  1 
ATOM   664 N  NE  . ARG A 1 82 ? 7.899   -4.233  12.822  1.00 49.65 ? 97  ARG A NE  1 
ATOM   665 C  CZ  . ARG A 1 82 ? 7.654   -5.260  12.008  1.00 52.07 ? 97  ARG A CZ  1 
ATOM   666 N  NH1 . ARG A 1 82 ? 8.250   -5.353  10.822  1.00 54.27 ? 97  ARG A NH1 1 
ATOM   667 N  NH2 . ARG A 1 82 ? 6.794   -6.200  12.379  1.00 53.98 ? 97  ARG A NH2 1 
ATOM   668 N  N   . LYS A 1 83 ? 4.653   -3.003  10.158  1.00 28.79 ? 98  LYS A N   1 
ATOM   669 C  CA  . LYS A 1 83 ? 4.160   -4.168  9.412   1.00 28.27 ? 98  LYS A CA  1 
ATOM   670 C  C   . LYS A 1 83 ? 3.707   -3.796  7.998   1.00 26.87 ? 98  LYS A C   1 
ATOM   671 O  O   . LYS A 1 83 ? 3.975   -4.532  7.044   1.00 26.52 ? 98  LYS A O   1 
ATOM   672 C  CB  . LYS A 1 83 ? 3.035   -4.866  10.179  1.00 29.75 ? 98  LYS A CB  1 
ATOM   673 C  CG  . LYS A 1 83 ? 3.508   -5.466  11.493  1.00 33.28 ? 98  LYS A CG  1 
ATOM   674 C  CD  . LYS A 1 83 ? 2.381   -6.059  12.316  1.00 34.88 ? 98  LYS A CD  1 
ATOM   675 C  CE  . LYS A 1 83 ? 2.868   -6.333  13.735  1.00 36.77 ? 98  LYS A CE  1 
ATOM   676 N  NZ  . LYS A 1 83 ? 2.092   -7.416  14.404  1.00 38.64 ? 98  LYS A NZ  1 
ATOM   677 N  N   . ILE A 1 84 ? 3.037   -2.651  7.873   1.00 25.16 ? 99  ILE A N   1 
ATOM   678 C  CA  . ILE A 1 84 ? 2.552   -2.166  6.579   1.00 24.52 ? 99  ILE A CA  1 
ATOM   679 C  C   . ILE A 1 84 ? 3.726   -1.872  5.651   1.00 24.69 ? 99  ILE A C   1 
ATOM   680 O  O   . ILE A 1 84 ? 3.715   -2.270  4.486   1.00 23.95 ? 99  ILE A O   1 
ATOM   681 C  CB  . ILE A 1 84 ? 1.612   -0.931  6.716   1.00 23.84 ? 99  ILE A CB  1 
ATOM   682 C  CG1 . ILE A 1 84 ? 0.281   -1.341  7.360   1.00 23.18 ? 99  ILE A CG1 1 
ATOM   683 C  CG2 . ILE A 1 84 ? 1.345   -0.288  5.350   1.00 23.90 ? 99  ILE A CG2 1 
ATOM   684 C  CD1 . ILE A 1 84 ? -0.589  -0.175  7.794   1.00 22.76 ? 99  ILE A CD1 1 
ATOM   685 N  N   . TYR A 1 85 ? 4.741   -1.184  6.175   1.00 24.77 ? 100 TYR A N   1 
ATOM   686 C  CA  . TYR A 1 85 ? 5.950   -0.908  5.403   1.00 25.36 ? 100 TYR A CA  1 
ATOM   687 C  C   . TYR A 1 85 ? 6.627   -2.178  4.896   1.00 24.89 ? 100 TYR A C   1 
ATOM   688 O  O   . TYR A 1 85 ? 7.051   -2.223  3.741   1.00 25.23 ? 100 TYR A O   1 
ATOM   689 C  CB  . TYR A 1 85 ? 6.930   -0.040  6.193   1.00 27.28 ? 100 TYR A CB  1 
ATOM   690 C  CG  . TYR A 1 85 ? 6.648   1.437   6.060   1.00 29.23 ? 100 TYR A CG  1 
ATOM   691 C  CD1 . TYR A 1 85 ? 6.879   2.101   4.859   1.00 30.27 ? 100 TYR A CD1 1 
ATOM   692 C  CD2 . TYR A 1 85 ? 6.148   2.171   7.132   1.00 30.74 ? 100 TYR A CD2 1 
ATOM   693 C  CE1 . TYR A 1 85 ? 6.612   3.458   4.727   1.00 32.06 ? 100 TYR A CE1 1 
ATOM   694 C  CE2 . TYR A 1 85 ? 5.884   3.531   7.011   1.00 31.76 ? 100 TYR A CE2 1 
ATOM   695 C  CZ  . TYR A 1 85 ? 6.121   4.165   5.804   1.00 32.37 ? 100 TYR A CZ  1 
ATOM   696 O  OH  . TYR A 1 85 ? 5.873   5.511   5.672   1.00 35.58 ? 100 TYR A OH  1 
ATOM   697 N  N   . THR A 1 86 ? 6.714   -3.198  5.752   1.00 23.64 ? 101 THR A N   1 
ATOM   698 C  CA  . THR A 1 86 ? 7.254   -4.502  5.361   1.00 23.84 ? 101 THR A CA  1 
ATOM   699 C  C   . THR A 1 86 ? 6.416   -5.134  4.235   1.00 24.16 ? 101 THR A C   1 
ATOM   700 O  O   . THR A 1 86 ? 6.964   -5.620  3.243   1.00 23.51 ? 101 THR A O   1 
ATOM   701 C  CB  . THR A 1 86 ? 7.361   -5.456  6.573   1.00 23.86 ? 101 THR A CB  1 
ATOM   702 O  OG1 . THR A 1 86 ? 8.319   -4.932  7.507   1.00 23.78 ? 101 THR A OG1 1 
ATOM   703 C  CG2 . THR A 1 86 ? 7.783   -6.867  6.146   1.00 23.44 ? 101 THR A CG2 1 
ATOM   704 N  N   . MET A 1 87 ? 5.094   -5.107  4.387   1.00 24.45 ? 102 MET A N   1 
ATOM   705 C  CA  . MET A 1 87 ? 4.196   -5.695  3.392   1.00 24.25 ? 102 MET A CA  1 
ATOM   706 C  C   . MET A 1 87 ? 4.327   -5.000  2.035   1.00 24.12 ? 102 MET A C   1 
ATOM   707 O  O   . MET A 1 87 ? 4.339   -5.664  0.997   1.00 23.79 ? 102 MET A O   1 
ATOM   708 C  CB  . MET A 1 87 ? 2.743   -5.705  3.887   1.00 24.41 ? 102 MET A CB  1 
ATOM   709 C  CG  . MET A 1 87 ? 2.490   -6.677  5.043   1.00 24.78 ? 102 MET A CG  1 
ATOM   710 S  SD  . MET A 1 87 ? 0.763   -6.809  5.571   1.00 25.95 ? 102 MET A SD  1 
ATOM   711 C  CE  . MET A 1 87 ? 0.454   -5.166  6.210   1.00 25.02 ? 102 MET A CE  1 
ATOM   712 N  N   . ILE A 1 88 ? 4.454   -3.671  2.055   1.00 23.70 ? 103 ILE A N   1 
ATOM   713 C  CA  . ILE A 1 88 ? 4.662   -2.887  0.834   1.00 24.13 ? 103 ILE A CA  1 
ATOM   714 C  C   . ILE A 1 88 ? 6.015   -3.196  0.180   1.00 25.97 ? 103 ILE A C   1 
ATOM   715 O  O   . ILE A 1 88 ? 6.089   -3.436  -1.031  1.00 24.62 ? 103 ILE A O   1 
ATOM   716 C  CB  . ILE A 1 88 ? 4.537   -1.364  1.096   1.00 23.11 ? 103 ILE A CB  1 
ATOM   717 C  CG1 . ILE A 1 88 ? 3.108   -1.001  1.517   1.00 22.49 ? 103 ILE A CG1 1 
ATOM   718 C  CG2 . ILE A 1 88 ? 4.925   -0.566  -0.144  1.00 22.26 ? 103 ILE A CG2 1 
ATOM   719 C  CD1 . ILE A 1 88 ? 2.982   0.405   2.087   1.00 22.15 ? 103 ILE A CD1 1 
ATOM   720 N  N   . TYR A 1 89 ? 7.073   -3.199  0.993   1.00 27.56 ? 104 TYR A N   1 
ATOM   721 C  CA  . TYR A 1 89 ? 8.451   -3.361  0.512   1.00 29.48 ? 104 TYR A CA  1 
ATOM   722 C  C   . TYR A 1 89 ? 8.699   -4.644  -0.270  1.00 29.40 ? 104 TYR A C   1 
ATOM   723 O  O   . TYR A 1 89 ? 9.550   -4.675  -1.165  1.00 29.57 ? 104 TYR A O   1 
ATOM   724 C  CB  . TYR A 1 89 ? 9.439   -3.275  1.675   1.00 31.27 ? 104 TYR A CB  1 
ATOM   725 C  CG  . TYR A 1 89 ? 10.073  -1.917  1.847   1.00 34.55 ? 104 TYR A CG  1 
ATOM   726 C  CD1 . TYR A 1 89 ? 11.206  -1.561  1.118   1.00 35.41 ? 104 TYR A CD1 1 
ATOM   727 C  CD2 . TYR A 1 89 ? 9.550   -0.990  2.748   1.00 37.06 ? 104 TYR A CD2 1 
ATOM   728 C  CE1 . TYR A 1 89 ? 11.793  -0.312  1.271   1.00 37.33 ? 104 TYR A CE1 1 
ATOM   729 C  CE2 . TYR A 1 89 ? 10.130  0.259   2.911   1.00 38.15 ? 104 TYR A CE2 1 
ATOM   730 C  CZ  . TYR A 1 89 ? 11.252  0.592   2.166   1.00 37.64 ? 104 TYR A CZ  1 
ATOM   731 O  OH  . TYR A 1 89 ? 11.831  1.827   2.321   1.00 36.93 ? 104 TYR A OH  1 
ATOM   732 N  N   . ARG A 1 90 ? 7.957   -5.694  0.066   1.00 29.51 ? 105 ARG A N   1 
ATOM   733 C  CA  . ARG A 1 90 ? 8.080   -6.978  -0.619  1.00 30.38 ? 105 ARG A CA  1 
ATOM   734 C  C   . ARG A 1 90 ? 7.512   -6.928  -2.040  1.00 29.06 ? 105 ARG A C   1 
ATOM   735 O  O   . ARG A 1 90 ? 7.740   -7.836  -2.840  1.00 29.15 ? 105 ARG A O   1 
ATOM   736 C  CB  . ARG A 1 90 ? 7.422   -8.087  0.206   1.00 31.85 ? 105 ARG A CB  1 
ATOM   737 C  CG  . ARG A 1 90 ? 8.209   -8.431  1.470   1.00 33.50 ? 105 ARG A CG  1 
ATOM   738 C  CD  . ARG A 1 90 ? 7.455   -9.393  2.362   1.00 35.04 ? 105 ARG A CD  1 
ATOM   739 N  NE  . ARG A 1 90 ? 8.217   -9.715  3.567   1.00 36.18 ? 105 ARG A NE  1 
ATOM   740 C  CZ  . ARG A 1 90 ? 7.690   -10.196 4.693   1.00 38.41 ? 105 ARG A CZ  1 
ATOM   741 N  NH1 . ARG A 1 90 ? 6.380   -10.409 4.788   1.00 38.51 ? 105 ARG A NH1 1 
ATOM   742 N  NH2 . ARG A 1 90 ? 8.474   -10.457 5.736   1.00 38.58 ? 105 ARG A NH2 1 
ATOM   743 N  N   . ASN A 1 91 ? 6.797   -5.846  -2.344  1.00 26.99 ? 106 ASN A N   1 
ATOM   744 C  CA  . ASN A 1 91 ? 6.150   -5.660  -3.635  1.00 25.50 ? 106 ASN A CA  1 
ATOM   745 C  C   . ASN A 1 91 ? 6.808   -4.596  -4.507  1.00 25.18 ? 106 ASN A C   1 
ATOM   746 O  O   . ASN A 1 91 ? 6.196   -4.086  -5.452  1.00 24.18 ? 106 ASN A O   1 
ATOM   747 C  CB  . ASN A 1 91 ? 4.674   -5.338  -3.421  1.00 25.50 ? 106 ASN A CB  1 
ATOM   748 C  CG  . ASN A 1 91 ? 3.893   -6.539  -2.949  1.00 25.55 ? 106 ASN A CG  1 
ATOM   749 O  OD1 . ASN A 1 91 ? 3.586   -7.433  -3.735  1.00 25.90 ? 106 ASN A OD1 1 
ATOM   750 N  ND2 . ASN A 1 91 ? 3.574   -6.576  -1.658  1.00 25.05 ? 106 ASN A ND2 1 
ATOM   751 N  N   . LEU A 1 92 ? 8.055   -4.260  -4.190  1.00 25.06 ? 107 LEU A N   1 
ATOM   752 C  CA  . LEU A 1 92 ? 8.779   -3.231  -4.933  1.00 25.91 ? 107 LEU A CA  1 
ATOM   753 C  C   . LEU A 1 92 ? 10.284  -3.418  -4.866  1.00 26.25 ? 107 LEU A C   1 
ATOM   754 O  O   . LEU A 1 92 ? 10.792  -4.201  -4.065  1.00 25.87 ? 107 LEU A O   1 
ATOM   755 C  CB  . LEU A 1 92 ? 8.402   -1.826  -4.440  1.00 25.99 ? 107 LEU A CB  1 
ATOM   756 C  CG  . LEU A 1 92 ? 8.477   -1.500  -2.944  1.00 25.94 ? 107 LEU A CG  1 
ATOM   757 C  CD1 . LEU A 1 92 ? 9.919   -1.268  -2.478  1.00 26.63 ? 107 LEU A CD1 1 
ATOM   758 C  CD2 . LEU A 1 92 ? 7.617   -0.284  -2.647  1.00 25.74 ? 107 LEU A CD2 1 
ATOM   759 N  N   . VAL A 1 93 ? 10.980  -2.678  -5.721  1.00 27.50 ? 108 VAL A N   1 
ATOM   760 C  CA  . VAL A 1 93 ? 12.434  -2.603  -5.724  1.00 29.31 ? 108 VAL A CA  1 
ATOM   761 C  C   . VAL A 1 93 ? 12.815  -1.155  -5.425  1.00 30.43 ? 108 VAL A C   1 
ATOM   762 O  O   . VAL A 1 93 ? 12.323  -0.234  -6.084  1.00 30.38 ? 108 VAL A O   1 
ATOM   763 C  CB  . VAL A 1 93 ? 13.011  -3.030  -7.104  1.00 28.84 ? 108 VAL A CB  1 
ATOM   764 C  CG1 . VAL A 1 93 ? 14.504  -2.716  -7.207  1.00 29.31 ? 108 VAL A CG1 1 
ATOM   765 C  CG2 . VAL A 1 93 ? 12.762  -4.508  -7.353  1.00 28.90 ? 108 VAL A CG2 1 
ATOM   766 N  N   . VAL A 1 94 ? 13.680  -0.952  -4.431  1.00 31.78 ? 109 VAL A N   1 
ATOM   767 C  CA  . VAL A 1 94 ? 14.197  0.387   -4.142  1.00 34.08 ? 109 VAL A CA  1 
ATOM   768 C  C   . VAL A 1 94 ? 15.223  0.749   -5.217  1.00 36.49 ? 109 VAL A C   1 
ATOM   769 O  O   . VAL A 1 94 ? 16.035  -0.089  -5.614  1.00 37.77 ? 109 VAL A O   1 
ATOM   770 C  CB  . VAL A 1 94 ? 14.841  0.483   -2.728  1.00 33.59 ? 109 VAL A CB  1 
ATOM   771 C  CG1 . VAL A 1 94 ? 15.446  1.864   -2.497  1.00 33.48 ? 109 VAL A CG1 1 
ATOM   772 C  CG2 . VAL A 1 94 ? 13.823  0.161   -1.637  1.00 33.41 ? 109 VAL A CG2 1 
ATOM   773 N  N   . VAL A 1 95 ? 15.170  1.988   -5.694  1.00 39.33 ? 110 VAL A N   1 
ATOM   774 C  CA  . VAL A 1 95 ? 16.122  2.468   -6.692  1.00 43.69 ? 110 VAL A CA  1 
ATOM   775 C  C   . VAL A 1 95 ? 17.032  3.569   -6.130  1.00 46.35 ? 110 VAL A C   1 
ATOM   776 O  O   . VAL A 1 95 ? 16.574  4.466   -5.411  1.00 46.34 ? 110 VAL A O   1 
ATOM   777 C  CB  . VAL A 1 95 ? 15.432  2.924   -8.018  1.00 43.56 ? 110 VAL A CB  1 
ATOM   778 C  CG1 . VAL A 1 95 ? 14.827  1.735   -8.745  1.00 43.74 ? 110 VAL A CG1 1 
ATOM   779 C  CG2 . VAL A 1 95 ? 14.371  3.989   -7.768  1.00 43.64 ? 110 VAL A CG2 1 
ATOM   780 N  N   . ASN A 1 96 ? 18.320  3.471   -6.450  1.00 48.59 ? 111 ASN A N   1 
ATOM   781 C  CA  . ASN A 1 96 ? 19.321  4.456   -6.030  1.00 51.54 ? 111 ASN A CA  1 
ATOM   782 C  C   . ASN A 1 96 ? 20.389  4.695   -7.095  1.00 53.26 ? 111 ASN A C   1 
ATOM   783 O  O   . ASN A 1 96 ? 20.120  5.316   -8.128  1.00 55.93 ? 111 ASN A O   1 
ATOM   784 C  CB  . ASN A 1 96 ? 19.970  4.047   -4.702  1.00 51.80 ? 111 ASN A CB  1 
ATOM   785 C  CG  . ASN A 1 96 ? 19.272  4.659   -3.498  1.00 52.92 ? 111 ASN A CG  1 
ATOM   786 O  OD1 . ASN A 1 96 ? 19.297  5.874   -3.304  1.00 55.00 ? 111 ASN A OD1 1 
ATOM   787 N  ND2 . ASN A 1 96 ? 18.652  3.818   -2.679  1.00 51.57 ? 111 ASN A ND2 1 
HETATM 788 C  C1  . EYH B 2 .  ? -6.428  5.568   7.702   1.00 27.31 ? 201 EYH A C1  1 
HETATM 789 C  C12 . EYH B 2 .  ? -3.078  5.330   6.313   1.00 28.73 ? 201 EYH A C12 1 
HETATM 790 C  C14 . EYH B 2 .  ? -2.731  4.079   5.469   1.00 28.46 ? 201 EYH A C14 1 
HETATM 791 C  C15 . EYH B 2 .  ? -0.813  5.253   7.506   1.00 30.34 ? 201 EYH A C15 1 
HETATM 792 C  C16 . EYH B 2 .  ? -1.963  4.171   4.287   1.00 28.28 ? 201 EYH A C16 1 
HETATM 793 C  C17 . EYH B 2 .  ? -1.654  3.001   3.570   1.00 27.54 ? 201 EYH A C17 1 
HETATM 794 C  C18 . EYH B 2 .  ? -2.086  1.745   4.017   1.00 27.67 ? 201 EYH A C18 1 
HETATM 795 C  C19 . EYH B 2 .  ? -2.842  1.646   5.188   1.00 27.75 ? 201 EYH A C19 1 
HETATM 796 C  C20 . EYH B 2 .  ? -3.152  2.808   5.913   1.00 28.72 ? 201 EYH A C20 1 
HETATM 797 C  C21 . EYH B 2 .  ? -0.140  6.503   7.601   1.00 31.06 ? 201 EYH A C21 1 
HETATM 798 C  C22 . EYH B 2 .  ? 1.260   6.570   7.548   1.00 31.61 ? 201 EYH A C22 1 
HETATM 799 C  C23 . EYH B 2 .  ? 2.008   5.402   7.400   1.00 31.47 ? 201 EYH A C23 1 
HETATM 800 C  C24 . EYH B 2 .  ? 1.347   4.171   7.305   1.00 31.10 ? 201 EYH A C24 1 
HETATM 801 C  C25 . EYH B 2 .  ? -0.055  4.082   7.354   1.00 30.62 ? 201 EYH A C25 1 
HETATM 802 C  C26 . EYH B 2 .  ? -0.888  7.838   7.761   1.00 31.84 ? 201 EYH A C26 1 
HETATM 803 C  C29 . EYH B 2 .  ? -1.440  5.501   3.713   1.00 28.07 ? 201 EYH A C29 1 
HETATM 804 C  C30 . EYH B 2 .  ? -8.505  6.940   8.311   1.00 27.94 ? 201 EYH A C30 1 
HETATM 805 N  N2  . EYH B 2 .  ? -5.659  5.557   8.701   1.00 27.46 ? 201 EYH A N2  1 
HETATM 806 N  N3  . EYH B 2 .  ? -5.738  5.506   6.586   1.00 26.85 ? 201 EYH A N3  1 
HETATM 807 C  C4  . EYH B 2 .  ? -6.332  5.513   5.235   1.00 26.33 ? 201 EYH A C4  1 
HETATM 808 C  C5  . EYH B 2 .  ? -5.783  6.529   4.188   1.00 26.62 ? 201 EYH A C5  1 
HETATM 809 C  C6  . EYH B 2 .  ? -6.347  4.075   4.647   1.00 25.19 ? 201 EYH A C6  1 
HETATM 810 C  C7  . EYH B 2 .  ? -7.915  5.711   7.957   1.00 27.15 ? 201 EYH A C7  1 
HETATM 811 C  C8  . EYH B 2 .  ? -4.457  5.428   6.918   1.00 27.80 ? 201 EYH A C8  1 
HETATM 812 C  C9  . EYH B 2 .  ? -4.320  5.460   8.243   1.00 27.87 ? 201 EYH A C9  1 
HETATM 813 C  C10 . EYH B 2 .  ? -2.946  5.377   8.695   1.00 28.43 ? 201 EYH A C10 1 
HETATM 814 N  N11 . EYH B 2 .  ? -2.244  5.286   7.551   1.00 29.45 ? 201 EYH A N11 1 
HETATM 815 O  O13 . EYH B 2 .  ? -2.564  5.380   9.848   1.00 29.00 ? 201 EYH A O13 1 
HETATM 816 CL CL2 . EYH B 2 .  ? 2.321   2.742   7.119   1.00 30.50 ? 201 EYH A CL2 1 
HETATM 817 CL CL3 . EYH B 2 .  ? -1.682  0.296   3.115   1.00 27.22 ? 201 EYH A CL3 1 
HETATM 818 N  N31 . EYH B 2 .  ? -9.827  7.062   8.519   1.00 28.32 ? 201 EYH A N31 1 
HETATM 819 C  C32 . EYH B 2 .  ? -10.642 5.998   8.377   1.00 28.25 ? 201 EYH A C32 1 
HETATM 820 N  N33 . EYH B 2 .  ? -10.119 4.796   8.022   1.00 27.08 ? 201 EYH A N33 1 
HETATM 821 C  C34 . EYH B 2 .  ? -8.791  4.624   7.800   1.00 27.27 ? 201 EYH A C34 1 
HETATM 822 O  O35 . EYH B 2 .  ? -8.285  3.364   7.443   1.00 26.26 ? 201 EYH A O35 1 
HETATM 823 C  C36 . EYH B 2 .  ? -9.125  2.386   6.818   1.00 26.71 ? 201 EYH A C36 1 
HETATM 824 O  O37 . EYH B 2 .  ? -12.013 6.148   8.598   1.00 28.95 ? 201 EYH A O37 1 
HETATM 825 C  C38 . EYH B 2 .  ? -12.892 5.238   7.923   1.00 29.22 ? 201 EYH A C38 1 
HETATM 826 CL CL  . CL  C 3 .  ? -9.722  -6.832  -6.168  0.50 14.28 ? 202 CL  A CL  1 
HETATM 827 O  O   . HOH D 4 .  ? -4.790  -1.387  15.926  1.00 41.02 ? 301 HOH A O   1 
HETATM 828 O  O   . HOH D 4 .  ? 4.194   13.607  -6.360  1.00 37.22 ? 302 HOH A O   1 
HETATM 829 O  O   . HOH D 4 .  ? 2.524   -10.720 4.819   1.00 34.39 ? 303 HOH A O   1 
HETATM 830 O  O   . HOH D 4 .  ? -12.478 -9.606  3.694   1.00 39.20 ? 304 HOH A O   1 
HETATM 831 O  O   . HOH D 4 .  ? -13.214 -6.235  2.814   1.00 36.90 ? 305 HOH A O   1 
HETATM 832 O  O   . HOH D 4 .  ? -14.909 -3.083  -2.410  0.50 38.38 ? 306 HOH A O   1 
HETATM 833 O  O   . HOH D 4 .  ? 12.239  -4.811  -1.152  1.00 41.43 ? 307 HOH A O   1 
HETATM 834 O  O   . HOH D 4 .  ? 0.772   7.617   -17.517 1.00 49.11 ? 308 HOH A O   1 
HETATM 835 O  O   . HOH D 4 .  ? -4.974  -1.536  -13.202 1.00 39.50 ? 309 HOH A O   1 
HETATM 836 O  O   . HOH D 4 .  ? 1.204   -4.384  -13.753 1.00 34.17 ? 310 HOH A O   1 
HETATM 837 O  O   . HOH D 4 .  ? 7.252   0.579   -12.250 1.00 63.76 ? 311 HOH A O   1 
HETATM 838 O  O   . HOH D 4 .  ? -10.277 3.611   -8.081  1.00 41.25 ? 312 HOH A O   1 
HETATM 839 O  O   . HOH D 4 .  ? 2.103   16.841  0.641   1.00 50.08 ? 313 HOH A O   1 
HETATM 840 O  O   . HOH D 4 .  ? 6.466   12.463  -2.940  1.00 40.84 ? 314 HOH A O   1 
HETATM 841 O  O   . HOH D 4 .  ? -4.290  7.793   1.277   1.00 25.66 ? 315 HOH A O   1 
HETATM 842 O  O   . HOH D 4 .  ? 5.851   15.980  -1.526  0.50 48.55 ? 316 HOH A O   1 
HETATM 843 O  O   . HOH D 4 .  ? -9.179  4.460   11.159  1.00 50.47 ? 317 HOH A O   1 
HETATM 844 O  O   . HOH D 4 .  ? 5.925   -4.892  14.738  1.00 48.84 ? 318 HOH A O   1 
HETATM 845 O  O   . HOH D 4 .  ? -6.601  5.745   11.378  1.00 33.75 ? 319 HOH A O   1 
HETATM 846 O  O   . HOH D 4 .  ? 3.649   -6.689  -6.488  1.00 27.72 ? 320 HOH A O   1 
HETATM 847 O  O   . HOH D 4 .  ? 15.626  5.869   -2.481  1.00 36.50 ? 321 HOH A O   1 
HETATM 848 O  O   . HOH D 4 .  ? -7.272  -12.433 -1.965  1.00 50.84 ? 322 HOH A O   1 
HETATM 849 O  O   . HOH D 4 .  ? -16.702 -6.158  13.874  1.00 31.91 ? 323 HOH A O   1 
HETATM 850 O  O   . HOH D 4 .  ? -7.906  -5.089  -7.520  1.00 32.57 ? 324 HOH A O   1 
HETATM 851 O  O   . HOH D 4 .  ? -8.117  6.951   15.380  1.00 51.36 ? 325 HOH A O   1 
HETATM 852 O  O   . HOH D 4 .  ? 10.542  -3.618  -9.765  1.00 39.29 ? 326 HOH A O   1 
HETATM 853 O  O   . HOH D 4 .  ? -14.101 2.440   14.786  1.00 37.75 ? 327 HOH A O   1 
HETATM 854 O  O   . HOH D 4 .  ? -11.043 0.147   15.175  1.00 33.91 ? 328 HOH A O   1 
HETATM 855 O  O   . HOH D 4 .  ? -3.201  -6.332  -15.682 1.00 66.51 ? 329 HOH A O   1 
HETATM 856 O  O   . HOH D 4 .  ? 5.700   -9.009  11.751  1.00 48.93 ? 330 HOH A O   1 
HETATM 857 O  O   . HOH D 4 .  ? 15.191  -3.404  -3.316  1.00 41.24 ? 331 HOH A O   1 
HETATM 858 O  O   . HOH D 4 .  ? 4.624   15.092  -3.685  1.00 54.10 ? 332 HOH A O   1 
HETATM 859 O  O   . HOH D 4 .  ? 3.804   -2.506  13.243  1.00 30.84 ? 333 HOH A O   1 
HETATM 860 O  O   . HOH D 4 .  ? 12.356  -6.951  -3.313  1.00 49.11 ? 334 HOH A O   1 
HETATM 861 O  O   . HOH D 4 .  ? 3.699   -10.592 0.401   1.00 39.77 ? 335 HOH A O   1 
HETATM 862 O  O   . HOH D 4 .  ? 17.695  -2.357  -3.951  1.00 38.10 ? 336 HOH A O   1 
HETATM 863 O  O   . HOH D 4 .  ? 0.953   9.319   2.222   1.00 37.70 ? 337 HOH A O   1 
HETATM 864 O  O   . HOH D 4 .  ? -14.827 -4.582  5.039   1.00 39.59 ? 338 HOH A O   1 
HETATM 865 O  O   . HOH D 4 .  ? 4.899   6.361   12.407  1.00 50.93 ? 339 HOH A O   1 
HETATM 866 O  O   . HOH D 4 .  ? -15.151 -5.850  0.949   1.00 36.83 ? 340 HOH A O   1 
HETATM 867 O  O   . HOH D 4 .  ? -18.766 -2.912  7.081   1.00 58.40 ? 341 HOH A O   1 
HETATM 868 O  O   . HOH D 4 .  ? 8.152   -0.048  14.762  1.00 59.89 ? 342 HOH A O   1 
HETATM 869 O  O   . HOH D 4 .  ? 6.321   -8.059  9.329   1.00 38.83 ? 343 HOH A O   1 
HETATM 870 O  O   . HOH D 4 .  ? 4.977   6.916   9.307   1.00 50.49 ? 344 HOH A O   1 
HETATM 871 O  O   . HOH D 4 .  ? -15.879 3.573   -5.768  1.00 44.28 ? 345 HOH A O   1 
HETATM 872 O  O   . HOH D 4 .  ? -8.786  6.393   17.908  1.00 49.02 ? 346 HOH A O   1 
HETATM 873 O  O   . HOH D 4 .  ? -9.292  -12.502 -4.405  1.00 54.81 ? 347 HOH A O   1 
HETATM 874 O  O   . HOH D 4 .  ? -3.710  8.973   6.162   1.00 40.49 ? 348 HOH A O   1 
HETATM 875 O  O   . HOH D 4 .  ? -5.714  -15.879 5.079   1.00 51.27 ? 349 HOH A O   1 
HETATM 876 O  O   . HOH D 4 .  ? 4.710   -4.275  -14.613 1.00 46.27 ? 350 HOH A O   1 
HETATM 877 O  O   . HOH D 4 .  ? -2.863  8.871   3.312   1.00 36.53 ? 351 HOH A O   1 
HETATM 878 O  O   . HOH D 4 .  ? -3.125  -15.417 8.599   1.00 52.17 ? 352 HOH A O   1 
# 
